data_8VI0
#
_entry.id   8VI0
#
_cell.length_a   1.00
_cell.length_b   1.00
_cell.length_c   1.00
_cell.angle_alpha   90.00
_cell.angle_beta   90.00
_cell.angle_gamma   90.00
#
_symmetry.space_group_name_H-M   'P 1'
#
loop_
_entity.id
_entity.type
_entity.pdbx_description
1 polymer 'Cellulose synthase'
2 branched beta-D-glucopyranose-(1-4)-beta-D-glucopyranose-(1-4)-beta-D-glucopyranose
#
_entity_poly.entity_id   1
_entity_poly.type   'polypeptide(L)'
_entity_poly.pdbx_seq_one_letter_code
;MDTKGRLVAGSHNRNEFVLINADETARVAVTELSGQICQICGDELEVTVNGEPFVACNECAFPVCRPCYEYERREGNQVC
PQCKTRYKRIKGSPRVEGDEEEDDSDDLESEFDIGSVFSARLNYGSQVNGSVIHAPSEFDAASVASEIPLLTYGQEDVGI
SADKHALILPPFTARGKRVHPMPFPDSSVPVQPRPMDPKKDIAVYGYGSVAWKERMEDWKKKQSEKLQVVRHEGGKDSDE
LDDPDLPKMDEGRQPLWRKLPISSSRINPYRIIIVLRIAILCLFFHYRILHPVNDAYALWLTSVICEIWFAVSWIFDQFP
KWSPILRETYLDRLSLRYEKEGKPSLLADIDVFVSTVDPMKEPPLITANTVLSILAVDYPVDKVACYVSDDGAAMLTFEA
LSETSEFARKWVPFCKKFCIEPRAPEWYFAQKVDYLKDKVDATFIRERRAIKREYEEFKVRINALVALAQKVPEDGWTMQ
DGTPWPGNNVRDHPGMIQVFLGQNGVRDIEGNELPRLVYVSREKRPGYDHHKKAGAMNALVRVSAIITNAPYVLNVDCDH
YINNSKALREAMCFMMDPTSGKKICYVQFPQRFDGIDRHDRYSNRNVVFFDINMKGLDGIQGPIYVGTGCVFRRQAFYGY
DAPTSKKAPRKTCNCWPKWCCCLCCGSKKKKIKAKSSVKKKIKNKDDIKQMHALENIEEGIEGIDNEKSSLMSQSKFEKK
FGQSSVFIASTLLEDGGVPKAASSATLLKEAIHVISCGYEDKTEWGKEVGWIYGSVTEDILTGFKMHCHGWRSVYCMPKR
PAFKGSAPINLSDRLHQVLRWALGSVEIFFSRHCPIWYGYGGGLKSLERFSYINSVVYPLTSIPLIAYCALPAVCLLTGK
FIVPEISNYASIIFMALFISIAATGILEMQWGGVGIHDWWRNEQFWVIGGASSHLFALFQGLLKVLAGVNTNFTVTSKAA
DDGEFADLYIFKWTSLLIPPLTLLIINIIGVIVGVSDAINNGYDSWGPLFGRLFFALWVIVHLYPFLKGVMGKQEGVPTI
ILVWAILLSSILTLLWVRINPFLAKSDVVLEICGLNCD
;
_entity_poly.pdbx_strand_id   A,B,D
#
# COMPACT_ATOMS: atom_id res chain seq x y z
N MET A 249 44.76 -35.08 -10.24
CA MET A 249 44.25 -34.92 -8.89
C MET A 249 42.73 -34.90 -8.88
N ASP A 250 42.15 -35.38 -7.78
CA ASP A 250 40.69 -35.37 -7.66
C ASP A 250 40.14 -33.95 -7.63
N GLU A 251 40.82 -33.06 -6.90
CA GLU A 251 40.37 -31.67 -6.82
C GLU A 251 40.42 -30.99 -8.19
N GLY A 252 41.49 -31.24 -8.95
CA GLY A 252 41.61 -30.64 -10.27
C GLY A 252 40.65 -31.22 -11.29
N ARG A 253 40.18 -32.45 -11.09
CA ARG A 253 39.23 -33.06 -12.01
C ARG A 253 37.80 -32.61 -11.76
N GLN A 254 37.51 -32.00 -10.62
CA GLN A 254 36.17 -31.51 -10.34
C GLN A 254 35.90 -30.26 -11.15
N PRO A 255 34.85 -30.23 -11.98
CA PRO A 255 34.59 -29.03 -12.80
C PRO A 255 34.21 -27.83 -11.95
N LEU A 256 34.57 -26.65 -12.45
CA LEU A 256 34.22 -25.40 -11.79
C LEU A 256 32.73 -25.09 -11.92
N TRP A 257 32.04 -25.75 -12.84
CA TRP A 257 30.63 -25.49 -13.12
C TRP A 257 30.03 -26.74 -13.74
N ARG A 258 28.70 -26.76 -13.82
CA ARG A 258 28.04 -27.86 -14.50
C ARG A 258 26.68 -27.42 -15.01
N LYS A 259 26.22 -28.08 -16.08
CA LYS A 259 24.94 -27.80 -16.69
C LYS A 259 23.85 -28.64 -16.06
N LEU A 260 22.65 -28.06 -15.97
CA LEU A 260 21.46 -28.72 -15.47
C LEU A 260 20.43 -28.72 -16.59
N PRO A 261 20.30 -29.82 -17.34
CA PRO A 261 19.22 -29.90 -18.31
C PRO A 261 17.87 -29.93 -17.61
N ILE A 262 16.87 -29.34 -18.28
CA ILE A 262 15.52 -29.39 -17.73
C ILE A 262 15.08 -30.84 -17.63
N SER A 263 14.55 -31.21 -16.46
CA SER A 263 14.19 -32.60 -16.21
C SER A 263 13.15 -33.07 -17.21
N SER A 264 13.27 -34.34 -17.62
CA SER A 264 12.44 -34.87 -18.70
C SER A 264 10.97 -34.79 -18.38
N SER A 265 10.60 -34.85 -17.10
CA SER A 265 9.19 -34.78 -16.71
C SER A 265 8.55 -33.46 -17.10
N ARG A 266 9.34 -32.40 -17.26
CA ARG A 266 8.82 -31.09 -17.65
C ARG A 266 9.18 -30.71 -19.09
N ILE A 267 10.01 -31.49 -19.78
CA ILE A 267 10.45 -31.12 -21.11
C ILE A 267 9.83 -32.03 -22.16
N ASN A 268 9.50 -33.28 -21.77
CA ASN A 268 8.85 -34.17 -22.72
C ASN A 268 7.45 -33.68 -23.11
N PRO A 269 6.56 -33.33 -22.17
CA PRO A 269 5.27 -32.77 -22.61
C PRO A 269 5.40 -31.49 -23.41
N TYR A 270 6.41 -30.67 -23.10
CA TYR A 270 6.61 -29.44 -23.85
C TYR A 270 6.82 -29.73 -25.33
N ARG A 271 7.76 -30.62 -25.64
CA ARG A 271 8.01 -30.98 -27.03
C ARG A 271 6.82 -31.69 -27.65
N ILE A 272 6.16 -32.57 -26.88
CA ILE A 272 5.04 -33.33 -27.40
C ILE A 272 3.94 -32.40 -27.88
N ILE A 273 3.56 -31.43 -27.05
CA ILE A 273 2.47 -30.56 -27.46
C ILE A 273 2.96 -29.45 -28.39
N ILE A 274 4.26 -29.19 -28.45
CA ILE A 274 4.76 -28.34 -29.54
C ILE A 274 4.48 -29.01 -30.88
N VAL A 275 4.86 -30.28 -31.00
CA VAL A 275 4.60 -31.02 -32.25
C VAL A 275 3.09 -31.12 -32.50
N LEU A 276 2.33 -31.38 -31.44
CA LEU A 276 0.88 -31.51 -31.57
C LEU A 276 0.27 -30.20 -32.07
N ARG A 277 0.61 -29.07 -31.44
CA ARG A 277 0.09 -27.78 -31.86
C ARG A 277 0.52 -27.46 -33.28
N ILE A 278 1.70 -27.90 -33.69
CA ILE A 278 2.07 -27.80 -35.10
C ILE A 278 1.06 -28.55 -35.97
N ALA A 279 0.67 -29.75 -35.55
CA ALA A 279 -0.29 -30.54 -36.32
C ALA A 279 -1.64 -29.84 -36.46
N ILE A 280 -2.20 -29.36 -35.33
CA ILE A 280 -3.47 -28.63 -35.40
C ILE A 280 -3.32 -27.34 -36.18
N LEU A 281 -2.18 -26.66 -36.10
CA LEU A 281 -2.00 -25.45 -36.90
C LEU A 281 -2.06 -25.77 -38.39
N CYS A 282 -1.38 -26.84 -38.81
CA CYS A 282 -1.42 -27.24 -40.21
C CYS A 282 -2.84 -27.61 -40.63
N LEU A 283 -3.56 -28.36 -39.79
CA LEU A 283 -4.93 -28.74 -40.14
C LEU A 283 -5.84 -27.52 -40.20
N PHE A 284 -5.64 -26.56 -39.30
CA PHE A 284 -6.42 -25.33 -39.31
C PHE A 284 -6.19 -24.54 -40.58
N PHE A 285 -4.94 -24.45 -41.03
CA PHE A 285 -4.66 -23.74 -42.28
C PHE A 285 -5.25 -24.49 -43.47
N HIS A 286 -5.20 -25.83 -43.44
CA HIS A 286 -5.83 -26.60 -44.52
C HIS A 286 -7.33 -26.35 -44.58
N TYR A 287 -7.99 -26.29 -43.42
CA TYR A 287 -9.41 -25.98 -43.38
C TYR A 287 -9.69 -24.58 -43.88
N ARG A 288 -8.88 -23.61 -43.47
CA ARG A 288 -9.17 -22.21 -43.78
C ARG A 288 -8.95 -21.91 -45.26
N ILE A 289 -7.88 -22.46 -45.85
CA ILE A 289 -7.53 -22.11 -47.23
C ILE A 289 -8.57 -22.67 -48.20
N LEU A 290 -9.01 -23.91 -47.98
CA LEU A 290 -9.86 -24.59 -48.95
C LEU A 290 -11.32 -24.15 -48.90
N HIS A 291 -11.72 -23.38 -47.89
CA HIS A 291 -13.11 -22.96 -47.71
C HIS A 291 -13.17 -21.45 -47.57
N PRO A 292 -13.16 -20.72 -48.68
CA PRO A 292 -13.21 -19.26 -48.62
C PRO A 292 -14.64 -18.76 -48.47
N VAL A 293 -14.76 -17.45 -48.32
CA VAL A 293 -16.05 -16.76 -48.19
C VAL A 293 -16.36 -16.11 -49.53
N ASN A 294 -17.53 -16.43 -50.10
CA ASN A 294 -17.85 -15.97 -51.44
C ASN A 294 -18.09 -14.46 -51.48
N ASP A 295 -18.91 -13.95 -50.56
CA ASP A 295 -19.27 -12.53 -50.61
C ASP A 295 -18.29 -11.64 -49.86
N ALA A 296 -17.32 -12.21 -49.14
CA ALA A 296 -16.30 -11.45 -48.43
C ALA A 296 -14.92 -12.02 -48.73
N TYR A 297 -14.64 -12.22 -50.02
CA TYR A 297 -13.39 -12.86 -50.42
C TYR A 297 -12.17 -12.04 -50.01
N ALA A 298 -12.25 -10.71 -50.14
CA ALA A 298 -11.12 -9.86 -49.77
C ALA A 298 -10.81 -9.95 -48.29
N LEU A 299 -11.85 -9.91 -47.44
CA LEU A 299 -11.64 -10.03 -46.00
C LEU A 299 -11.06 -11.39 -45.65
N TRP A 300 -11.56 -12.45 -46.28
CA TRP A 300 -11.03 -13.78 -46.03
C TRP A 300 -9.57 -13.90 -46.42
N LEU A 301 -9.20 -13.32 -47.58
CA LEU A 301 -7.82 -13.36 -48.02
C LEU A 301 -6.90 -12.60 -47.07
N THR A 302 -7.33 -11.40 -46.65
CA THR A 302 -6.52 -10.63 -45.70
C THR A 302 -6.37 -11.38 -44.39
N SER A 303 -7.45 -11.98 -43.89
CA SER A 303 -7.38 -12.72 -42.64
C SER A 303 -6.46 -13.93 -42.75
N VAL A 304 -6.54 -14.67 -43.86
CA VAL A 304 -5.73 -15.87 -43.99
C VAL A 304 -4.25 -15.50 -44.13
N ILE A 305 -3.96 -14.40 -44.83
CA ILE A 305 -2.59 -13.90 -44.86
C ILE A 305 -2.12 -13.56 -43.44
N CYS A 306 -3.00 -12.93 -42.66
CA CYS A 306 -2.63 -12.55 -41.30
C CYS A 306 -2.30 -13.76 -40.44
N GLU A 307 -3.15 -14.80 -40.47
CA GLU A 307 -2.82 -15.97 -39.66
C GLU A 307 -1.62 -16.73 -40.21
N ILE A 308 -1.38 -16.71 -41.52
CA ILE A 308 -0.17 -17.34 -42.05
C ILE A 308 1.06 -16.65 -41.49
N TRP A 309 1.05 -15.31 -41.48
CA TRP A 309 2.16 -14.57 -40.88
C TRP A 309 2.31 -14.89 -39.39
N PHE A 310 1.18 -14.96 -38.68
CA PHE A 310 1.22 -15.26 -37.25
C PHE A 310 1.83 -16.64 -37.00
N ALA A 311 1.44 -17.64 -37.80
CA ALA A 311 1.98 -18.98 -37.63
C ALA A 311 3.46 -19.05 -37.96
N VAL A 312 3.89 -18.33 -39.00
CA VAL A 312 5.32 -18.29 -39.32
C VAL A 312 6.10 -17.69 -38.16
N SER A 313 5.60 -16.58 -37.59
CA SER A 313 6.27 -15.96 -36.47
C SER A 313 6.31 -16.90 -35.26
N TRP A 314 5.19 -17.60 -34.99
CA TRP A 314 5.17 -18.52 -33.87
C TRP A 314 6.16 -19.66 -34.06
N ILE A 315 6.25 -20.20 -35.28
CA ILE A 315 7.19 -21.28 -35.55
C ILE A 315 8.62 -20.81 -35.34
N PHE A 316 8.95 -19.63 -35.87
CA PHE A 316 10.30 -19.10 -35.74
C PHE A 316 10.64 -18.77 -34.29
N ASP A 317 9.65 -18.41 -33.48
CA ASP A 317 9.88 -18.16 -32.07
C ASP A 317 10.04 -19.45 -31.28
N GLN A 318 9.21 -20.46 -31.58
CA GLN A 318 9.19 -21.69 -30.79
C GLN A 318 10.34 -22.61 -31.10
N PHE A 319 10.86 -22.60 -32.33
CA PHE A 319 11.94 -23.53 -32.68
C PHE A 319 13.19 -23.39 -31.82
N PRO A 320 13.71 -22.19 -31.52
CA PRO A 320 14.93 -22.13 -30.68
C PRO A 320 14.76 -22.66 -29.26
N LYS A 321 13.53 -22.73 -28.75
CA LYS A 321 13.30 -23.14 -27.37
C LYS A 321 13.23 -24.66 -27.19
N TRP A 322 13.80 -25.43 -28.12
CA TRP A 322 13.67 -26.88 -28.05
C TRP A 322 14.40 -27.46 -26.82
N SER A 323 15.60 -26.95 -26.52
CA SER A 323 16.44 -27.52 -25.48
C SER A 323 16.91 -26.43 -24.52
N PRO A 324 16.06 -26.04 -23.57
CA PRO A 324 16.50 -25.10 -22.53
C PRO A 324 17.30 -25.80 -21.45
N ILE A 325 18.31 -25.10 -20.92
CA ILE A 325 19.17 -25.62 -19.87
C ILE A 325 19.37 -24.55 -18.81
N LEU A 326 20.01 -24.95 -17.71
CA LEU A 326 20.45 -24.04 -16.66
C LEU A 326 21.92 -24.30 -16.40
N ARG A 327 22.57 -23.37 -15.70
CA ARG A 327 23.99 -23.49 -15.42
C ARG A 327 24.23 -23.20 -13.94
N GLU A 328 25.09 -24.00 -13.32
CA GLU A 328 25.40 -23.85 -11.90
C GLU A 328 26.91 -23.73 -11.73
N THR A 329 27.31 -22.80 -10.86
CA THR A 329 28.72 -22.50 -10.62
C THR A 329 29.05 -22.75 -9.15
N TYR A 330 30.32 -23.06 -8.90
CA TYR A 330 30.82 -23.37 -7.57
C TYR A 330 31.99 -22.45 -7.25
N LEU A 331 31.77 -21.48 -6.37
CA LEU A 331 32.82 -20.53 -5.99
C LEU A 331 33.86 -21.15 -5.07
N ASP A 332 33.47 -22.16 -4.28
CA ASP A 332 34.41 -22.81 -3.37
C ASP A 332 35.53 -23.50 -4.15
N ARG A 333 35.18 -24.15 -5.26
CA ARG A 333 36.21 -24.78 -6.10
C ARG A 333 37.12 -23.74 -6.73
N LEU A 334 36.57 -22.57 -7.10
CA LEU A 334 37.42 -21.49 -7.60
C LEU A 334 38.40 -21.02 -6.55
N SER A 335 37.92 -20.87 -5.31
CA SER A 335 38.82 -20.48 -4.22
C SER A 335 39.89 -21.55 -3.98
N LEU A 336 39.51 -22.82 -4.04
CA LEU A 336 40.48 -23.89 -3.85
C LEU A 336 41.53 -23.89 -4.96
N ARG A 337 41.11 -23.62 -6.19
CA ARG A 337 42.01 -23.73 -7.33
C ARG A 337 42.88 -22.49 -7.52
N TYR A 338 42.31 -21.30 -7.36
CA TYR A 338 43.02 -20.08 -7.75
C TYR A 338 43.13 -19.06 -6.62
N GLU A 339 42.24 -19.12 -5.63
CA GLU A 339 42.22 -18.12 -4.58
C GLU A 339 42.47 -18.79 -3.22
N LYS A 340 43.46 -19.67 -3.16
CA LYS A 340 43.77 -20.35 -1.91
C LYS A 340 44.33 -19.35 -0.90
N GLU A 341 43.90 -19.51 0.36
CA GLU A 341 44.31 -18.58 1.40
C GLU A 341 45.81 -18.70 1.68
N GLY A 342 46.43 -17.57 1.95
CA GLY A 342 47.86 -17.55 2.21
C GLY A 342 48.69 -17.36 0.95
N LYS A 343 48.47 -18.24 -0.03
CA LYS A 343 49.20 -18.14 -1.28
C LYS A 343 48.72 -16.93 -2.08
N PRO A 344 49.58 -16.36 -2.92
CA PRO A 344 49.16 -15.22 -3.75
C PRO A 344 48.04 -15.63 -4.71
N SER A 345 47.17 -14.66 -5.00
CA SER A 345 46.03 -14.90 -5.86
C SER A 345 46.47 -15.16 -7.30
N LEU A 346 45.86 -16.16 -7.93
CA LEU A 346 46.15 -16.51 -9.31
C LEU A 346 45.02 -16.11 -10.26
N LEU A 347 44.05 -15.33 -9.79
CA LEU A 347 42.96 -14.90 -10.64
C LEU A 347 43.45 -13.97 -11.74
N ALA A 348 42.80 -14.03 -12.90
CA ALA A 348 43.17 -13.19 -14.01
C ALA A 348 42.63 -11.77 -13.82
N ASP A 349 43.21 -10.84 -14.57
CA ASP A 349 42.88 -9.43 -14.42
C ASP A 349 41.51 -9.13 -15.01
N ILE A 350 40.96 -7.98 -14.62
CA ILE A 350 39.62 -7.56 -15.02
C ILE A 350 39.63 -6.06 -15.29
N ASP A 351 38.93 -5.66 -16.35
CA ASP A 351 38.68 -4.26 -16.66
C ASP A 351 37.17 -4.04 -16.76
N VAL A 352 36.66 -3.06 -16.02
CA VAL A 352 35.23 -2.76 -15.99
C VAL A 352 35.01 -1.39 -16.62
N PHE A 353 34.21 -1.36 -17.68
CA PHE A 353 34.02 -0.15 -18.48
C PHE A 353 32.66 0.48 -18.16
N VAL A 354 32.67 1.79 -17.92
CA VAL A 354 31.46 2.57 -17.73
C VAL A 354 31.48 3.72 -18.73
N SER A 355 30.34 3.99 -19.36
CA SER A 355 30.23 5.02 -20.39
C SER A 355 29.14 6.01 -20.02
N THR A 356 29.45 7.30 -20.11
CA THR A 356 28.48 8.36 -19.89
C THR A 356 28.63 9.39 -20.99
N VAL A 357 27.52 10.04 -21.34
CA VAL A 357 27.47 10.98 -22.44
C VAL A 357 27.17 12.40 -21.98
N ASP A 358 26.32 12.56 -20.96
CA ASP A 358 25.91 13.90 -20.54
C ASP A 358 25.58 13.91 -19.05
N PRO A 359 26.33 14.67 -18.24
CA PRO A 359 25.98 14.78 -16.82
C PRO A 359 24.64 15.44 -16.57
N MET A 360 24.13 16.23 -17.52
CA MET A 360 22.83 16.87 -17.33
C MET A 360 21.70 15.85 -17.46
N LYS A 361 21.77 14.98 -18.47
CA LYS A 361 20.76 13.96 -18.66
C LYS A 361 20.94 12.81 -17.66
N GLU A 362 22.18 12.45 -17.38
CA GLU A 362 22.49 11.38 -16.43
C GLU A 362 23.07 11.98 -15.16
N PRO A 363 22.34 11.97 -14.05
CA PRO A 363 22.83 12.64 -12.83
C PRO A 363 24.13 12.02 -12.35
N PRO A 364 25.06 12.84 -11.86
CA PRO A 364 26.34 12.29 -11.40
C PRO A 364 26.23 11.38 -10.19
N LEU A 365 25.15 11.47 -9.42
CA LEU A 365 25.00 10.62 -8.24
C LEU A 365 24.89 9.15 -8.63
N ILE A 366 24.14 8.85 -9.69
CA ILE A 366 23.99 7.46 -10.13
C ILE A 366 25.33 6.91 -10.62
N THR A 367 26.07 7.70 -11.39
CA THR A 367 27.39 7.26 -11.85
C THR A 367 28.34 7.05 -10.68
N ALA A 368 28.28 7.94 -9.69
CA ALA A 368 29.12 7.77 -8.50
C ALA A 368 28.76 6.50 -7.74
N ASN A 369 27.46 6.20 -7.63
CA ASN A 369 27.04 4.96 -6.98
C ASN A 369 27.54 3.73 -7.75
N THR A 370 27.45 3.78 -9.08
CA THR A 370 27.94 2.67 -9.89
C THR A 370 29.45 2.48 -9.72
N VAL A 371 30.20 3.58 -9.70
CA VAL A 371 31.65 3.50 -9.51
C VAL A 371 31.97 2.95 -8.13
N LEU A 372 31.23 3.39 -7.11
CA LEU A 372 31.46 2.89 -5.76
C LEU A 372 31.17 1.39 -5.67
N SER A 373 30.09 0.94 -6.32
CA SER A 373 29.79 -0.49 -6.32
C SER A 373 30.87 -1.29 -7.02
N ILE A 374 31.39 -0.75 -8.14
CA ILE A 374 32.44 -1.46 -8.87
C ILE A 374 33.72 -1.53 -8.05
N LEU A 375 34.10 -0.43 -7.40
CA LEU A 375 35.34 -0.40 -6.62
C LEU A 375 35.27 -1.29 -5.39
N ALA A 376 34.07 -1.63 -4.92
CA ALA A 376 33.90 -2.45 -3.73
C ALA A 376 33.64 -3.92 -4.07
N VAL A 377 33.96 -4.34 -5.31
CA VAL A 377 33.74 -5.72 -5.71
C VAL A 377 34.69 -6.64 -4.94
N ASP A 378 34.28 -7.90 -4.80
CA ASP A 378 35.07 -8.90 -4.07
C ASP A 378 36.09 -9.51 -5.02
N TYR A 379 37.14 -8.74 -5.29
CA TYR A 379 38.22 -9.14 -6.18
C TYR A 379 39.51 -8.54 -5.65
N PRO A 380 40.66 -9.13 -5.98
CA PRO A 380 41.94 -8.52 -5.60
C PRO A 380 42.06 -7.12 -6.19
N VAL A 381 42.61 -6.21 -5.38
CA VAL A 381 42.69 -4.81 -5.79
C VAL A 381 43.63 -4.62 -6.96
N ASP A 382 44.65 -5.46 -7.08
CA ASP A 382 45.61 -5.36 -8.18
C ASP A 382 45.16 -6.10 -9.43
N LYS A 383 44.07 -6.86 -9.36
CA LYS A 383 43.56 -7.63 -10.50
C LYS A 383 42.30 -7.03 -11.09
N VAL A 384 41.88 -5.85 -10.65
CA VAL A 384 40.68 -5.20 -11.16
C VAL A 384 40.97 -3.73 -11.41
N ALA A 385 40.48 -3.21 -12.53
CA ALA A 385 40.60 -1.81 -12.86
C ALA A 385 39.27 -1.32 -13.42
N CYS A 386 39.01 -0.02 -13.23
CA CYS A 386 37.77 0.60 -13.67
C CYS A 386 38.08 1.76 -14.61
N TYR A 387 37.42 1.79 -15.76
CA TYR A 387 37.57 2.84 -16.75
C TYR A 387 36.24 3.55 -16.93
N VAL A 388 36.28 4.88 -16.96
CA VAL A 388 35.09 5.70 -17.16
C VAL A 388 35.32 6.56 -18.39
N SER A 389 34.41 6.46 -19.35
CA SER A 389 34.45 7.25 -20.58
C SER A 389 33.41 8.35 -20.51
N ASP A 390 33.83 9.57 -20.83
CA ASP A 390 32.95 10.74 -20.82
C ASP A 390 32.93 11.34 -22.22
N ASP A 391 31.84 11.09 -22.95
CA ASP A 391 31.74 11.63 -24.30
C ASP A 391 31.52 13.13 -24.31
N GLY A 392 30.88 13.67 -23.26
CA GLY A 392 30.64 15.10 -23.19
C GLY A 392 31.85 15.92 -22.77
N ALA A 393 32.88 15.28 -22.23
CA ALA A 393 34.09 15.97 -21.79
C ALA A 393 33.78 17.10 -20.82
N ALA A 394 32.85 16.85 -19.92
CA ALA A 394 32.41 17.85 -18.94
C ALA A 394 33.21 17.73 -17.66
N MET A 395 33.61 18.89 -17.12
CA MET A 395 34.37 18.90 -15.87
C MET A 395 33.53 18.43 -14.68
N LEU A 396 32.19 18.48 -14.81
CA LEU A 396 31.35 18.00 -13.73
C LEU A 396 31.59 16.52 -13.46
N THR A 397 31.70 15.71 -14.53
CA THR A 397 32.00 14.30 -14.34
C THR A 397 33.38 14.10 -13.72
N PHE A 398 34.35 14.93 -14.12
CA PHE A 398 35.70 14.83 -13.57
C PHE A 398 35.69 15.10 -12.06
N GLU A 399 34.99 16.16 -11.64
CA GLU A 399 34.94 16.49 -10.22
C GLU A 399 34.13 15.46 -9.44
N ALA A 400 33.04 14.95 -10.03
CA ALA A 400 32.27 13.91 -9.36
C ALA A 400 33.09 12.64 -9.18
N LEU A 401 33.89 12.25 -10.18
CA LEU A 401 34.77 11.11 -10.03
C LEU A 401 35.87 11.37 -9.00
N SER A 402 36.42 12.59 -8.97
CA SER A 402 37.42 12.93 -7.97
C SER A 402 36.88 12.88 -6.55
N GLU A 403 35.63 13.26 -6.33
CA GLU A 403 34.99 13.14 -5.02
C GLU A 403 34.58 11.71 -4.69
N THR A 404 34.13 10.95 -5.69
CA THR A 404 33.83 9.53 -5.50
C THR A 404 35.07 8.73 -5.12
N SER A 405 36.22 9.04 -5.71
CA SER A 405 37.47 8.40 -5.32
C SER A 405 37.86 8.68 -3.88
N GLU A 406 37.54 9.87 -3.36
CA GLU A 406 37.78 10.21 -1.96
C GLU A 406 36.76 9.56 -1.03
N PHE A 407 35.53 9.37 -1.47
CA PHE A 407 34.55 8.66 -0.65
C PHE A 407 34.79 7.15 -0.63
N ALA A 408 35.37 6.62 -1.70
CA ALA A 408 35.66 5.19 -1.80
C ALA A 408 36.62 4.76 -0.70
N ARG A 409 37.55 5.64 -0.35
CA ARG A 409 38.51 5.40 0.72
C ARG A 409 37.85 4.97 2.01
N LYS A 410 36.68 5.53 2.33
CA LYS A 410 35.93 5.18 3.52
C LYS A 410 34.86 4.13 3.27
N TRP A 411 34.27 4.11 2.06
CA TRP A 411 33.17 3.19 1.79
C TRP A 411 33.66 1.75 1.60
N VAL A 412 34.75 1.56 0.85
CA VAL A 412 35.18 0.20 0.50
C VAL A 412 35.58 -0.62 1.73
N PRO A 413 36.43 -0.13 2.64
CA PRO A 413 36.77 -0.96 3.81
C PRO A 413 35.58 -1.33 4.66
N PHE A 414 34.60 -0.43 4.80
CA PHE A 414 33.39 -0.74 5.58
C PHE A 414 32.64 -1.92 4.96
N CYS A 415 32.41 -1.87 3.65
CA CYS A 415 31.70 -2.95 2.97
C CYS A 415 32.49 -4.25 3.04
N LYS A 416 33.81 -4.19 2.84
CA LYS A 416 34.60 -5.41 2.86
C LYS A 416 34.65 -6.02 4.26
N LYS A 417 34.66 -5.19 5.30
CA LYS A 417 34.69 -5.71 6.66
C LYS A 417 33.35 -6.29 7.09
N PHE A 418 32.25 -5.62 6.76
CA PHE A 418 30.93 -6.01 7.24
C PHE A 418 30.11 -6.78 6.22
N CYS A 419 30.70 -7.13 5.08
CA CYS A 419 30.02 -7.92 4.04
C CYS A 419 28.70 -7.26 3.62
N ILE A 420 28.77 -5.97 3.35
CA ILE A 420 27.59 -5.18 3.01
C ILE A 420 27.15 -5.51 1.58
N GLU A 421 25.86 -5.80 1.41
CA GLU A 421 25.27 -6.06 0.11
C GLU A 421 23.95 -5.31 0.04
N PRO A 422 23.72 -4.49 -1.00
CA PRO A 422 24.61 -4.19 -2.13
C PRO A 422 25.69 -3.18 -1.77
N ARG A 423 26.72 -3.05 -2.61
CA ARG A 423 27.81 -2.12 -2.34
C ARG A 423 27.49 -0.68 -2.71
N ALA A 424 26.39 -0.44 -3.42
CA ALA A 424 26.00 0.93 -3.74
C ALA A 424 25.38 1.59 -2.51
N PRO A 425 25.90 2.71 -2.04
CA PRO A 425 25.37 3.32 -0.80
C PRO A 425 23.90 3.71 -0.90
N GLU A 426 23.47 4.22 -2.06
CA GLU A 426 22.10 4.72 -2.19
C GLU A 426 21.08 3.60 -2.02
N TRP A 427 21.32 2.46 -2.67
CA TRP A 427 20.40 1.35 -2.57
C TRP A 427 20.55 0.59 -1.26
N TYR A 428 21.74 0.62 -0.66
CA TYR A 428 21.93 -0.05 0.63
C TYR A 428 21.21 0.71 1.75
N PHE A 429 21.34 2.03 1.77
CA PHE A 429 20.73 2.82 2.85
C PHE A 429 19.24 3.05 2.64
N ALA A 430 18.69 2.68 1.48
CA ALA A 430 17.27 2.83 1.21
C ALA A 430 16.54 1.49 1.23
N GLN A 431 17.14 0.46 1.81
CA GLN A 431 16.54 -0.86 1.87
C GLN A 431 15.65 -0.99 3.10
N LYS A 432 14.46 -1.54 2.91
CA LYS A 432 13.54 -1.76 4.03
C LYS A 432 13.84 -3.05 4.79
N VAL A 433 14.73 -3.89 4.29
CA VAL A 433 15.10 -5.11 4.99
C VAL A 433 15.85 -4.76 6.27
N ASP A 434 15.67 -5.58 7.30
CA ASP A 434 16.37 -5.37 8.56
C ASP A 434 17.88 -5.45 8.34
N TYR A 435 18.57 -4.35 8.58
CA TYR A 435 20.00 -4.28 8.34
C TYR A 435 20.83 -4.95 9.42
N LEU A 436 20.22 -5.35 10.53
CA LEU A 436 20.92 -6.04 11.61
C LEU A 436 20.88 -7.55 11.45
N LYS A 437 20.25 -8.06 10.39
CA LYS A 437 20.15 -9.50 10.18
C LYS A 437 21.50 -10.07 9.76
N ASP A 438 21.89 -11.18 10.38
CA ASP A 438 23.11 -11.92 10.05
C ASP A 438 24.37 -11.09 10.24
N LYS A 439 24.35 -10.13 11.15
CA LYS A 439 25.51 -9.31 11.47
C LYS A 439 26.06 -9.72 12.83
N VAL A 440 27.36 -9.99 12.87
CA VAL A 440 27.99 -10.50 14.10
C VAL A 440 29.06 -9.57 14.65
N ASP A 441 29.56 -8.61 13.87
CA ASP A 441 30.61 -7.73 14.36
C ASP A 441 30.07 -6.79 15.43
N ALA A 442 30.86 -6.61 16.50
CA ALA A 442 30.40 -5.84 17.65
C ALA A 442 30.36 -4.33 17.37
N THR A 443 31.06 -3.86 16.34
CA THR A 443 31.15 -2.43 16.05
C THR A 443 30.32 -2.04 14.83
N PHE A 444 29.27 -2.81 14.52
CA PHE A 444 28.50 -2.55 13.30
C PHE A 444 27.69 -1.26 13.40
N ILE A 445 27.05 -1.03 14.55
CA ILE A 445 26.07 0.06 14.65
C ILE A 445 26.76 1.41 14.53
N ARG A 446 27.83 1.62 15.29
CA ARG A 446 28.50 2.93 15.29
C ARG A 446 29.10 3.23 13.92
N GLU A 447 29.78 2.25 13.33
CA GLU A 447 30.39 2.46 12.03
C GLU A 447 29.33 2.68 10.94
N ARG A 448 28.20 1.97 11.04
CA ARG A 448 27.12 2.20 10.08
C ARG A 448 26.55 3.60 10.21
N ARG A 449 26.36 4.09 11.44
CA ARG A 449 25.87 5.45 11.62
C ARG A 449 26.85 6.46 11.04
N ALA A 450 28.14 6.27 11.34
CA ALA A 450 29.15 7.20 10.84
C ALA A 450 29.20 7.20 9.31
N ILE A 451 29.14 6.01 8.70
CA ILE A 451 29.21 5.94 7.24
C ILE A 451 27.94 6.49 6.61
N LYS A 452 26.78 6.36 7.27
CA LYS A 452 25.57 6.95 6.74
C LYS A 452 25.64 8.47 6.77
N ARG A 453 26.15 9.05 7.87
CA ARG A 453 26.31 10.49 7.92
C ARG A 453 27.32 10.97 6.88
N GLU A 454 28.42 10.22 6.71
CA GLU A 454 29.40 10.59 5.70
C GLU A 454 28.82 10.52 4.30
N TYR A 455 27.98 9.52 4.03
CA TYR A 455 27.33 9.42 2.72
C TYR A 455 26.37 10.57 2.49
N GLU A 456 25.64 10.98 3.53
CA GLU A 456 24.75 12.13 3.39
C GLU A 456 25.54 13.40 3.07
N GLU A 457 26.66 13.60 3.76
CA GLU A 457 27.51 14.75 3.45
C GLU A 457 28.07 14.67 2.03
N PHE A 458 28.42 13.46 1.59
CA PHE A 458 28.89 13.27 0.21
C PHE A 458 27.80 13.62 -0.80
N LYS A 459 26.56 13.22 -0.52
CA LYS A 459 25.45 13.56 -1.40
C LYS A 459 25.27 15.07 -1.46
N VAL A 460 25.37 15.76 -0.32
CA VAL A 460 25.26 17.21 -0.32
C VAL A 460 26.39 17.85 -1.13
N ARG A 461 27.60 17.32 -1.00
CA ARG A 461 28.72 17.85 -1.79
C ARG A 461 28.49 17.65 -3.28
N ILE A 462 27.97 16.48 -3.67
CA ILE A 462 27.69 16.23 -5.08
C ILE A 462 26.59 17.17 -5.58
N ASN A 463 25.58 17.42 -4.75
CA ASN A 463 24.53 18.38 -5.14
C ASN A 463 25.10 19.77 -5.32
N ALA A 464 26.02 20.18 -4.43
CA ALA A 464 26.65 21.49 -4.58
C ALA A 464 27.48 21.55 -5.86
N LEU A 465 28.21 20.48 -6.18
CA LEU A 465 28.99 20.45 -7.41
C LEU A 465 28.09 20.55 -8.63
N VAL A 466 26.96 19.85 -8.61
CA VAL A 466 26.03 19.92 -9.74
C VAL A 466 25.46 21.32 -9.88
N ALA A 467 25.08 21.94 -8.76
CA ALA A 467 24.53 23.29 -8.81
C ALA A 467 25.54 24.30 -9.33
N LEU A 468 26.80 24.17 -8.91
CA LEU A 468 27.82 25.13 -9.34
C LEU A 468 28.11 25.02 -10.83
N ALA A 469 27.97 23.84 -11.41
CA ALA A 469 28.29 23.61 -12.81
C ALA A 469 27.09 23.77 -13.74
N GLN A 470 25.96 24.24 -13.23
CA GLN A 470 24.77 24.38 -14.07
C GLN A 470 24.97 25.43 -15.15
N LYS A 471 25.61 26.54 -14.83
CA LYS A 471 25.80 27.65 -15.76
C LYS A 471 27.26 27.77 -16.14
N VAL A 472 27.53 27.80 -17.44
CA VAL A 472 28.91 27.92 -17.93
C VAL A 472 29.41 29.34 -17.70
N PRO A 473 30.63 29.54 -17.20
CA PRO A 473 31.16 30.90 -17.02
C PRO A 473 31.43 31.60 -18.34
N GLU A 474 31.74 32.90 -18.28
CA GLU A 474 31.96 33.66 -19.51
C GLU A 474 33.24 33.22 -20.21
N ASP A 475 34.32 33.03 -19.47
CA ASP A 475 35.61 32.64 -20.04
C ASP A 475 35.82 31.14 -20.04
N GLY A 476 34.76 30.36 -20.09
CA GLY A 476 34.88 28.92 -20.09
C GLY A 476 35.10 28.35 -18.70
N TRP A 477 35.24 27.02 -18.66
CA TRP A 477 35.46 26.33 -17.40
C TRP A 477 36.91 26.41 -16.97
N THR A 478 37.13 26.38 -15.66
CA THR A 478 38.47 26.36 -15.09
C THR A 478 38.54 25.29 -14.02
N MET A 479 39.75 24.77 -13.81
CA MET A 479 39.97 23.71 -12.83
C MET A 479 40.24 24.32 -11.46
N GLN A 480 40.62 23.48 -10.49
CA GLN A 480 40.88 23.92 -9.14
C GLN A 480 42.30 24.42 -8.92
N ASP A 481 43.17 24.28 -9.92
CA ASP A 481 44.54 24.76 -9.82
C ASP A 481 44.81 25.97 -10.71
N GLY A 482 43.77 26.53 -11.34
CA GLY A 482 43.90 27.70 -12.18
C GLY A 482 44.01 27.41 -13.66
N THR A 483 44.37 26.19 -14.04
CA THR A 483 44.47 25.85 -15.45
C THR A 483 43.08 25.72 -16.05
N PRO A 484 42.87 26.15 -17.30
CA PRO A 484 41.56 26.03 -17.92
C PRO A 484 41.23 24.57 -18.26
N TRP A 485 39.94 24.28 -18.31
CA TRP A 485 39.49 22.94 -18.64
C TRP A 485 39.69 22.66 -20.13
N PRO A 486 40.46 21.63 -20.50
CA PRO A 486 40.67 21.37 -21.94
C PRO A 486 39.38 21.08 -22.69
N GLY A 487 38.40 20.45 -22.06
CA GLY A 487 37.16 20.10 -22.73
C GLY A 487 36.13 21.20 -22.70
N ASN A 488 36.56 22.45 -22.94
CA ASN A 488 35.61 23.56 -22.97
C ASN A 488 34.60 23.40 -24.10
N ASN A 489 35.07 22.95 -25.27
CA ASN A 489 34.21 22.69 -26.42
C ASN A 489 33.92 21.20 -26.49
N VAL A 490 32.64 20.84 -26.52
CA VAL A 490 32.25 19.43 -26.52
C VAL A 490 32.69 18.76 -27.82
N ARG A 491 32.63 19.48 -28.93
CA ARG A 491 32.96 18.93 -30.24
C ARG A 491 34.38 19.23 -30.69
N ASP A 492 35.20 19.85 -29.83
CA ASP A 492 36.58 20.15 -30.19
C ASP A 492 37.41 20.18 -28.90
N HIS A 493 38.09 19.07 -28.62
CA HIS A 493 38.93 18.98 -27.43
C HIS A 493 39.87 17.80 -27.60
N PRO A 494 41.10 17.88 -27.08
CA PRO A 494 42.02 16.75 -27.15
C PRO A 494 41.67 15.68 -26.14
N GLY A 495 42.27 14.51 -26.32
CA GLY A 495 42.04 13.41 -25.40
C GLY A 495 42.64 13.69 -24.03
N MET A 496 41.93 13.26 -22.99
CA MET A 496 42.36 13.46 -21.61
C MET A 496 42.30 12.14 -20.86
N ILE A 497 43.36 11.82 -20.12
CA ILE A 497 43.44 10.61 -19.33
C ILE A 497 43.92 10.96 -17.93
N GLN A 498 43.17 10.55 -16.92
CA GLN A 498 43.50 10.82 -15.53
C GLN A 498 43.39 9.55 -14.71
N VAL A 499 44.31 9.37 -13.76
CA VAL A 499 44.32 8.21 -12.87
C VAL A 499 44.12 8.72 -11.45
N PHE A 500 43.14 8.14 -10.75
CA PHE A 500 42.75 8.60 -9.43
C PHE A 500 43.25 7.70 -8.30
N LEU A 501 43.31 6.39 -8.51
CA LEU A 501 43.70 5.46 -7.46
C LEU A 501 44.60 4.36 -8.00
N GLY A 502 44.81 3.31 -7.21
CA GLY A 502 45.57 2.17 -7.67
C GLY A 502 46.97 2.09 -7.09
N GLN A 503 47.91 1.55 -7.87
CA GLN A 503 49.30 1.47 -7.43
C GLN A 503 49.85 2.87 -7.19
N ASN A 504 50.71 2.98 -6.18
CA ASN A 504 51.19 4.27 -5.67
C ASN A 504 49.93 5.03 -5.26
N GLY A 505 49.70 6.25 -5.76
CA GLY A 505 48.48 6.95 -5.42
C GLY A 505 48.41 7.26 -3.94
N VAL A 506 47.37 6.76 -3.27
CA VAL A 506 47.21 6.95 -1.84
C VAL A 506 46.35 5.81 -1.29
N ARG A 507 46.64 5.41 -0.06
CA ARG A 507 45.98 4.29 0.60
C ARG A 507 44.62 4.72 1.17
N ASP A 508 43.85 3.72 1.60
CA ASP A 508 42.54 3.95 2.18
C ASP A 508 42.62 4.09 3.70
N ILE A 509 41.46 4.02 4.37
CA ILE A 509 41.40 4.15 5.82
C ILE A 509 42.19 3.04 6.52
N GLU A 510 42.08 1.80 6.06
CA GLU A 510 42.79 0.68 6.68
C GLU A 510 44.26 0.61 6.27
N GLY A 511 44.71 1.48 5.35
CA GLY A 511 46.07 1.45 4.88
C GLY A 511 46.30 0.63 3.63
N ASN A 512 45.29 -0.10 3.17
CA ASN A 512 45.42 -0.89 1.95
C ASN A 512 45.20 0.00 0.72
N GLU A 513 45.30 -0.60 -0.46
CA GLU A 513 45.08 0.11 -1.71
C GLU A 513 43.67 -0.15 -2.23
N LEU A 514 43.32 0.55 -3.30
CA LEU A 514 42.02 0.49 -3.91
C LEU A 514 42.17 0.24 -5.41
N PRO A 515 41.14 -0.31 -6.06
CA PRO A 515 41.22 -0.54 -7.49
C PRO A 515 41.43 0.76 -8.26
N ARG A 516 42.19 0.66 -9.34
CA ARG A 516 42.52 1.84 -10.15
C ARG A 516 41.27 2.38 -10.82
N LEU A 517 41.08 3.70 -10.71
CA LEU A 517 39.99 4.40 -11.38
C LEU A 517 40.58 5.33 -12.41
N VAL A 518 40.18 5.16 -13.67
CA VAL A 518 40.74 5.91 -14.79
C VAL A 518 39.62 6.67 -15.49
N TYR A 519 39.82 7.97 -15.67
CA TYR A 519 38.91 8.83 -16.41
C TYR A 519 39.49 9.06 -17.79
N VAL A 520 38.75 8.65 -18.82
CA VAL A 520 39.22 8.70 -20.21
C VAL A 520 38.21 9.51 -21.02
N SER A 521 38.71 10.46 -21.81
CA SER A 521 37.90 11.24 -22.73
C SER A 521 38.62 11.26 -24.08
N ARG A 522 38.05 10.58 -25.07
CA ARG A 522 38.69 10.48 -26.37
C ARG A 522 38.66 11.82 -27.10
N GLU A 523 39.62 12.01 -28.00
CA GLU A 523 39.71 13.25 -28.77
C GLU A 523 38.52 13.40 -29.71
N LYS A 524 37.98 14.60 -29.76
CA LYS A 524 36.87 14.94 -30.66
C LYS A 524 37.25 16.14 -31.49
N ARG A 525 37.05 16.04 -32.80
CA ARG A 525 37.34 17.12 -33.73
C ARG A 525 36.18 17.26 -34.70
N PRO A 526 35.94 18.46 -35.22
CA PRO A 526 34.86 18.64 -36.20
C PRO A 526 35.16 17.90 -37.49
N GLY A 527 34.09 17.42 -38.13
CA GLY A 527 34.22 16.68 -39.38
C GLY A 527 34.58 15.22 -39.23
N TYR A 528 34.69 14.71 -38.01
CA TYR A 528 35.04 13.31 -37.76
C TYR A 528 33.89 12.61 -37.06
N ASP A 529 33.52 11.44 -37.58
CA ASP A 529 32.45 10.65 -36.98
C ASP A 529 33.01 9.83 -35.82
N HIS A 530 32.47 10.06 -34.62
CA HIS A 530 32.95 9.37 -33.44
C HIS A 530 32.24 8.04 -33.17
N HIS A 531 31.18 7.74 -33.92
CA HIS A 531 30.44 6.48 -33.83
C HIS A 531 29.79 6.25 -32.48
N LYS A 532 29.83 7.25 -31.59
CA LYS A 532 29.08 7.26 -30.33
C LYS A 532 29.55 6.11 -29.45
N LYS A 533 28.65 5.24 -28.96
CA LYS A 533 29.00 4.28 -27.92
C LYS A 533 29.99 3.24 -28.42
N ALA A 534 29.83 2.79 -29.67
CA ALA A 534 30.75 1.78 -30.20
C ALA A 534 32.18 2.33 -30.29
N GLY A 535 32.33 3.56 -30.78
CA GLY A 535 33.64 4.17 -30.82
C GLY A 535 34.21 4.40 -29.44
N ALA A 536 33.38 4.82 -28.49
CA ALA A 536 33.84 5.01 -27.12
C ALA A 536 34.32 3.69 -26.53
N MET A 537 33.59 2.60 -26.77
CA MET A 537 33.99 1.30 -26.26
C MET A 537 35.29 0.83 -26.90
N ASN A 538 35.46 1.05 -28.21
CA ASN A 538 36.70 0.68 -28.87
C ASN A 538 37.88 1.46 -28.30
N ALA A 539 37.69 2.77 -28.08
CA ALA A 539 38.75 3.58 -27.49
C ALA A 539 39.09 3.10 -26.08
N LEU A 540 38.06 2.76 -25.29
CA LEU A 540 38.29 2.24 -23.95
C LEU A 540 39.06 0.92 -23.99
N VAL A 541 38.72 0.05 -24.94
CA VAL A 541 39.43 -1.22 -25.09
C VAL A 541 40.90 -0.97 -25.39
N ARG A 542 41.17 -0.07 -26.32
CA ARG A 542 42.56 0.23 -26.67
C ARG A 542 43.32 0.82 -25.49
N VAL A 543 42.69 1.75 -24.76
CA VAL A 543 43.36 2.37 -23.62
C VAL A 543 43.64 1.35 -22.53
N SER A 544 42.66 0.49 -22.23
CA SER A 544 42.85 -0.52 -21.19
C SER A 544 43.92 -1.51 -21.59
N ALA A 545 43.98 -1.89 -22.86
CA ALA A 545 45.05 -2.75 -23.32
C ALA A 545 46.41 -2.07 -23.22
N ILE A 546 46.46 -0.75 -23.43
CA ILE A 546 47.73 -0.04 -23.35
C ILE A 546 48.23 0.04 -21.91
N ILE A 547 47.33 0.38 -20.97
CA ILE A 547 47.75 0.64 -19.60
C ILE A 547 47.80 -0.63 -18.76
N THR A 548 46.65 -1.28 -18.59
CA THR A 548 46.57 -2.45 -17.72
C THR A 548 46.58 -3.77 -18.47
N ASN A 549 45.91 -3.84 -19.62
CA ASN A 549 45.88 -5.04 -20.47
C ASN A 549 45.31 -6.24 -19.71
N ALA A 550 44.11 -6.06 -19.18
CA ALA A 550 43.39 -7.18 -18.59
C ALA A 550 42.83 -8.07 -19.71
N PRO A 551 42.76 -9.38 -19.49
CA PRO A 551 42.27 -10.29 -20.54
C PRO A 551 40.76 -10.41 -20.63
N TYR A 552 40.01 -9.80 -19.71
CA TYR A 552 38.57 -9.86 -19.72
C TYR A 552 38.01 -8.47 -19.47
N VAL A 553 36.93 -8.13 -20.17
CA VAL A 553 36.37 -6.78 -20.16
C VAL A 553 34.93 -6.86 -19.66
N LEU A 554 34.61 -6.07 -18.65
CA LEU A 554 33.25 -6.00 -18.12
C LEU A 554 32.56 -4.74 -18.63
N ASN A 555 31.39 -4.92 -19.25
CA ASN A 555 30.62 -3.80 -19.77
C ASN A 555 29.48 -3.49 -18.80
N VAL A 556 29.54 -2.30 -18.20
CA VAL A 556 28.56 -1.87 -17.21
C VAL A 556 28.04 -0.50 -17.62
N ASP A 557 26.72 -0.35 -17.65
CA ASP A 557 26.11 0.94 -17.96
C ASP A 557 26.21 1.89 -16.78
N CYS A 558 25.96 3.18 -17.06
CA CYS A 558 26.06 4.18 -16.00
C CYS A 558 24.97 4.02 -14.96
N ASP A 559 23.79 3.58 -15.36
CA ASP A 559 22.67 3.42 -14.44
C ASP A 559 22.57 2.03 -13.84
N HIS A 560 23.50 1.13 -14.16
CA HIS A 560 23.51 -0.23 -13.64
C HIS A 560 24.65 -0.37 -12.64
N TYR A 561 24.35 -0.90 -11.46
CA TYR A 561 25.32 -1.09 -10.40
C TYR A 561 25.48 -2.57 -10.09
N ILE A 562 26.67 -2.94 -9.64
CA ILE A 562 26.96 -4.33 -9.31
C ILE A 562 26.26 -4.72 -8.01
N ASN A 563 25.16 -5.45 -8.13
CA ASN A 563 24.38 -5.82 -6.95
C ASN A 563 25.07 -6.90 -6.14
N ASN A 564 25.63 -7.91 -6.81
CA ASN A 564 26.30 -9.03 -6.16
C ASN A 564 27.80 -8.87 -6.32
N SER A 565 28.51 -8.75 -5.20
CA SER A 565 29.95 -8.53 -5.22
C SER A 565 30.74 -9.73 -5.71
N LYS A 566 30.10 -10.89 -5.84
CA LYS A 566 30.76 -12.11 -6.30
C LYS A 566 30.58 -12.34 -7.80
N ALA A 567 30.09 -11.36 -8.53
CA ALA A 567 29.82 -11.55 -9.96
C ALA A 567 31.10 -11.84 -10.74
N LEU A 568 32.20 -11.16 -10.39
CA LEU A 568 33.46 -11.40 -11.09
C LEU A 568 33.95 -12.83 -10.88
N ARG A 569 33.80 -13.35 -9.66
CA ARG A 569 34.21 -14.72 -9.39
C ARG A 569 33.35 -15.71 -10.16
N GLU A 570 32.05 -15.45 -10.26
CA GLU A 570 31.18 -16.33 -11.04
C GLU A 570 31.55 -16.29 -12.52
N ALA A 571 31.89 -15.11 -13.05
CA ALA A 571 32.35 -15.03 -14.43
C ALA A 571 33.65 -15.82 -14.63
N MET A 572 34.58 -15.70 -13.68
CA MET A 572 35.83 -16.45 -13.77
C MET A 572 35.64 -17.95 -13.60
N CYS A 573 34.55 -18.38 -12.95
CA CYS A 573 34.27 -19.80 -12.87
C CYS A 573 34.10 -20.42 -14.25
N PHE A 574 33.61 -19.65 -15.22
CA PHE A 574 33.49 -20.12 -16.60
C PHE A 574 34.71 -19.72 -17.43
N MET A 575 35.18 -18.48 -17.28
CA MET A 575 36.17 -17.94 -18.20
C MET A 575 37.57 -18.48 -17.92
N MET A 576 37.86 -18.88 -16.68
CA MET A 576 39.16 -19.41 -16.32
C MET A 576 39.25 -20.93 -16.45
N ASP A 577 38.19 -21.59 -16.91
CA ASP A 577 38.24 -23.03 -17.10
C ASP A 577 39.21 -23.35 -18.23
N PRO A 578 40.11 -24.32 -18.05
CA PRO A 578 41.10 -24.61 -19.10
C PRO A 578 40.51 -25.02 -20.43
N THR A 579 39.37 -25.72 -20.43
CA THR A 579 38.76 -26.22 -21.66
C THR A 579 37.71 -25.25 -22.21
N SER A 580 36.69 -24.94 -21.40
CA SER A 580 35.61 -24.08 -21.89
C SER A 580 36.06 -22.64 -22.07
N GLY A 581 36.94 -22.14 -21.19
CA GLY A 581 37.33 -20.75 -21.24
C GLY A 581 37.98 -20.34 -22.55
N LYS A 582 38.58 -21.31 -23.27
CA LYS A 582 39.20 -21.00 -24.55
C LYS A 582 38.15 -20.70 -25.62
N LYS A 583 37.01 -21.38 -25.57
CA LYS A 583 36.00 -21.29 -26.62
C LYS A 583 34.85 -20.35 -26.26
N ILE A 584 34.95 -19.58 -25.18
CA ILE A 584 33.88 -18.69 -24.75
C ILE A 584 34.22 -17.28 -25.19
N CYS A 585 33.26 -16.62 -25.84
CA CYS A 585 33.41 -15.23 -26.26
C CYS A 585 32.97 -14.26 -25.18
N TYR A 586 31.84 -14.54 -24.51
CA TYR A 586 31.39 -13.66 -23.44
C TYR A 586 30.45 -14.41 -22.52
N VAL A 587 30.30 -13.86 -21.32
CA VAL A 587 29.36 -14.34 -20.31
C VAL A 587 28.31 -13.26 -20.10
N GLN A 588 27.04 -13.63 -20.26
CA GLN A 588 25.94 -12.68 -20.21
C GLN A 588 25.12 -12.90 -18.93
N PHE A 589 24.80 -11.81 -18.25
CA PHE A 589 23.99 -11.82 -17.05
C PHE A 589 22.60 -11.24 -17.32
N PRO A 590 21.58 -11.70 -16.61
CA PRO A 590 20.23 -11.16 -16.81
C PRO A 590 20.15 -9.71 -16.38
N GLN A 591 19.24 -8.97 -16.99
CA GLN A 591 19.01 -7.56 -16.68
C GLN A 591 17.83 -7.44 -15.72
N ARG A 592 18.09 -6.89 -14.54
CA ARG A 592 17.06 -6.62 -13.56
C ARG A 592 17.02 -5.13 -13.25
N PHE A 593 15.86 -4.65 -12.82
CA PHE A 593 15.66 -3.23 -12.57
C PHE A 593 14.97 -3.02 -11.23
N ASP A 594 15.18 -1.84 -10.66
CA ASP A 594 14.58 -1.43 -9.41
C ASP A 594 13.59 -0.29 -9.65
N GLY A 595 12.80 0.01 -8.61
CA GLY A 595 11.84 1.09 -8.70
C GLY A 595 10.69 0.83 -9.63
N ILE A 596 10.39 -0.44 -9.91
CA ILE A 596 9.30 -0.81 -10.80
C ILE A 596 8.03 -0.96 -9.98
N ASP A 597 6.89 -0.72 -10.63
CA ASP A 597 5.60 -0.90 -9.97
C ASP A 597 5.39 -2.38 -9.64
N ARG A 598 4.59 -2.63 -8.60
CA ARG A 598 4.32 -4.01 -8.19
C ARG A 598 3.66 -4.80 -9.31
N HIS A 599 2.70 -4.19 -10.01
CA HIS A 599 2.07 -4.83 -11.14
C HIS A 599 2.89 -4.76 -12.42
N ASP A 600 3.93 -3.92 -12.45
CA ASP A 600 4.79 -3.74 -13.62
C ASP A 600 3.96 -3.36 -14.85
N ARG A 601 3.31 -2.19 -14.74
CA ARG A 601 2.33 -1.78 -15.73
C ARG A 601 2.92 -1.68 -17.14
N TYR A 602 4.20 -1.35 -17.26
CA TYR A 602 4.86 -1.22 -18.55
C TYR A 602 5.66 -2.45 -18.93
N SER A 603 5.53 -3.55 -18.18
CA SER A 603 6.30 -4.77 -18.42
C SER A 603 7.80 -4.50 -18.42
N ASN A 604 8.24 -3.66 -17.50
CA ASN A 604 9.66 -3.29 -17.44
C ASN A 604 10.51 -4.43 -16.91
N ARG A 605 9.95 -5.30 -16.07
CA ARG A 605 10.71 -6.44 -15.57
C ARG A 605 11.13 -7.36 -16.70
N ASN A 606 10.24 -7.61 -17.65
CA ASN A 606 10.52 -8.43 -18.82
C ASN A 606 10.96 -9.84 -18.42
N VAL A 607 10.14 -10.49 -17.60
CA VAL A 607 10.47 -11.83 -17.12
C VAL A 607 10.41 -12.85 -18.25
N VAL A 608 9.43 -12.71 -19.15
CA VAL A 608 9.21 -13.73 -20.17
C VAL A 608 10.45 -13.92 -21.03
N PHE A 609 11.01 -12.83 -21.54
CA PHE A 609 12.18 -12.95 -22.42
C PHE A 609 13.38 -13.50 -21.67
N PHE A 610 13.83 -12.82 -20.62
CA PHE A 610 15.06 -13.18 -19.92
C PHE A 610 14.98 -14.52 -19.20
N ASP A 611 13.79 -15.06 -18.95
CA ASP A 611 13.68 -16.38 -18.34
C ASP A 611 13.15 -17.47 -19.24
N ILE A 612 12.83 -17.18 -20.50
CA ILE A 612 12.49 -18.26 -21.43
C ILE A 612 13.42 -18.24 -22.64
N ASN A 613 13.45 -17.11 -23.36
CA ASN A 613 14.21 -17.04 -24.60
C ASN A 613 15.71 -17.11 -24.34
N MET A 614 16.17 -16.44 -23.28
CA MET A 614 17.59 -16.48 -22.95
C MET A 614 18.02 -17.90 -22.58
N LYS A 615 17.20 -18.61 -21.81
CA LYS A 615 17.51 -19.98 -21.45
C LYS A 615 17.48 -20.90 -22.67
N GLY A 616 16.54 -20.69 -23.58
CA GLY A 616 16.54 -21.47 -24.81
C GLY A 616 17.76 -21.20 -25.67
N LEU A 617 18.19 -19.94 -25.74
CA LEU A 617 19.41 -19.60 -26.47
C LEU A 617 20.62 -20.25 -25.83
N ASP A 618 20.67 -20.29 -24.49
CA ASP A 618 21.81 -20.85 -23.78
C ASP A 618 21.98 -22.34 -24.07
N GLY A 619 20.93 -23.03 -24.52
CA GLY A 619 21.00 -24.44 -24.78
C GLY A 619 21.52 -24.85 -26.14
N ILE A 620 21.77 -23.89 -27.04
CA ILE A 620 22.25 -24.18 -28.38
C ILE A 620 23.67 -23.67 -28.58
N GLN A 621 23.87 -22.36 -28.54
CA GLN A 621 25.20 -21.77 -28.68
C GLN A 621 25.51 -20.68 -27.67
N GLY A 622 24.50 -20.03 -27.08
CA GLY A 622 24.74 -18.99 -26.11
C GLY A 622 23.78 -17.83 -26.28
N PRO A 623 23.57 -17.07 -25.21
CA PRO A 623 22.67 -15.92 -25.29
C PRO A 623 23.25 -14.83 -26.18
N ILE A 624 22.34 -14.05 -26.78
CA ILE A 624 22.74 -12.92 -27.60
C ILE A 624 23.15 -11.77 -26.70
N TYR A 625 24.27 -11.12 -27.02
CA TYR A 625 24.76 -10.00 -26.24
C TYR A 625 23.79 -8.84 -26.37
N VAL A 626 23.08 -8.53 -25.27
CA VAL A 626 22.12 -7.43 -25.24
C VAL A 626 22.47 -6.53 -24.05
N GLY A 627 22.35 -5.23 -24.25
CA GLY A 627 22.50 -4.28 -23.17
C GLY A 627 23.87 -4.34 -22.52
N THR A 628 23.87 -4.41 -21.19
CA THR A 628 25.05 -4.31 -20.36
C THR A 628 25.24 -5.60 -19.55
N GLY A 629 26.18 -5.56 -18.61
CA GLY A 629 26.46 -6.70 -17.76
C GLY A 629 27.04 -7.89 -18.48
N CYS A 630 28.02 -7.66 -19.35
CA CYS A 630 28.61 -8.72 -20.15
C CYS A 630 30.11 -8.77 -19.89
N VAL A 631 30.63 -9.99 -19.75
CA VAL A 631 32.07 -10.22 -19.54
C VAL A 631 32.62 -10.78 -20.85
N PHE A 632 33.29 -9.93 -21.61
CA PHE A 632 33.86 -10.29 -22.90
C PHE A 632 35.29 -10.77 -22.74
N ARG A 633 35.70 -11.64 -23.66
CA ARG A 633 37.10 -12.08 -23.77
C ARG A 633 37.79 -11.25 -24.85
N ARG A 634 39.01 -10.79 -24.55
CA ARG A 634 39.72 -9.92 -25.47
C ARG A 634 40.02 -10.61 -26.79
N GLN A 635 40.35 -11.89 -26.75
CA GLN A 635 40.67 -12.62 -27.98
C GLN A 635 39.47 -12.69 -28.91
N ALA A 636 38.26 -12.79 -28.37
CA ALA A 636 37.07 -12.75 -29.21
C ALA A 636 36.91 -11.39 -29.89
N PHE A 637 37.22 -10.31 -29.17
CA PHE A 637 37.09 -8.96 -29.73
C PHE A 637 38.17 -8.66 -30.77
N TYR A 638 39.23 -9.45 -30.84
CA TYR A 638 40.32 -9.19 -31.76
C TYR A 638 40.16 -9.89 -33.10
N GLY A 639 39.04 -10.56 -33.33
CA GLY A 639 38.82 -11.24 -34.59
C GLY A 639 39.53 -12.56 -34.72
N TYR A 640 39.78 -13.25 -33.62
CA TYR A 640 40.45 -14.54 -33.64
C TYR A 640 39.43 -15.67 -33.48
N ASP A 641 39.74 -16.81 -34.09
CA ASP A 641 38.88 -17.98 -33.99
C ASP A 641 39.04 -18.65 -32.63
N ALA A 642 38.11 -19.54 -32.32
CA ALA A 642 38.14 -20.25 -31.04
C ALA A 642 39.32 -21.21 -31.03
N PRO A 643 40.22 -21.12 -30.05
CA PRO A 643 41.36 -22.05 -30.00
C PRO A 643 40.94 -23.51 -29.86
N THR A 644 39.85 -23.78 -29.13
CA THR A 644 39.37 -25.14 -28.90
C THR A 644 37.95 -25.24 -29.45
N SER A 645 37.81 -25.88 -30.60
CA SER A 645 36.50 -26.08 -31.21
C SER A 645 36.50 -27.29 -32.13
N SER A 713 54.59 -11.30 -39.70
CA SER A 713 53.32 -10.73 -40.16
C SER A 713 53.02 -9.43 -39.43
N GLN A 714 54.05 -8.60 -39.24
CA GLN A 714 53.86 -7.32 -38.56
C GLN A 714 52.97 -6.40 -39.39
N SER A 715 53.17 -6.37 -40.71
CA SER A 715 52.36 -5.51 -41.57
C SER A 715 50.89 -5.90 -41.53
N LYS A 716 50.61 -7.20 -41.43
CA LYS A 716 49.24 -7.66 -41.27
C LYS A 716 48.64 -7.13 -39.97
N PHE A 717 49.41 -7.15 -38.89
CA PHE A 717 48.94 -6.61 -37.62
C PHE A 717 48.66 -5.12 -37.71
N GLU A 718 49.55 -4.37 -38.36
CA GLU A 718 49.34 -2.94 -38.50
C GLU A 718 48.11 -2.61 -39.35
N LYS A 719 47.74 -3.50 -40.27
CA LYS A 719 46.56 -3.29 -41.10
C LYS A 719 45.26 -3.66 -40.38
N LYS A 720 45.35 -4.37 -39.26
CA LYS A 720 44.17 -4.85 -38.53
C LYS A 720 43.89 -4.09 -37.24
N PHE A 721 44.92 -3.80 -36.45
CA PHE A 721 44.74 -3.14 -35.16
C PHE A 721 45.04 -1.64 -35.20
N GLY A 722 46.10 -1.24 -35.86
CA GLY A 722 46.45 0.17 -35.93
C GLY A 722 47.95 0.33 -36.06
N GLN A 723 48.40 1.57 -35.86
CA GLN A 723 49.80 1.94 -36.00
C GLN A 723 50.49 2.12 -34.66
N SER A 724 49.94 1.55 -33.59
CA SER A 724 50.54 1.64 -32.25
C SER A 724 51.16 0.28 -31.93
N SER A 725 52.49 0.23 -31.94
CA SER A 725 53.19 -1.04 -31.70
C SER A 725 52.99 -1.54 -30.28
N VAL A 726 52.81 -0.63 -29.33
CA VAL A 726 52.58 -1.05 -27.94
C VAL A 726 51.28 -1.83 -27.82
N PHE A 727 50.24 -1.38 -28.52
CA PHE A 727 48.97 -2.11 -28.52
C PHE A 727 49.13 -3.47 -29.18
N ILE A 728 49.91 -3.54 -30.26
CA ILE A 728 50.16 -4.82 -30.91
C ILE A 728 50.85 -5.78 -29.96
N ALA A 729 51.85 -5.29 -29.22
CA ALA A 729 52.53 -6.13 -28.24
C ALA A 729 51.58 -6.57 -27.14
N SER A 730 50.71 -5.67 -26.68
CA SER A 730 49.79 -6.02 -25.60
C SER A 730 48.74 -7.03 -26.05
N THR A 731 48.38 -7.02 -27.34
CA THR A 731 47.36 -7.95 -27.83
C THR A 731 47.83 -9.40 -27.80
N LEU A 732 49.14 -9.65 -27.67
CA LEU A 732 49.69 -10.99 -27.71
C LEU A 732 49.82 -11.63 -26.34
N LEU A 733 49.35 -10.97 -25.29
CA LEU A 733 49.43 -11.50 -23.93
C LEU A 733 48.19 -12.37 -23.68
N GLU A 734 48.41 -13.67 -23.48
CA GLU A 734 47.28 -14.58 -23.30
C GLU A 734 46.63 -14.40 -21.93
N ASP A 735 47.43 -14.29 -20.88
CA ASP A 735 46.93 -14.16 -19.52
C ASP A 735 46.77 -12.72 -19.07
N GLY A 736 47.01 -11.76 -19.94
CA GLY A 736 46.89 -10.36 -19.59
C GLY A 736 48.15 -9.82 -18.92
N GLY A 737 48.06 -8.56 -18.50
CA GLY A 737 49.17 -7.89 -17.88
C GLY A 737 49.99 -7.10 -18.88
N VAL A 738 50.76 -6.16 -18.35
CA VAL A 738 51.62 -5.32 -19.20
C VAL A 738 52.76 -6.18 -19.76
N PRO A 739 53.02 -6.13 -21.07
CA PRO A 739 54.16 -6.87 -21.62
C PRO A 739 55.47 -6.40 -21.00
N LYS A 740 56.37 -7.36 -20.78
CA LYS A 740 57.64 -7.04 -20.13
C LYS A 740 58.48 -6.10 -20.98
N ALA A 741 58.48 -6.30 -22.30
CA ALA A 741 59.27 -5.46 -23.20
C ALA A 741 58.48 -4.20 -23.56
N ALA A 742 58.22 -3.40 -22.53
CA ALA A 742 57.50 -2.14 -22.69
C ALA A 742 57.87 -1.22 -21.54
N SER A 743 58.33 -0.01 -21.88
CA SER A 743 58.73 0.95 -20.87
C SER A 743 57.49 1.48 -20.15
N SER A 744 57.52 1.46 -18.81
CA SER A 744 56.38 1.94 -18.04
C SER A 744 56.27 3.46 -18.07
N ALA A 745 57.39 4.15 -18.25
CA ALA A 745 57.36 5.62 -18.29
C ALA A 745 56.58 6.11 -19.50
N THR A 746 56.77 5.50 -20.65
CA THR A 746 56.09 5.90 -21.88
C THR A 746 54.83 5.06 -22.08
N LEU A 747 53.86 5.28 -21.20
CA LEU A 747 52.57 4.62 -21.28
C LEU A 747 51.39 5.57 -21.41
N LEU A 748 51.46 6.75 -20.80
CA LEU A 748 50.39 7.72 -20.95
C LEU A 748 50.36 8.31 -22.36
N LYS A 749 51.54 8.53 -22.95
CA LYS A 749 51.59 9.09 -24.30
C LYS A 749 50.99 8.14 -25.31
N GLU A 750 51.29 6.84 -25.20
CA GLU A 750 50.70 5.87 -26.12
C GLU A 750 49.21 5.72 -25.90
N ALA A 751 48.76 5.80 -24.64
CA ALA A 751 47.33 5.74 -24.35
C ALA A 751 46.60 6.96 -24.91
N ILE A 752 47.25 8.13 -24.91
CA ILE A 752 46.68 9.29 -25.57
C ILE A 752 46.68 9.12 -27.08
N HIS A 753 47.72 8.49 -27.62
CA HIS A 753 47.79 8.27 -29.06
C HIS A 753 46.67 7.36 -29.54
N VAL A 754 46.37 6.30 -28.79
CA VAL A 754 45.37 5.34 -29.25
C VAL A 754 43.94 5.87 -29.20
N ILE A 755 43.70 7.03 -28.59
CA ILE A 755 42.38 7.65 -28.62
C ILE A 755 42.34 8.84 -29.59
N SER A 756 43.32 8.94 -30.48
CA SER A 756 43.29 10.00 -31.49
C SER A 756 42.13 9.78 -32.45
N CYS A 757 41.64 10.89 -33.01
CA CYS A 757 40.47 10.81 -33.90
C CYS A 757 40.80 10.03 -35.17
N GLY A 758 42.02 10.16 -35.68
CA GLY A 758 42.42 9.50 -36.90
C GLY A 758 43.07 8.14 -36.74
N TYR A 759 43.04 7.57 -35.54
CA TYR A 759 43.68 6.27 -35.32
C TYR A 759 42.99 5.18 -36.11
N GLU A 760 41.66 5.16 -36.13
CA GLU A 760 40.89 4.12 -36.81
C GLU A 760 40.76 4.43 -38.30
N ASP A 761 41.91 4.53 -38.96
CA ASP A 761 41.98 4.77 -40.40
C ASP A 761 42.72 3.61 -41.05
N LYS A 762 42.11 3.03 -42.08
CA LYS A 762 42.64 1.87 -42.80
C LYS A 762 42.82 0.66 -41.91
N THR A 763 42.08 0.60 -40.81
CA THR A 763 42.09 -0.53 -39.88
C THR A 763 40.74 -1.24 -39.92
N GLU A 764 40.65 -2.32 -39.14
CA GLU A 764 39.45 -3.13 -39.08
C GLU A 764 38.57 -2.82 -37.88
N TRP A 765 38.87 -1.75 -37.14
CA TRP A 765 38.07 -1.40 -35.98
C TRP A 765 36.67 -0.97 -36.42
N GLY A 766 35.65 -1.58 -35.80
CA GLY A 766 34.28 -1.29 -36.15
C GLY A 766 33.73 -2.08 -37.31
N LYS A 767 34.56 -2.87 -37.99
CA LYS A 767 34.11 -3.69 -39.11
C LYS A 767 34.28 -5.18 -38.84
N GLU A 768 35.45 -5.60 -38.37
CA GLU A 768 35.70 -7.00 -38.05
C GLU A 768 36.14 -7.22 -36.61
N VAL A 769 36.61 -6.19 -35.91
CA VAL A 769 37.08 -6.32 -34.54
C VAL A 769 36.40 -5.27 -33.68
N GLY A 770 36.27 -5.56 -32.39
CA GLY A 770 35.65 -4.64 -31.47
C GLY A 770 34.15 -4.52 -31.70
N TRP A 771 33.58 -3.46 -31.14
CA TRP A 771 32.18 -3.15 -31.39
C TRP A 771 31.98 -2.74 -32.84
N ILE A 772 30.91 -3.23 -33.45
CA ILE A 772 30.68 -3.08 -34.88
C ILE A 772 29.77 -1.87 -35.11
N TYR A 773 30.17 -0.99 -36.03
CA TYR A 773 29.39 0.18 -36.37
C TYR A 773 28.26 -0.23 -37.32
N GLY A 774 27.55 0.76 -37.85
CA GLY A 774 26.53 0.52 -38.86
C GLY A 774 25.14 0.24 -38.34
N SER A 775 24.96 0.13 -37.03
CA SER A 775 23.64 -0.14 -36.47
C SER A 775 23.50 0.55 -35.13
N VAL A 776 22.27 0.96 -34.82
CA VAL A 776 21.99 1.57 -33.51
C VAL A 776 22.20 0.54 -32.41
N THR A 777 21.70 -0.68 -32.61
CA THR A 777 21.88 -1.77 -31.65
C THR A 777 23.13 -2.55 -32.02
N GLU A 778 24.28 -1.96 -31.70
CA GLU A 778 25.56 -2.58 -32.03
C GLU A 778 25.82 -3.84 -31.22
N ASP A 779 25.12 -4.03 -30.11
CA ASP A 779 25.32 -5.22 -29.29
C ASP A 779 24.94 -6.49 -30.04
N ILE A 780 23.79 -6.47 -30.72
CA ILE A 780 23.35 -7.64 -31.48
C ILE A 780 24.34 -7.95 -32.59
N LEU A 781 24.80 -6.91 -33.30
CA LEU A 781 25.75 -7.13 -34.38
C LEU A 781 27.07 -7.69 -33.88
N THR A 782 27.57 -7.16 -32.75
CA THR A 782 28.81 -7.68 -32.18
C THR A 782 28.66 -9.13 -31.76
N GLY A 783 27.55 -9.47 -31.09
CA GLY A 783 27.32 -10.85 -30.71
C GLY A 783 27.21 -11.79 -31.89
N PHE A 784 26.51 -11.35 -32.94
CA PHE A 784 26.38 -12.17 -34.14
C PHE A 784 27.72 -12.37 -34.83
N LYS A 785 28.55 -11.33 -34.88
CA LYS A 785 29.86 -11.46 -35.50
C LYS A 785 30.77 -12.37 -34.70
N MET A 786 30.67 -12.34 -33.37
CA MET A 786 31.42 -13.32 -32.58
C MET A 786 30.91 -14.73 -32.81
N HIS A 787 29.59 -14.91 -32.88
CA HIS A 787 29.01 -16.24 -33.00
C HIS A 787 29.30 -16.86 -34.36
N CYS A 788 29.33 -16.06 -35.43
CA CYS A 788 29.64 -16.59 -36.75
C CYS A 788 31.08 -17.08 -36.85
N HIS A 789 31.95 -16.68 -35.94
CA HIS A 789 33.31 -17.19 -35.89
C HIS A 789 33.41 -18.57 -35.25
N GLY A 790 32.34 -19.05 -34.64
CA GLY A 790 32.34 -20.33 -33.97
C GLY A 790 32.46 -20.27 -32.46
N TRP A 791 32.45 -19.09 -31.87
CA TRP A 791 32.57 -18.96 -30.43
C TRP A 791 31.27 -19.38 -29.75
N ARG A 792 31.40 -19.76 -28.48
CA ARG A 792 30.27 -20.13 -27.64
C ARG A 792 30.11 -19.15 -26.49
N SER A 793 28.88 -19.06 -25.98
CA SER A 793 28.57 -18.15 -24.88
C SER A 793 27.76 -18.89 -23.82
N VAL A 794 27.84 -18.38 -22.59
CA VAL A 794 27.08 -18.91 -21.47
C VAL A 794 26.16 -17.83 -20.95
N TYR A 795 25.17 -18.24 -20.16
CA TYR A 795 24.17 -17.34 -19.59
C TYR A 795 24.19 -17.55 -18.08
N CYS A 796 25.07 -16.83 -17.39
CA CYS A 796 25.17 -16.93 -15.94
C CYS A 796 23.92 -16.33 -15.29
N MET A 797 23.30 -17.09 -14.39
CA MET A 797 22.09 -16.67 -13.69
C MET A 797 22.32 -16.88 -12.19
N PRO A 798 23.01 -15.96 -11.53
CA PRO A 798 23.30 -16.13 -10.10
C PRO A 798 22.03 -16.06 -9.26
N LYS A 799 22.11 -16.68 -8.09
CA LYS A 799 21.01 -16.69 -7.13
C LYS A 799 20.61 -15.27 -6.77
N ARG A 800 21.59 -14.46 -6.36
CA ARG A 800 21.37 -13.04 -6.20
C ARG A 800 21.75 -12.32 -7.49
N PRO A 801 20.88 -11.47 -8.04
CA PRO A 801 21.19 -10.82 -9.31
C PRO A 801 22.49 -10.03 -9.25
N ALA A 802 23.29 -10.17 -10.30
CA ALA A 802 24.60 -9.54 -10.32
C ALA A 802 24.50 -8.03 -10.55
N PHE A 803 23.63 -7.61 -11.46
CA PHE A 803 23.50 -6.21 -11.82
C PHE A 803 22.05 -5.78 -11.75
N LYS A 804 21.83 -4.55 -11.30
CA LYS A 804 20.49 -3.97 -11.25
C LYS A 804 20.55 -2.54 -11.77
N GLY A 805 19.51 -2.14 -12.49
CA GLY A 805 19.44 -0.82 -13.07
C GLY A 805 18.15 -0.09 -12.79
N SER A 806 17.83 0.91 -13.60
CA SER A 806 16.63 1.72 -13.43
C SER A 806 15.71 1.52 -14.63
N ALA A 807 14.44 1.22 -14.36
CA ALA A 807 13.45 1.03 -15.41
C ALA A 807 12.90 2.38 -15.88
N PRO A 808 12.40 2.44 -17.11
CA PRO A 808 11.77 3.69 -17.59
C PRO A 808 10.57 4.06 -16.72
N ILE A 809 10.37 5.37 -16.55
CA ILE A 809 9.34 5.86 -15.64
C ILE A 809 7.96 5.79 -16.30
N ASN A 810 7.80 6.50 -17.42
CA ASN A 810 6.51 6.60 -18.08
C ASN A 810 6.52 5.80 -19.39
N LEU A 811 5.39 5.85 -20.10
CA LEU A 811 5.24 5.07 -21.32
C LEU A 811 6.04 5.65 -22.48
N SER A 812 6.29 6.96 -22.46
CA SER A 812 6.99 7.61 -23.58
C SER A 812 8.40 7.07 -23.74
N ASP A 813 9.14 6.93 -22.63
CA ASP A 813 10.50 6.43 -22.72
C ASP A 813 10.53 4.98 -23.20
N ARG A 814 9.61 4.16 -22.71
CA ARG A 814 9.56 2.77 -23.16
C ARG A 814 9.22 2.68 -24.64
N LEU A 815 8.27 3.50 -25.11
CA LEU A 815 7.92 3.50 -26.53
C LEU A 815 9.10 3.94 -27.38
N HIS A 816 9.83 4.98 -26.94
CA HIS A 816 11.00 5.44 -27.69
C HIS A 816 12.08 4.37 -27.72
N GLN A 817 12.28 3.67 -26.61
CA GLN A 817 13.29 2.60 -26.57
C GLN A 817 12.90 1.45 -27.49
N VAL A 818 11.62 1.08 -27.51
CA VAL A 818 11.17 0.02 -28.41
C VAL A 818 11.34 0.45 -29.86
N LEU A 819 11.02 1.71 -30.16
CA LEU A 819 11.20 2.22 -31.52
C LEU A 819 12.67 2.19 -31.92
N ARG A 820 13.56 2.55 -31.00
CA ARG A 820 14.99 2.50 -31.29
C ARG A 820 15.44 1.06 -31.55
N TRP A 821 14.98 0.11 -30.75
CA TRP A 821 15.34 -1.29 -30.96
C TRP A 821 14.83 -1.77 -32.32
N ALA A 822 13.60 -1.43 -32.67
CA ALA A 822 13.05 -1.86 -33.96
C ALA A 822 13.78 -1.21 -35.12
N LEU A 823 14.15 0.06 -34.99
CA LEU A 823 14.92 0.73 -36.03
C LEU A 823 16.29 0.07 -36.21
N GLY A 824 16.95 -0.28 -35.10
CA GLY A 824 18.21 -0.99 -35.21
C GLY A 824 18.06 -2.34 -35.87
N SER A 825 17.01 -3.07 -35.52
CA SER A 825 16.75 -4.36 -36.16
C SER A 825 16.51 -4.21 -37.66
N VAL A 826 15.75 -3.19 -38.05
CA VAL A 826 15.49 -2.96 -39.47
C VAL A 826 16.78 -2.59 -40.21
N GLU A 827 17.62 -1.75 -39.58
CA GLU A 827 18.88 -1.36 -40.20
C GLU A 827 19.80 -2.57 -40.36
N ILE A 828 19.82 -3.46 -39.37
CA ILE A 828 20.59 -4.70 -39.51
C ILE A 828 20.03 -5.56 -40.62
N PHE A 829 18.70 -5.61 -40.75
CA PHE A 829 18.06 -6.40 -41.79
C PHE A 829 18.44 -5.90 -43.18
N PHE A 830 18.46 -4.58 -43.37
CA PHE A 830 18.75 -4.02 -44.68
C PHE A 830 20.25 -3.91 -44.97
N SER A 831 21.10 -4.19 -43.98
CA SER A 831 22.54 -4.11 -44.18
C SER A 831 23.06 -5.42 -44.76
N ARG A 832 24.39 -5.51 -44.90
CA ARG A 832 25.04 -6.71 -45.42
C ARG A 832 25.32 -7.75 -44.35
N HIS A 833 24.98 -7.46 -43.09
CA HIS A 833 25.21 -8.38 -41.98
C HIS A 833 23.96 -9.16 -41.60
N CYS A 834 23.01 -9.28 -42.51
CA CYS A 834 21.78 -10.01 -42.22
C CYS A 834 22.09 -11.49 -42.00
N PRO A 835 21.56 -12.10 -40.95
CA PRO A 835 21.83 -13.53 -40.72
C PRO A 835 21.31 -14.43 -41.82
N ILE A 836 20.38 -13.95 -42.65
CA ILE A 836 19.82 -14.79 -43.71
C ILE A 836 20.87 -15.14 -44.74
N TRP A 837 21.71 -14.16 -45.12
CA TRP A 837 22.68 -14.37 -46.19
C TRP A 837 24.10 -14.04 -45.76
N TYR A 838 24.40 -14.06 -44.47
CA TYR A 838 25.74 -13.80 -43.98
C TYR A 838 26.13 -14.86 -42.95
N GLY A 839 27.43 -15.14 -42.88
CA GLY A 839 27.95 -16.11 -41.94
C GLY A 839 27.97 -17.55 -42.40
N TYR A 840 27.83 -17.79 -43.71
CA TYR A 840 27.81 -19.15 -44.24
C TYR A 840 29.23 -19.69 -44.30
N GLY A 841 29.77 -19.98 -43.11
CA GLY A 841 31.09 -20.56 -42.98
C GLY A 841 31.06 -21.90 -42.28
N GLY A 842 29.92 -22.22 -41.67
CA GLY A 842 29.73 -23.45 -40.93
C GLY A 842 29.87 -23.30 -39.43
N GLY A 843 30.50 -22.22 -38.96
CA GLY A 843 30.64 -22.03 -37.52
C GLY A 843 29.31 -21.76 -36.82
N LEU A 844 28.45 -20.98 -37.46
CA LEU A 844 27.16 -20.64 -36.85
C LEU A 844 26.20 -21.82 -36.93
N LYS A 845 25.58 -22.14 -35.80
CA LYS A 845 24.61 -23.23 -35.76
C LYS A 845 23.29 -22.80 -36.41
N SER A 846 22.56 -23.80 -36.91
CA SER A 846 21.31 -23.52 -37.62
C SER A 846 20.28 -22.89 -36.69
N LEU A 847 20.14 -23.42 -35.48
CA LEU A 847 19.15 -22.88 -34.55
C LEU A 847 19.51 -21.47 -34.11
N GLU A 848 20.80 -21.20 -33.90
CA GLU A 848 21.23 -19.85 -33.57
C GLU A 848 20.97 -18.89 -34.72
N ARG A 849 21.16 -19.35 -35.96
CA ARG A 849 20.84 -18.53 -37.12
C ARG A 849 19.34 -18.23 -37.18
N PHE A 850 18.51 -19.23 -36.89
CA PHE A 850 17.06 -19.00 -36.87
C PHE A 850 16.69 -17.99 -35.79
N SER A 851 17.32 -18.10 -34.62
CA SER A 851 17.06 -17.13 -33.55
C SER A 851 17.47 -15.73 -33.96
N TYR A 852 18.62 -15.59 -34.61
CA TYR A 852 19.06 -14.27 -35.06
C TYR A 852 18.10 -13.70 -36.09
N ILE A 853 17.63 -14.53 -37.02
CA ILE A 853 16.66 -14.07 -38.00
C ILE A 853 15.37 -13.64 -37.31
N ASN A 854 14.92 -14.41 -36.32
CA ASN A 854 13.71 -14.05 -35.58
C ASN A 854 13.88 -12.71 -34.88
N SER A 855 15.04 -12.49 -34.26
CA SER A 855 15.32 -11.22 -33.61
C SER A 855 15.51 -10.09 -34.61
N VAL A 856 15.76 -10.39 -35.88
CA VAL A 856 15.98 -9.34 -36.87
C VAL A 856 14.67 -8.91 -37.52
N VAL A 857 13.85 -9.87 -37.97
CA VAL A 857 12.65 -9.57 -38.72
C VAL A 857 11.40 -9.55 -37.83
N TYR A 858 11.59 -9.48 -36.51
CA TYR A 858 10.42 -9.43 -35.62
C TYR A 858 9.56 -8.18 -35.83
N PRO A 859 10.10 -6.96 -35.97
CA PRO A 859 9.20 -5.81 -36.14
C PRO A 859 8.34 -5.89 -37.38
N LEU A 860 8.76 -6.66 -38.39
CA LEU A 860 7.96 -6.82 -39.60
C LEU A 860 6.60 -7.45 -39.30
N THR A 861 6.44 -8.09 -38.14
CA THR A 861 5.13 -8.60 -37.77
C THR A 861 4.14 -7.49 -37.40
N SER A 862 4.49 -6.22 -37.53
CA SER A 862 3.54 -5.15 -37.22
C SER A 862 2.39 -5.12 -38.21
N ILE A 863 2.68 -5.31 -39.51
CA ILE A 863 1.64 -5.20 -40.53
C ILE A 863 0.52 -6.23 -40.33
N PRO A 864 0.81 -7.52 -40.13
CA PRO A 864 -0.30 -8.45 -39.86
C PRO A 864 -1.07 -8.11 -38.60
N LEU A 865 -0.41 -7.57 -37.58
CA LEU A 865 -1.12 -7.20 -36.35
C LEU A 865 -2.11 -6.06 -36.62
N ILE A 866 -1.63 -4.97 -37.22
CA ILE A 866 -2.46 -3.77 -37.36
C ILE A 866 -3.66 -4.05 -38.26
N ALA A 867 -3.54 -4.99 -39.19
CA ALA A 867 -4.71 -5.40 -39.97
C ALA A 867 -5.67 -6.21 -39.12
N TYR A 868 -5.14 -7.18 -38.36
CA TYR A 868 -6.01 -8.08 -37.60
C TYR A 868 -6.83 -7.31 -36.56
N CYS A 869 -6.18 -6.40 -35.84
CA CYS A 869 -6.89 -5.58 -34.87
C CYS A 869 -7.94 -4.69 -35.53
N ALA A 870 -7.78 -4.38 -36.82
CA ALA A 870 -8.78 -3.62 -37.56
C ALA A 870 -9.82 -4.51 -38.23
N LEU A 871 -9.64 -5.83 -38.19
CA LEU A 871 -10.60 -6.72 -38.84
C LEU A 871 -11.99 -6.67 -38.21
N PRO A 872 -12.17 -6.76 -36.88
CA PRO A 872 -13.54 -6.79 -36.35
C PRO A 872 -14.31 -5.51 -36.60
N ALA A 873 -13.67 -4.35 -36.43
CA ALA A 873 -14.39 -3.08 -36.59
C ALA A 873 -14.95 -2.93 -37.99
N VAL A 874 -14.16 -3.26 -39.01
CA VAL A 874 -14.67 -3.27 -40.39
C VAL A 874 -15.86 -4.21 -40.49
N CYS A 875 -15.74 -5.40 -39.89
CA CYS A 875 -16.86 -6.33 -39.87
C CYS A 875 -18.07 -5.71 -39.19
N LEU A 876 -17.83 -4.92 -38.14
CA LEU A 876 -18.94 -4.28 -37.44
C LEU A 876 -19.50 -3.09 -38.21
N LEU A 877 -18.78 -2.60 -39.21
CA LEU A 877 -19.21 -1.44 -39.98
C LEU A 877 -19.62 -1.79 -41.41
N THR A 878 -19.53 -3.06 -41.80
CA THR A 878 -19.89 -3.50 -43.14
C THR A 878 -20.94 -4.59 -43.15
N GLY A 879 -20.90 -5.52 -42.21
CA GLY A 879 -21.84 -6.61 -42.15
C GLY A 879 -21.36 -7.93 -42.72
N LYS A 880 -20.07 -8.20 -42.65
CA LYS A 880 -19.49 -9.44 -43.18
C LYS A 880 -18.69 -10.14 -42.09
N PHE A 881 -18.51 -11.45 -42.26
CA PHE A 881 -17.76 -12.26 -41.33
C PHE A 881 -16.72 -13.07 -42.09
N ILE A 882 -15.59 -13.33 -41.43
CA ILE A 882 -14.50 -14.06 -42.07
C ILE A 882 -14.77 -15.56 -42.16
N VAL A 883 -15.74 -16.07 -41.39
CA VAL A 883 -16.08 -17.48 -41.41
C VAL A 883 -17.30 -17.66 -42.30
N PRO A 884 -17.27 -18.59 -43.27
CA PRO A 884 -18.44 -18.79 -44.14
C PRO A 884 -19.69 -19.16 -43.37
N GLU A 885 -19.61 -20.22 -42.57
CA GLU A 885 -20.74 -20.65 -41.77
C GLU A 885 -20.22 -21.46 -40.58
N ILE A 886 -20.76 -21.20 -39.40
CA ILE A 886 -20.33 -21.91 -38.20
C ILE A 886 -20.80 -23.36 -38.30
N SER A 887 -19.83 -24.28 -38.30
CA SER A 887 -20.11 -25.71 -38.40
C SER A 887 -19.46 -26.44 -37.24
N ASN A 888 -19.89 -27.68 -37.03
CA ASN A 888 -19.33 -28.49 -35.95
C ASN A 888 -17.85 -28.75 -36.16
N TYR A 889 -17.45 -29.07 -37.40
CA TYR A 889 -16.04 -29.34 -37.69
C TYR A 889 -15.19 -28.09 -37.47
N ALA A 890 -15.65 -26.94 -37.98
CA ALA A 890 -14.90 -25.70 -37.81
C ALA A 890 -14.82 -25.31 -36.34
N SER A 891 -15.94 -25.44 -35.61
CA SER A 891 -15.92 -25.11 -34.19
C SER A 891 -14.98 -26.03 -33.43
N ILE A 892 -14.96 -27.32 -33.77
CA ILE A 892 -14.06 -28.27 -33.12
C ILE A 892 -12.61 -27.88 -33.39
N ILE A 893 -12.29 -27.52 -34.64
CA ILE A 893 -10.92 -27.13 -34.97
C ILE A 893 -10.52 -25.88 -34.21
N PHE A 894 -11.41 -24.88 -34.16
CA PHE A 894 -11.10 -23.64 -33.44
C PHE A 894 -10.88 -23.90 -31.96
N MET A 895 -11.76 -24.71 -31.34
CA MET A 895 -11.62 -25.02 -29.93
C MET A 895 -10.34 -25.79 -29.66
N ALA A 896 -9.99 -26.74 -30.53
CA ALA A 896 -8.76 -27.49 -30.35
C ALA A 896 -7.54 -26.58 -30.44
N LEU A 897 -7.54 -25.66 -31.41
CA LEU A 897 -6.42 -24.73 -31.53
C LEU A 897 -6.29 -23.84 -30.31
N PHE A 898 -7.42 -23.29 -29.83
CA PHE A 898 -7.37 -22.43 -28.65
C PHE A 898 -6.90 -23.20 -27.43
N ILE A 899 -7.39 -24.43 -27.25
CA ILE A 899 -6.98 -25.24 -26.10
C ILE A 899 -5.50 -25.56 -26.18
N SER A 900 -5.00 -25.89 -27.37
CA SER A 900 -3.59 -26.18 -27.54
C SER A 900 -2.73 -24.96 -27.21
N ILE A 901 -3.15 -23.78 -27.67
CA ILE A 901 -2.39 -22.56 -27.39
C ILE A 901 -2.35 -22.29 -25.90
N ALA A 902 -3.52 -22.38 -25.25
CA ALA A 902 -3.58 -22.11 -23.82
C ALA A 902 -2.75 -23.12 -23.02
N ALA A 903 -2.83 -24.40 -23.38
CA ALA A 903 -2.05 -25.41 -22.67
C ALA A 903 -0.56 -25.19 -22.86
N THR A 904 -0.13 -24.89 -24.10
CA THR A 904 1.28 -24.64 -24.36
C THR A 904 1.79 -23.46 -23.55
N GLY A 905 1.00 -22.38 -23.48
CA GLY A 905 1.35 -21.29 -22.59
C GLY A 905 1.44 -21.72 -21.15
N ILE A 906 0.54 -22.62 -20.73
CA ILE A 906 0.53 -23.09 -19.35
C ILE A 906 1.83 -23.81 -19.02
N LEU A 907 2.28 -24.71 -19.90
CA LEU A 907 3.54 -25.39 -19.61
C LEU A 907 4.73 -24.45 -19.78
N GLU A 908 4.59 -23.41 -20.62
CA GLU A 908 5.63 -22.39 -20.67
C GLU A 908 5.82 -21.75 -19.30
N MET A 909 4.71 -21.39 -18.65
CA MET A 909 4.82 -20.86 -17.29
C MET A 909 5.36 -21.91 -16.33
N GLN A 910 4.92 -23.16 -16.47
CA GLN A 910 5.30 -24.20 -15.53
C GLN A 910 6.81 -24.44 -15.56
N TRP A 911 7.38 -24.59 -16.76
CA TRP A 911 8.82 -24.84 -16.84
C TRP A 911 9.64 -23.57 -16.65
N GLY A 912 9.12 -22.41 -17.06
CA GLY A 912 9.85 -21.17 -16.90
C GLY A 912 9.68 -20.46 -15.57
N GLY A 913 8.72 -20.88 -14.77
CA GLY A 913 8.48 -20.26 -13.48
C GLY A 913 8.05 -18.81 -13.58
N VAL A 914 7.09 -18.53 -14.47
CA VAL A 914 6.60 -17.18 -14.71
C VAL A 914 5.13 -17.11 -14.32
N GLY A 915 4.77 -16.10 -13.53
CA GLY A 915 3.39 -15.95 -13.10
C GLY A 915 2.48 -15.47 -14.21
N ILE A 916 1.18 -15.72 -14.01
CA ILE A 916 0.19 -15.38 -15.03
C ILE A 916 0.18 -13.88 -15.30
N HIS A 917 0.28 -13.07 -14.24
CA HIS A 917 0.21 -11.62 -14.38
C HIS A 917 1.33 -11.11 -15.28
N ASP A 918 2.55 -11.60 -15.05
CA ASP A 918 3.71 -11.11 -15.79
C ASP A 918 3.56 -11.40 -17.29
N TRP A 919 3.21 -12.63 -17.65
CA TRP A 919 3.09 -12.98 -19.07
C TRP A 919 1.88 -12.32 -19.70
N TRP A 920 0.79 -12.15 -18.94
CA TRP A 920 -0.39 -11.48 -19.48
C TRP A 920 -0.08 -10.03 -19.83
N ARG A 921 0.59 -9.31 -18.92
CA ARG A 921 0.94 -7.93 -19.22
C ARG A 921 2.06 -7.86 -20.25
N ASN A 922 2.91 -8.88 -20.34
CA ASN A 922 3.91 -8.93 -21.40
C ASN A 922 3.25 -9.06 -22.76
N GLU A 923 2.21 -9.88 -22.86
CA GLU A 923 1.46 -9.98 -24.11
C GLU A 923 0.77 -8.67 -24.45
N GLN A 924 0.18 -8.02 -23.44
CA GLN A 924 -0.42 -6.70 -23.66
C GLN A 924 0.61 -5.73 -24.23
N PHE A 925 1.79 -5.66 -23.62
CA PHE A 925 2.82 -4.74 -24.07
C PHE A 925 3.36 -5.13 -25.45
N TRP A 926 3.43 -6.44 -25.74
CA TRP A 926 3.88 -6.86 -27.06
C TRP A 926 2.91 -6.39 -28.14
N VAL A 927 1.60 -6.54 -27.89
CA VAL A 927 0.61 -6.06 -28.84
C VAL A 927 0.70 -4.55 -28.99
N ILE A 928 0.84 -3.84 -27.86
CA ILE A 928 0.93 -2.38 -27.90
C ILE A 928 2.15 -1.93 -28.70
N GLY A 929 3.30 -2.58 -28.46
CA GLY A 929 4.50 -2.22 -29.19
C GLY A 929 4.40 -2.51 -30.67
N GLY A 930 3.89 -3.69 -31.03
CA GLY A 930 3.71 -4.01 -32.43
C GLY A 930 2.76 -3.07 -33.14
N ALA A 931 1.73 -2.60 -32.43
CA ALA A 931 0.79 -1.66 -33.04
C ALA A 931 1.35 -0.25 -33.13
N SER A 932 2.24 0.15 -32.22
CA SER A 932 2.66 1.54 -32.11
C SER A 932 4.05 1.80 -32.68
N SER A 933 5.08 1.10 -32.20
CA SER A 933 6.44 1.49 -32.54
C SER A 933 6.94 0.77 -33.79
N HIS A 934 6.60 -0.51 -33.95
CA HIS A 934 7.07 -1.26 -35.09
C HIS A 934 6.52 -0.71 -36.39
N LEU A 935 5.30 -0.19 -36.37
CA LEU A 935 4.71 0.39 -37.59
C LEU A 935 5.53 1.57 -38.08
N PHE A 936 5.90 2.48 -37.18
CA PHE A 936 6.74 3.60 -37.59
C PHE A 936 8.16 3.16 -37.92
N ALA A 937 8.66 2.10 -37.28
CA ALA A 937 9.96 1.57 -37.66
C ALA A 937 9.95 1.11 -39.10
N LEU A 938 8.92 0.34 -39.49
CA LEU A 938 8.80 -0.10 -40.88
C LEU A 938 8.57 1.07 -41.82
N PHE A 939 7.80 2.07 -41.38
CA PHE A 939 7.58 3.26 -42.22
C PHE A 939 8.90 3.97 -42.50
N GLN A 940 9.72 4.15 -41.47
CA GLN A 940 11.02 4.79 -41.65
C GLN A 940 11.94 3.94 -42.52
N GLY A 941 11.90 2.61 -42.35
CA GLY A 941 12.70 1.75 -43.20
C GLY A 941 12.31 1.86 -44.67
N LEU A 942 11.00 1.84 -44.95
CA LEU A 942 10.53 1.98 -46.31
C LEU A 942 10.87 3.35 -46.88
N LEU A 943 10.77 4.40 -46.06
CA LEU A 943 11.14 5.74 -46.52
C LEU A 943 12.62 5.82 -46.85
N LYS A 944 13.47 5.20 -46.04
CA LYS A 944 14.90 5.17 -46.33
C LYS A 944 15.20 4.34 -47.58
N VAL A 945 14.44 3.27 -47.81
CA VAL A 945 14.65 2.46 -49.00
C VAL A 945 14.26 3.24 -50.26
N LEU A 946 13.10 3.90 -50.24
CA LEU A 946 12.58 4.56 -51.42
C LEU A 946 12.92 6.05 -51.49
N ALA A 947 13.54 6.61 -50.46
CA ALA A 947 13.85 8.04 -50.43
C ALA A 947 14.93 8.27 -49.37
N GLY A 948 15.15 9.54 -49.03
CA GLY A 948 16.14 9.88 -48.03
C GLY A 948 15.61 10.80 -46.95
N VAL A 949 14.35 10.62 -46.57
CA VAL A 949 13.70 11.44 -45.56
C VAL A 949 13.73 10.71 -44.22
N ASN A 950 13.71 11.48 -43.15
CA ASN A 950 13.73 10.92 -41.80
C ASN A 950 13.11 11.92 -40.84
N THR A 951 12.73 11.42 -39.67
CA THR A 951 12.13 12.26 -38.64
C THR A 951 13.17 13.18 -38.00
N LYS A 972 7.17 14.50 -25.61
CA LYS A 972 6.95 13.20 -26.24
C LYS A 972 6.72 13.36 -27.74
N TRP A 973 7.14 12.35 -28.51
CA TRP A 973 6.90 12.34 -29.95
C TRP A 973 5.43 12.01 -30.18
N THR A 974 4.62 13.04 -30.41
CA THR A 974 3.18 12.88 -30.46
C THR A 974 2.71 12.39 -31.82
N SER A 975 3.30 11.31 -32.32
CA SER A 975 2.83 10.69 -33.56
C SER A 975 2.68 9.19 -33.36
N LEU A 976 3.47 8.61 -32.46
CA LEU A 976 3.46 7.17 -32.27
C LEU A 976 2.13 6.68 -31.69
N LEU A 977 1.46 7.52 -30.91
CA LEU A 977 0.19 7.13 -30.30
C LEU A 977 -0.99 7.28 -31.23
N ILE A 978 -0.79 7.84 -32.43
CA ILE A 978 -1.91 8.02 -33.36
C ILE A 978 -2.50 6.69 -33.81
N PRO A 979 -1.73 5.71 -34.28
CA PRO A 979 -2.34 4.45 -34.75
C PRO A 979 -3.09 3.71 -33.65
N PRO A 980 -2.51 3.51 -32.45
CA PRO A 980 -3.26 2.72 -31.45
C PRO A 980 -4.55 3.39 -31.00
N LEU A 981 -4.51 4.69 -30.71
CA LEU A 981 -5.73 5.38 -30.29
C LEU A 981 -6.77 5.41 -31.40
N THR A 982 -6.33 5.65 -32.63
CA THR A 982 -7.27 5.66 -33.76
C THR A 982 -7.94 4.30 -33.91
N LEU A 983 -7.15 3.22 -33.83
CA LEU A 983 -7.71 1.88 -33.95
C LEU A 983 -8.65 1.58 -32.78
N LEU A 984 -8.30 2.03 -31.58
CA LEU A 984 -9.15 1.78 -30.41
C LEU A 984 -10.51 2.44 -30.56
N ILE A 985 -10.52 3.72 -30.94
CA ILE A 985 -11.82 4.39 -31.04
C ILE A 985 -12.57 3.94 -32.29
N ILE A 986 -11.86 3.49 -33.34
CA ILE A 986 -12.54 2.83 -34.44
C ILE A 986 -13.26 1.58 -33.97
N ASN A 987 -12.60 0.77 -33.14
CA ASN A 987 -13.23 -0.44 -32.61
C ASN A 987 -14.42 -0.09 -31.73
N ILE A 988 -14.30 0.96 -30.91
CA ILE A 988 -15.41 1.36 -30.05
C ILE A 988 -16.61 1.80 -30.89
N ILE A 989 -16.36 2.64 -31.90
CA ILE A 989 -17.42 3.12 -32.77
C ILE A 989 -18.06 1.96 -33.52
N GLY A 990 -17.24 1.03 -34.02
CA GLY A 990 -17.78 -0.13 -34.70
C GLY A 990 -18.65 -1.00 -33.79
N VAL A 991 -18.21 -1.17 -32.54
CA VAL A 991 -19.01 -1.93 -31.58
C VAL A 991 -20.36 -1.26 -31.37
N ILE A 992 -20.35 0.05 -31.17
CA ILE A 992 -21.61 0.78 -30.94
C ILE A 992 -22.52 0.66 -32.16
N VAL A 993 -21.95 0.84 -33.35
CA VAL A 993 -22.75 0.80 -34.58
C VAL A 993 -23.33 -0.60 -34.80
N GLY A 994 -22.52 -1.64 -34.58
CA GLY A 994 -23.01 -3.00 -34.74
C GLY A 994 -24.09 -3.35 -33.75
N VAL A 995 -23.92 -2.93 -32.49
CA VAL A 995 -24.95 -3.17 -31.49
C VAL A 995 -26.25 -2.47 -31.87
N SER A 996 -26.16 -1.23 -32.33
CA SER A 996 -27.36 -0.51 -32.75
C SER A 996 -28.02 -1.18 -33.95
N ASP A 997 -27.23 -1.63 -34.91
CA ASP A 997 -27.79 -2.15 -36.16
C ASP A 997 -28.40 -3.53 -35.97
N ALA A 998 -27.69 -4.42 -35.28
CA ALA A 998 -28.07 -5.83 -35.23
C ALA A 998 -28.91 -6.19 -34.01
N ILE A 999 -29.16 -5.26 -33.10
CA ILE A 999 -29.93 -5.56 -31.91
C ILE A 999 -31.10 -4.60 -31.80
N ASN A 1000 -30.82 -3.29 -31.81
CA ASN A 1000 -31.88 -2.30 -31.62
C ASN A 1000 -32.86 -2.31 -32.79
N ASN A 1001 -32.34 -2.35 -34.02
CA ASN A 1001 -33.18 -2.31 -35.22
C ASN A 1001 -33.49 -3.70 -35.76
N GLY A 1002 -32.46 -4.47 -36.10
CA GLY A 1002 -32.66 -5.78 -36.68
C GLY A 1002 -33.20 -6.82 -35.71
N TYR A 1003 -32.40 -7.16 -34.71
CA TYR A 1003 -32.73 -8.20 -33.72
C TYR A 1003 -33.00 -9.49 -34.48
N ASP A 1004 -34.09 -10.21 -34.23
CA ASP A 1004 -34.41 -11.46 -34.89
C ASP A 1004 -33.25 -12.45 -34.79
N SER A 1005 -32.62 -12.76 -35.92
CA SER A 1005 -31.47 -13.65 -35.97
C SER A 1005 -30.22 -12.80 -36.15
N TRP A 1006 -29.66 -12.33 -35.02
CA TRP A 1006 -28.44 -11.53 -35.07
C TRP A 1006 -27.28 -12.34 -35.63
N GLY A 1007 -27.16 -13.60 -35.22
CA GLY A 1007 -26.20 -14.51 -35.81
C GLY A 1007 -24.87 -14.55 -35.10
N PRO A 1008 -23.79 -14.27 -35.84
CA PRO A 1008 -22.44 -14.43 -35.28
C PRO A 1008 -21.98 -13.22 -34.48
N LEU A 1009 -22.91 -12.35 -34.08
CA LEU A 1009 -22.55 -11.13 -33.37
C LEU A 1009 -21.83 -11.40 -32.05
N PHE A 1010 -22.03 -12.58 -31.46
CA PHE A 1010 -21.35 -12.88 -30.19
C PHE A 1010 -19.84 -12.92 -30.36
N GLY A 1011 -19.37 -13.71 -31.33
CA GLY A 1011 -17.93 -13.73 -31.61
C GLY A 1011 -17.45 -12.46 -32.24
N ARG A 1012 -18.31 -11.78 -33.00
CA ARG A 1012 -17.96 -10.49 -33.58
C ARG A 1012 -17.62 -9.48 -32.50
N LEU A 1013 -18.42 -9.43 -31.43
CA LEU A 1013 -18.14 -8.54 -30.31
C LEU A 1013 -17.02 -9.08 -29.43
N PHE A 1014 -16.87 -10.41 -29.34
CA PHE A 1014 -15.79 -10.97 -28.54
C PHE A 1014 -14.43 -10.62 -29.12
N PHE A 1015 -14.31 -10.61 -30.46
CA PHE A 1015 -13.06 -10.23 -31.09
C PHE A 1015 -12.69 -8.78 -30.76
N ALA A 1016 -13.67 -7.88 -30.84
CA ALA A 1016 -13.43 -6.49 -30.49
C ALA A 1016 -13.10 -6.33 -29.02
N LEU A 1017 -13.72 -7.14 -28.15
CA LEU A 1017 -13.38 -7.13 -26.73
C LEU A 1017 -11.93 -7.55 -26.52
N TRP A 1018 -11.49 -8.58 -27.24
CA TRP A 1018 -10.09 -9.00 -27.16
C TRP A 1018 -9.17 -7.87 -27.61
N VAL A 1019 -9.52 -7.20 -28.71
CA VAL A 1019 -8.67 -6.13 -29.23
C VAL A 1019 -8.59 -4.98 -28.23
N ILE A 1020 -9.72 -4.57 -27.68
CA ILE A 1020 -9.72 -3.45 -26.74
C ILE A 1020 -9.02 -3.82 -25.44
N VAL A 1021 -9.13 -5.08 -25.01
CA VAL A 1021 -8.41 -5.53 -23.81
C VAL A 1021 -6.91 -5.46 -24.05
N HIS A 1022 -6.46 -5.89 -25.24
CA HIS A 1022 -5.03 -5.83 -25.53
C HIS A 1022 -4.54 -4.38 -25.67
N LEU A 1023 -5.43 -3.45 -25.99
CA LEU A 1023 -5.08 -2.04 -26.10
C LEU A 1023 -5.69 -1.19 -24.99
N TYR A 1024 -6.13 -1.83 -23.91
CA TYR A 1024 -6.72 -1.09 -22.80
C TYR A 1024 -5.79 -0.05 -22.16
N PRO A 1025 -4.50 -0.30 -21.95
CA PRO A 1025 -3.66 0.71 -21.29
C PRO A 1025 -3.66 2.07 -21.96
N PHE A 1026 -3.77 2.14 -23.29
CA PHE A 1026 -3.84 3.44 -23.95
C PHE A 1026 -5.09 4.21 -23.53
N LEU A 1027 -6.23 3.53 -23.50
CA LEU A 1027 -7.47 4.18 -23.05
C LEU A 1027 -7.38 4.58 -21.58
N LYS A 1028 -6.79 3.71 -20.75
CA LYS A 1028 -6.63 4.03 -19.34
C LYS A 1028 -5.76 5.27 -19.15
N GLY A 1029 -4.67 5.38 -19.90
CA GLY A 1029 -3.82 6.55 -19.80
C GLY A 1029 -4.51 7.82 -20.31
N VAL A 1030 -5.22 7.71 -21.43
CA VAL A 1030 -5.88 8.88 -22.00
C VAL A 1030 -6.97 9.39 -21.06
N MET A 1031 -7.79 8.49 -20.52
CA MET A 1031 -8.90 8.89 -19.68
C MET A 1031 -8.53 9.03 -18.20
N GLY A 1032 -7.45 8.38 -17.77
CA GLY A 1032 -7.09 8.37 -16.37
C GLY A 1032 -6.19 9.52 -15.96
N LYS A 1033 -5.53 9.34 -14.83
CA LYS A 1033 -4.64 10.35 -14.25
C LYS A 1033 -3.19 10.00 -14.57
N GLN A 1034 -2.26 10.74 -13.96
CA GLN A 1034 -0.81 10.54 -14.09
C GLN A 1034 -0.37 10.38 -15.54
N GLU A 1035 -1.10 11.01 -16.46
CA GLU A 1035 -0.80 10.94 -17.88
C GLU A 1035 -1.20 12.28 -18.51
N GLY A 1036 -1.24 12.32 -19.84
CA GLY A 1036 -1.65 13.50 -20.55
C GLY A 1036 -1.26 13.46 -22.02
N VAL A 1037 -2.19 13.88 -22.89
CA VAL A 1037 -1.98 13.87 -24.33
C VAL A 1037 -2.31 15.25 -24.88
N PRO A 1038 -1.51 15.80 -25.79
CA PRO A 1038 -1.87 17.09 -26.40
C PRO A 1038 -3.13 16.96 -27.26
N THR A 1039 -3.79 18.10 -27.45
CA THR A 1039 -5.03 18.11 -28.21
C THR A 1039 -4.80 17.91 -29.71
N ILE A 1040 -3.62 18.22 -30.22
CA ILE A 1040 -3.37 18.12 -31.66
C ILE A 1040 -3.41 16.66 -32.11
N ILE A 1041 -2.74 15.77 -31.36
CA ILE A 1041 -2.71 14.36 -31.74
C ILE A 1041 -4.09 13.74 -31.57
N LEU A 1042 -4.81 14.12 -30.52
CA LEU A 1042 -6.17 13.62 -30.34
C LEU A 1042 -7.07 14.05 -31.49
N VAL A 1043 -6.95 15.32 -31.92
CA VAL A 1043 -7.76 15.80 -33.04
C VAL A 1043 -7.39 15.06 -34.31
N TRP A 1044 -6.10 14.82 -34.54
CA TRP A 1044 -5.67 14.07 -35.71
C TRP A 1044 -6.25 12.66 -35.70
N ALA A 1045 -6.19 11.99 -34.55
CA ALA A 1045 -6.72 10.64 -34.45
C ALA A 1045 -8.22 10.61 -34.68
N ILE A 1046 -8.95 11.59 -34.12
CA ILE A 1046 -10.40 11.63 -34.30
C ILE A 1046 -10.75 11.87 -35.76
N LEU A 1047 -10.03 12.80 -36.42
CA LEU A 1047 -10.30 13.07 -37.82
C LEU A 1047 -10.01 11.86 -38.70
N LEU A 1048 -8.89 11.17 -38.44
CA LEU A 1048 -8.56 9.98 -39.20
C LEU A 1048 -9.61 8.89 -38.99
N SER A 1049 -10.06 8.72 -37.74
CA SER A 1049 -11.07 7.72 -37.46
C SER A 1049 -12.38 8.03 -38.16
N SER A 1050 -12.79 9.31 -38.15
CA SER A 1050 -14.02 9.70 -38.83
C SER A 1050 -13.91 9.47 -40.33
N ILE A 1051 -12.77 9.83 -40.92
CA ILE A 1051 -12.58 9.63 -42.36
C ILE A 1051 -12.65 8.15 -42.71
N LEU A 1052 -11.97 7.31 -41.91
CA LEU A 1052 -11.99 5.88 -42.17
C LEU A 1052 -13.39 5.30 -42.04
N THR A 1053 -14.12 5.72 -40.99
CA THR A 1053 -15.48 5.21 -40.81
C THR A 1053 -16.39 5.63 -41.96
N LEU A 1054 -16.28 6.89 -42.39
CA LEU A 1054 -17.11 7.36 -43.50
C LEU A 1054 -16.78 6.62 -44.79
N LEU A 1055 -15.48 6.38 -45.05
CA LEU A 1055 -15.10 5.65 -46.25
C LEU A 1055 -15.59 4.21 -46.21
N TRP A 1056 -15.49 3.56 -45.04
CA TRP A 1056 -15.98 2.19 -44.92
C TRP A 1056 -17.49 2.11 -45.09
N VAL A 1057 -18.23 3.06 -44.52
CA VAL A 1057 -19.68 3.07 -44.67
C VAL A 1057 -20.08 3.31 -46.12
N ARG A 1058 -19.41 4.27 -46.78
CA ARG A 1058 -19.74 4.56 -48.18
C ARG A 1058 -19.44 3.38 -49.08
N ILE A 1059 -18.31 2.71 -48.87
CA ILE A 1059 -17.95 1.56 -49.68
C ILE A 1059 -18.34 0.27 -48.98
N MET B 249 9.60 54.05 -17.93
CA MET B 249 10.66 53.05 -18.00
C MET B 249 10.12 51.71 -18.49
N ASP B 250 10.97 50.94 -19.18
CA ASP B 250 10.56 49.63 -19.66
C ASP B 250 10.27 48.69 -18.49
N GLU B 251 11.11 48.73 -17.45
CA GLU B 251 10.90 47.85 -16.31
C GLU B 251 9.60 48.20 -15.58
N GLY B 252 9.30 49.48 -15.43
CA GLY B 252 8.07 49.88 -14.77
C GLY B 252 6.81 49.62 -15.57
N ARG B 253 6.93 49.52 -16.90
CA ARG B 253 5.78 49.23 -17.74
C ARG B 253 5.43 47.75 -17.78
N GLN B 254 6.32 46.87 -17.34
CA GLN B 254 6.04 45.44 -17.33
C GLN B 254 5.11 45.11 -16.17
N PRO B 255 3.94 44.53 -16.41
CA PRO B 255 3.03 44.22 -15.30
C PRO B 255 3.60 43.12 -14.41
N LEU B 256 3.22 43.18 -13.14
CA LEU B 256 3.63 42.17 -12.17
C LEU B 256 2.93 40.84 -12.38
N TRP B 257 1.88 40.81 -13.20
CA TRP B 257 1.06 39.62 -13.40
C TRP B 257 0.33 39.77 -14.73
N ARG B 258 -0.24 38.68 -15.19
CA ARG B 258 -1.02 38.72 -16.43
C ARG B 258 -2.01 37.57 -16.47
N LYS B 259 -3.07 37.78 -17.27
CA LYS B 259 -4.13 36.80 -17.43
C LYS B 259 -3.83 35.88 -18.61
N LEU B 260 -4.23 34.62 -18.45
CA LEU B 260 -4.17 33.62 -19.51
C LEU B 260 -5.58 33.14 -19.79
N PRO B 261 -6.25 33.64 -20.82
CA PRO B 261 -7.54 33.08 -21.19
C PRO B 261 -7.38 31.65 -21.67
N ILE B 262 -8.40 30.83 -21.41
CA ILE B 262 -8.39 29.46 -21.90
C ILE B 262 -8.29 29.48 -23.42
N SER B 263 -7.38 28.68 -23.97
CA SER B 263 -7.12 28.72 -25.40
C SER B 263 -8.38 28.35 -26.18
N SER B 264 -8.56 29.02 -27.32
CA SER B 264 -9.80 28.89 -28.08
C SER B 264 -10.06 27.44 -28.50
N SER B 265 -9.00 26.67 -28.73
CA SER B 265 -9.17 25.29 -29.15
C SER B 265 -9.90 24.46 -28.09
N ARG B 266 -9.83 24.87 -26.84
CA ARG B 266 -10.50 24.16 -25.75
C ARG B 266 -11.75 24.88 -25.24
N ILE B 267 -12.01 26.11 -25.68
CA ILE B 267 -13.13 26.87 -25.14
C ILE B 267 -14.24 26.98 -26.18
N ASN B 268 -13.90 26.94 -27.47
CA ASN B 268 -14.94 26.99 -28.50
C ASN B 268 -15.85 25.77 -28.46
N PRO B 269 -15.36 24.53 -28.47
CA PRO B 269 -16.28 23.39 -28.35
C PRO B 269 -17.08 23.40 -27.07
N TYR B 270 -16.50 23.88 -25.96
CA TYR B 270 -17.24 23.94 -24.71
C TYR B 270 -18.51 24.77 -24.86
N ARG B 271 -18.37 25.99 -25.38
CA ARG B 271 -19.54 26.85 -25.57
C ARG B 271 -20.49 26.27 -26.62
N ILE B 272 -19.93 25.71 -27.69
CA ILE B 272 -20.76 25.19 -28.78
C ILE B 272 -21.67 24.08 -28.28
N ILE B 273 -21.11 23.10 -27.57
CA ILE B 273 -21.94 22.01 -27.08
C ILE B 273 -22.72 22.39 -25.83
N ILE B 274 -22.36 23.46 -25.12
CA ILE B 274 -23.26 23.97 -24.09
C ILE B 274 -24.55 24.47 -24.73
N VAL B 275 -24.43 25.28 -25.79
CA VAL B 275 -25.61 25.75 -26.51
C VAL B 275 -26.37 24.58 -27.11
N LEU B 276 -25.64 23.61 -27.67
CA LEU B 276 -26.29 22.42 -28.21
C LEU B 276 -27.11 21.72 -27.14
N ARG B 277 -26.48 21.33 -26.03
CA ARG B 277 -27.19 20.62 -24.98
C ARG B 277 -28.36 21.43 -24.45
N ILE B 278 -28.27 22.76 -24.49
CA ILE B 278 -29.43 23.58 -24.20
C ILE B 278 -30.55 23.29 -25.19
N ALA B 279 -30.22 23.22 -26.47
CA ALA B 279 -31.24 22.98 -27.49
C ALA B 279 -31.89 21.60 -27.34
N ILE B 280 -31.06 20.56 -27.17
CA ILE B 280 -31.60 19.21 -26.96
C ILE B 280 -32.40 19.13 -25.66
N LEU B 281 -31.99 19.85 -24.61
CA LEU B 281 -32.79 19.88 -23.39
C LEU B 281 -34.15 20.49 -23.63
N CYS B 282 -34.21 21.60 -24.39
CA CYS B 282 -35.49 22.22 -24.71
C CYS B 282 -36.37 21.26 -25.51
N LEU B 283 -35.78 20.57 -26.49
CA LEU B 283 -36.55 19.61 -27.28
C LEU B 283 -37.04 18.45 -26.43
N PHE B 284 -36.20 17.98 -25.49
CA PHE B 284 -36.61 16.92 -24.58
C PHE B 284 -37.78 17.34 -23.72
N PHE B 285 -37.76 18.56 -23.21
CA PHE B 285 -38.89 19.05 -22.40
C PHE B 285 -40.14 19.22 -23.26
N HIS B 286 -39.97 19.67 -24.51
CA HIS B 286 -41.12 19.77 -25.40
C HIS B 286 -41.73 18.40 -25.65
N TYR B 287 -40.90 17.38 -25.83
CA TYR B 287 -41.40 16.01 -25.92
C TYR B 287 -42.16 15.62 -24.66
N ARG B 288 -41.53 15.80 -23.50
CA ARG B 288 -42.08 15.24 -22.26
C ARG B 288 -43.39 15.90 -21.87
N ILE B 289 -43.51 17.22 -22.07
CA ILE B 289 -44.69 17.94 -21.61
C ILE B 289 -45.92 17.54 -22.43
N LEU B 290 -45.78 17.45 -23.75
CA LEU B 290 -46.93 17.29 -24.63
C LEU B 290 -47.46 15.87 -24.69
N HIS B 291 -46.74 14.89 -24.14
CA HIS B 291 -47.13 13.48 -24.22
C HIS B 291 -47.11 12.87 -22.82
N PRO B 292 -48.19 13.05 -22.06
CA PRO B 292 -48.23 12.49 -20.71
C PRO B 292 -48.67 11.03 -20.73
N VAL B 293 -48.71 10.45 -19.53
CA VAL B 293 -49.11 9.06 -19.33
C VAL B 293 -50.53 9.07 -18.76
N ASN B 294 -51.45 8.37 -19.44
CA ASN B 294 -52.86 8.43 -19.05
C ASN B 294 -53.10 7.76 -17.70
N ASP B 295 -52.61 6.54 -17.53
CA ASP B 295 -52.89 5.78 -16.32
C ASP B 295 -51.93 6.10 -15.18
N ALA B 296 -50.85 6.83 -15.45
CA ALA B 296 -49.90 7.21 -14.40
C ALA B 296 -49.63 8.71 -14.45
N TYR B 297 -50.69 9.51 -14.49
CA TYR B 297 -50.54 10.95 -14.67
C TYR B 297 -49.78 11.58 -13.52
N ALA B 298 -50.03 11.14 -12.29
CA ALA B 298 -49.34 11.72 -11.13
C ALA B 298 -47.84 11.45 -11.19
N LEU B 299 -47.45 10.23 -11.54
CA LEU B 299 -46.03 9.91 -11.65
C LEU B 299 -45.37 10.71 -12.76
N TRP B 300 -46.06 10.85 -13.90
CA TRP B 300 -45.51 11.64 -14.99
C TRP B 300 -45.34 13.11 -14.59
N LEU B 301 -46.32 13.66 -13.87
CA LEU B 301 -46.22 15.04 -13.42
C LEU B 301 -45.06 15.22 -12.45
N THR B 302 -44.90 14.30 -11.50
CA THR B 302 -43.79 14.39 -10.56
C THR B 302 -42.45 14.29 -11.28
N SER B 303 -42.35 13.36 -12.23
CA SER B 303 -41.10 13.20 -12.97
C SER B 303 -40.76 14.43 -13.79
N VAL B 304 -41.77 15.01 -14.46
CA VAL B 304 -41.50 16.19 -15.28
C VAL B 304 -41.14 17.39 -14.41
N ILE B 305 -41.76 17.51 -13.23
CA ILE B 305 -41.38 18.59 -12.31
C ILE B 305 -39.95 18.41 -11.85
N CYS B 306 -39.56 17.18 -11.52
CA CYS B 306 -38.17 16.93 -11.10
C CYS B 306 -37.19 17.24 -12.22
N GLU B 307 -37.53 16.85 -13.46
CA GLU B 307 -36.66 17.16 -14.59
C GLU B 307 -36.55 18.65 -14.82
N ILE B 308 -37.65 19.39 -14.68
CA ILE B 308 -37.61 20.84 -14.85
C ILE B 308 -36.71 21.48 -13.80
N TRP B 309 -36.84 21.03 -12.55
CA TRP B 309 -35.97 21.55 -11.49
C TRP B 309 -34.50 21.24 -11.79
N PHE B 310 -34.22 20.01 -12.24
CA PHE B 310 -32.85 19.63 -12.56
C PHE B 310 -32.30 20.50 -13.69
N ALA B 311 -33.10 20.76 -14.72
CA ALA B 311 -32.66 21.58 -15.83
C ALA B 311 -32.40 23.01 -15.40
N VAL B 312 -33.27 23.57 -14.55
CA VAL B 312 -33.06 24.92 -14.06
C VAL B 312 -31.76 25.01 -13.26
N SER B 313 -31.52 24.01 -12.39
CA SER B 313 -30.29 24.00 -11.61
C SER B 313 -29.07 23.90 -12.53
N TRP B 314 -29.13 23.04 -13.54
CA TRP B 314 -28.00 22.91 -14.46
C TRP B 314 -27.75 24.20 -15.22
N ILE B 315 -28.81 24.87 -15.67
CA ILE B 315 -28.64 26.14 -16.38
C ILE B 315 -27.98 27.17 -15.48
N PHE B 316 -28.47 27.28 -14.23
CA PHE B 316 -27.93 28.25 -13.31
C PHE B 316 -26.48 27.94 -12.93
N ASP B 317 -26.10 26.67 -12.91
CA ASP B 317 -24.72 26.28 -12.64
C ASP B 317 -23.83 26.55 -13.85
N GLN B 318 -24.31 26.24 -15.05
CA GLN B 318 -23.47 26.30 -16.24
C GLN B 318 -23.25 27.73 -16.73
N PHE B 319 -24.22 28.63 -16.51
CA PHE B 319 -24.07 29.98 -17.04
C PHE B 319 -22.82 30.72 -16.53
N PRO B 320 -22.46 30.69 -15.23
CA PRO B 320 -21.25 31.41 -14.81
C PRO B 320 -19.95 30.91 -15.43
N LYS B 321 -19.90 29.66 -15.92
CA LYS B 321 -18.66 29.09 -16.45
C LYS B 321 -18.41 29.44 -17.91
N TRP B 322 -19.01 30.52 -18.42
CA TRP B 322 -18.87 30.84 -19.83
C TRP B 322 -17.43 31.22 -20.18
N SER B 323 -16.77 31.98 -19.32
CA SER B 323 -15.45 32.54 -19.62
C SER B 323 -14.48 32.23 -18.50
N PRO B 324 -13.93 31.02 -18.45
CA PRO B 324 -12.90 30.70 -17.46
C PRO B 324 -11.54 31.24 -17.90
N ILE B 325 -10.76 31.69 -16.92
CA ILE B 325 -9.41 32.23 -17.16
C ILE B 325 -8.45 31.66 -16.13
N LEU B 326 -7.18 31.94 -16.33
CA LEU B 326 -6.13 31.64 -15.37
C LEU B 326 -5.28 32.89 -15.17
N ARG B 327 -4.45 32.88 -14.13
CA ARG B 327 -3.66 34.05 -13.79
C ARG B 327 -2.23 33.62 -13.46
N GLU B 328 -1.26 34.40 -13.93
CA GLU B 328 0.15 34.10 -13.71
C GLU B 328 0.82 35.32 -13.08
N THR B 329 1.66 35.06 -12.09
CA THR B 329 2.36 36.11 -11.36
C THR B 329 3.87 35.97 -11.55
N TYR B 330 4.57 37.09 -11.48
CA TYR B 330 6.02 37.14 -11.68
C TYR B 330 6.65 37.74 -10.43
N LEU B 331 7.30 36.90 -9.62
CA LEU B 331 7.92 37.39 -8.39
C LEU B 331 9.21 38.15 -8.66
N ASP B 332 9.89 37.84 -9.76
CA ASP B 332 11.13 38.55 -10.08
C ASP B 332 10.88 40.03 -10.34
N ARG B 333 9.79 40.34 -11.05
CA ARG B 333 9.45 41.75 -11.29
C ARG B 333 9.09 42.45 -9.99
N LEU B 334 8.38 41.76 -9.09
CA LEU B 334 8.07 42.36 -7.80
C LEU B 334 9.34 42.64 -6.99
N SER B 335 10.30 41.71 -7.02
CA SER B 335 11.57 41.94 -6.35
C SER B 335 12.32 43.11 -6.96
N LEU B 336 12.30 43.21 -8.29
CA LEU B 336 12.98 44.32 -8.95
C LEU B 336 12.35 45.65 -8.59
N ARG B 337 11.02 45.71 -8.55
CA ARG B 337 10.33 46.98 -8.34
C ARG B 337 10.35 47.41 -6.87
N TYR B 338 10.19 46.46 -5.94
CA TYR B 338 10.00 46.81 -4.53
C TYR B 338 10.98 46.15 -3.57
N GLU B 339 11.59 45.02 -3.94
CA GLU B 339 12.48 44.32 -3.01
C GLU B 339 13.89 44.25 -3.59
N LYS B 340 14.36 45.38 -4.11
CA LYS B 340 15.70 45.41 -4.69
C LYS B 340 16.76 45.20 -3.62
N GLU B 341 17.78 44.41 -3.96
CA GLU B 341 18.82 44.08 -2.99
C GLU B 341 19.62 45.32 -2.62
N GLY B 342 19.96 45.42 -1.34
CA GLY B 342 20.68 46.57 -0.82
C GLY B 342 19.80 47.71 -0.35
N LYS B 343 18.89 48.16 -1.21
CA LYS B 343 17.99 49.24 -0.84
C LYS B 343 16.96 48.73 0.18
N PRO B 344 16.44 49.62 1.03
CA PRO B 344 15.40 49.20 1.98
C PRO B 344 14.15 48.70 1.27
N SER B 345 13.49 47.73 1.89
CA SER B 345 12.31 47.14 1.30
C SER B 345 11.16 48.13 1.27
N LEU B 346 10.44 48.16 0.15
CA LEU B 346 9.29 49.03 -0.04
C LEU B 346 7.96 48.28 0.00
N LEU B 347 7.97 47.02 0.40
CA LEU B 347 6.75 46.24 0.47
C LEU B 347 5.82 46.76 1.56
N ALA B 348 4.52 46.64 1.31
CA ALA B 348 3.53 47.10 2.27
C ALA B 348 3.40 46.13 3.44
N ASP B 349 2.87 46.63 4.55
CA ASP B 349 2.73 45.83 5.76
C ASP B 349 1.64 44.78 5.58
N ILE B 350 1.69 43.76 6.44
CA ILE B 350 0.76 42.63 6.36
C ILE B 350 0.46 42.14 7.76
N ASP B 351 -0.82 41.80 7.99
CA ASP B 351 -1.27 41.22 9.24
C ASP B 351 -1.92 39.87 8.97
N VAL B 352 -1.53 38.86 9.73
CA VAL B 352 -2.04 37.50 9.56
C VAL B 352 -2.83 37.14 10.81
N PHE B 353 -4.11 36.82 10.62
CA PHE B 353 -5.02 36.56 11.74
C PHE B 353 -5.26 35.06 11.87
N VAL B 354 -5.16 34.55 13.09
CA VAL B 354 -5.48 33.17 13.42
C VAL B 354 -6.50 33.18 14.54
N SER B 355 -7.52 32.34 14.45
CA SER B 355 -8.60 32.29 15.42
C SER B 355 -8.73 30.89 15.99
N THR B 356 -8.85 30.80 17.31
CA THR B 356 -9.09 29.54 17.99
C THR B 356 -10.14 29.75 19.07
N VAL B 357 -10.87 28.67 19.40
CA VAL B 357 -11.97 28.75 20.34
C VAL B 357 -11.75 27.84 21.55
N ASP B 358 -11.26 26.63 21.34
CA ASP B 358 -11.11 25.68 22.45
C ASP B 358 -9.84 24.85 22.28
N PRO B 359 -8.88 24.96 23.20
CA PRO B 359 -7.68 24.12 23.12
C PRO B 359 -7.97 22.63 23.27
N MET B 360 -9.09 22.27 23.89
CA MET B 360 -9.42 20.85 24.03
C MET B 360 -9.86 20.26 22.69
N LYS B 361 -10.72 20.97 21.96
CA LYS B 361 -11.16 20.48 20.65
C LYS B 361 -10.07 20.67 19.60
N GLU B 362 -9.34 21.77 19.66
CA GLU B 362 -8.26 22.05 18.72
C GLU B 362 -6.93 21.89 19.43
N PRO B 363 -6.15 20.85 19.13
CA PRO B 363 -4.90 20.61 19.86
C PRO B 363 -3.94 21.78 19.71
N PRO B 364 -3.22 22.15 20.78
CA PRO B 364 -2.27 23.27 20.68
C PRO B 364 -1.12 23.02 19.73
N LEU B 365 -0.79 21.76 19.43
CA LEU B 365 0.32 21.49 18.53
C LEU B 365 0.05 21.99 17.12
N ILE B 366 -1.18 21.83 16.63
CA ILE B 366 -1.51 22.30 15.29
C ILE B 366 -1.44 23.83 15.23
N THR B 367 -1.97 24.51 16.25
CA THR B 367 -1.90 25.96 16.30
C THR B 367 -0.45 26.43 16.37
N ALA B 368 0.38 25.75 17.15
CA ALA B 368 1.80 26.09 17.23
C ALA B 368 2.48 25.91 15.88
N ASN B 369 2.15 24.83 15.17
CA ASN B 369 2.72 24.62 13.84
C ASN B 369 2.30 25.71 12.87
N THR B 370 1.03 26.11 12.93
CA THR B 370 0.55 27.19 12.07
C THR B 370 1.26 28.51 12.39
N VAL B 371 1.44 28.81 13.68
CA VAL B 371 2.15 30.03 14.07
C VAL B 371 3.60 29.98 13.60
N LEU B 372 4.24 28.83 13.73
CA LEU B 372 5.62 28.67 13.28
C LEU B 372 5.73 28.87 11.77
N SER B 373 4.78 28.32 11.02
CA SER B 373 4.79 28.50 9.57
C SER B 373 4.59 29.97 9.19
N ILE B 374 3.71 30.67 9.92
CA ILE B 374 3.48 32.08 9.62
C ILE B 374 4.72 32.91 9.95
N LEU B 375 5.36 32.64 11.09
CA LEU B 375 6.53 33.41 11.50
C LEU B 375 7.73 33.18 10.59
N ALA B 376 7.75 32.08 9.84
CA ALA B 376 8.86 31.75 8.95
C ALA B 376 8.58 32.13 7.51
N VAL B 377 7.58 32.98 7.27
CA VAL B 377 7.25 33.39 5.91
C VAL B 377 8.38 34.23 5.33
N ASP B 378 8.49 34.22 4.00
CA ASP B 378 9.55 34.96 3.29
C ASP B 378 9.07 36.39 3.08
N TYR B 379 9.12 37.17 4.17
CA TYR B 379 8.72 38.56 4.17
C TYR B 379 9.60 39.31 5.15
N PRO B 380 9.78 40.62 4.96
CA PRO B 380 10.53 41.40 5.95
C PRO B 380 9.90 41.28 7.33
N VAL B 381 10.76 41.15 8.35
CA VAL B 381 10.27 40.93 9.70
C VAL B 381 9.57 42.15 10.28
N ASP B 382 9.85 43.35 9.76
CA ASP B 382 9.18 44.56 10.22
C ASP B 382 7.93 44.88 9.41
N LYS B 383 7.64 44.13 8.34
CA LYS B 383 6.49 44.37 7.50
C LYS B 383 5.42 43.29 7.65
N VAL B 384 5.57 42.39 8.61
CA VAL B 384 4.60 41.32 8.83
C VAL B 384 4.35 41.18 10.32
N ALA B 385 3.07 40.99 10.69
CA ALA B 385 2.69 40.77 12.06
C ALA B 385 1.66 39.66 12.12
N CYS B 386 1.63 38.97 13.27
CA CYS B 386 0.73 37.83 13.48
C CYS B 386 -0.12 38.09 14.71
N TYR B 387 -1.43 37.90 14.57
CA TYR B 387 -2.38 38.03 15.65
C TYR B 387 -3.09 36.71 15.89
N VAL B 388 -3.21 36.33 17.16
CA VAL B 388 -3.89 35.11 17.57
C VAL B 388 -5.04 35.49 18.50
N SER B 389 -6.24 35.09 18.13
CA SER B 389 -7.44 35.35 18.94
C SER B 389 -7.86 34.06 19.62
N ASP B 390 -8.12 34.14 20.91
CA ASP B 390 -8.53 32.99 21.73
C ASP B 390 -9.88 33.31 22.35
N ASP B 391 -10.94 32.72 21.79
CA ASP B 391 -12.28 32.96 22.31
C ASP B 391 -12.48 32.30 23.67
N GLY B 392 -11.79 31.19 23.93
CA GLY B 392 -11.93 30.50 25.20
C GLY B 392 -11.18 31.12 26.35
N ALA B 393 -10.25 32.04 26.08
CA ALA B 393 -9.47 32.71 27.12
C ALA B 393 -8.77 31.70 28.02
N ALA B 394 -8.23 30.65 27.40
CA ALA B 394 -7.57 29.57 28.14
C ALA B 394 -6.08 29.86 28.29
N MET B 395 -5.56 29.61 29.50
CA MET B 395 -4.14 29.79 29.75
C MET B 395 -3.29 28.80 28.99
N LEU B 396 -3.86 27.66 28.58
CA LEU B 396 -3.11 26.68 27.81
C LEU B 396 -2.65 27.27 26.49
N THR B 397 -3.52 28.01 25.80
CA THR B 397 -3.13 28.66 24.56
C THR B 397 -2.04 29.71 24.80
N PHE B 398 -2.14 30.45 25.91
CA PHE B 398 -1.13 31.44 26.24
C PHE B 398 0.23 30.80 26.43
N GLU B 399 0.28 29.70 27.19
CA GLU B 399 1.55 29.02 27.42
C GLU B 399 2.08 28.37 26.15
N ALA B 400 1.19 27.82 25.33
CA ALA B 400 1.61 27.24 24.06
C ALA B 400 2.21 28.29 23.14
N LEU B 401 1.60 29.48 23.07
CA LEU B 401 2.16 30.57 22.29
C LEU B 401 3.49 31.04 22.86
N SER B 402 3.62 31.11 24.19
CA SER B 402 4.88 31.48 24.80
C SER B 402 6.00 30.49 24.49
N GLU B 403 5.69 29.20 24.43
CA GLU B 403 6.69 28.21 24.05
C GLU B 403 6.99 28.19 22.56
N THR B 404 5.97 28.45 21.72
CA THR B 404 6.15 28.59 20.29
C THR B 404 7.00 29.79 19.92
N SER B 405 6.93 30.87 20.71
CA SER B 405 7.79 32.02 20.54
C SER B 405 9.24 31.75 20.92
N GLU B 406 9.49 30.76 21.77
CA GLU B 406 10.85 30.34 22.08
C GLU B 406 11.41 29.34 21.08
N PHE B 407 10.57 28.45 20.56
CA PHE B 407 11.03 27.53 19.53
C PHE B 407 11.22 28.24 18.20
N ALA B 408 10.48 29.33 17.98
CA ALA B 408 10.57 30.09 16.74
C ALA B 408 11.97 30.67 16.56
N ARG B 409 12.57 31.12 17.66
CA ARG B 409 13.90 31.74 17.61
C ARG B 409 14.95 30.79 17.07
N LYS B 410 14.72 29.48 17.12
CA LYS B 410 15.58 28.49 16.51
C LYS B 410 15.08 28.00 15.16
N TRP B 411 13.76 27.89 15.00
CA TRP B 411 13.21 27.33 13.78
C TRP B 411 13.34 28.29 12.60
N VAL B 412 13.02 29.57 12.81
CA VAL B 412 12.96 30.52 11.70
C VAL B 412 14.32 30.71 11.02
N PRO B 413 15.42 30.97 11.73
CA PRO B 413 16.71 31.11 11.02
C PRO B 413 17.12 29.87 10.25
N PHE B 414 16.83 28.68 10.78
CA PHE B 414 17.15 27.44 10.06
C PHE B 414 16.42 27.37 8.73
N CYS B 415 15.11 27.63 8.74
CA CYS B 415 14.33 27.60 7.52
C CYS B 415 14.78 28.67 6.54
N LYS B 416 15.08 29.87 7.04
CA LYS B 416 15.49 30.95 6.15
C LYS B 416 16.86 30.68 5.54
N LYS B 417 17.76 30.04 6.28
CA LYS B 417 19.08 29.72 5.76
C LYS B 417 19.03 28.58 4.75
N PHE B 418 18.28 27.52 5.04
CA PHE B 418 18.30 26.32 4.21
C PHE B 418 17.12 26.22 3.25
N CYS B 419 16.28 27.25 3.16
CA CYS B 419 15.14 27.29 2.25
C CYS B 419 14.23 26.08 2.46
N ILE B 420 13.91 25.82 3.74
CA ILE B 420 13.11 24.66 4.09
C ILE B 420 11.66 24.89 3.67
N GLU B 421 11.07 23.91 2.99
CA GLU B 421 9.67 23.95 2.59
C GLU B 421 9.07 22.58 2.87
N PRO B 422 7.95 22.50 3.60
CA PRO B 422 7.19 23.59 4.22
C PRO B 422 7.81 24.09 5.51
N ARG B 423 7.36 25.23 6.02
CA ARG B 423 7.92 25.81 7.24
C ARG B 423 7.34 25.20 8.51
N ALA B 424 6.29 24.40 8.40
CA ALA B 424 5.72 23.74 9.57
C ALA B 424 6.57 22.54 9.95
N PRO B 425 7.10 22.48 11.18
CA PRO B 425 7.99 21.35 11.53
C PRO B 425 7.35 19.99 11.43
N GLU B 426 6.07 19.88 11.82
CA GLU B 426 5.41 18.58 11.83
C GLU B 426 5.30 18.00 10.43
N TRP B 427 4.88 18.83 9.46
CA TRP B 427 4.74 18.35 8.09
C TRP B 427 6.08 18.24 7.39
N TYR B 428 7.07 19.04 7.78
CA TYR B 428 8.38 18.95 7.16
C TYR B 428 9.10 17.68 7.58
N PHE B 429 9.06 17.35 8.87
CA PHE B 429 9.78 16.17 9.36
C PHE B 429 9.04 14.87 9.10
N ALA B 430 7.79 14.93 8.61
CA ALA B 430 7.02 13.74 8.30
C ALA B 430 6.88 13.51 6.80
N GLN B 431 7.75 14.13 6.00
CA GLN B 431 7.69 14.01 4.55
C GLN B 431 8.54 12.84 4.09
N LYS B 432 7.99 12.03 3.18
CA LYS B 432 8.71 10.89 2.63
C LYS B 432 9.65 11.27 1.49
N VAL B 433 9.59 12.52 1.01
CA VAL B 433 10.48 12.95 -0.04
C VAL B 433 11.90 13.04 0.49
N ASP B 434 12.87 12.77 -0.38
CA ASP B 434 14.27 12.86 0.00
C ASP B 434 14.61 14.28 0.42
N TYR B 435 14.98 14.45 1.69
CA TYR B 435 15.25 15.78 2.24
C TYR B 435 16.61 16.32 1.84
N LEU B 436 17.47 15.51 1.23
CA LEU B 436 18.78 15.95 0.78
C LEU B 436 18.75 16.47 -0.65
N LYS B 437 17.61 16.46 -1.32
CA LYS B 437 17.52 16.93 -2.69
C LYS B 437 17.66 18.45 -2.75
N ASP B 438 18.46 18.90 -3.72
CA ASP B 438 18.66 20.32 -4.01
C ASP B 438 19.24 21.09 -2.83
N LYS B 439 19.94 20.41 -1.92
CA LYS B 439 20.58 21.06 -0.79
C LYS B 439 22.09 21.14 -1.03
N VAL B 440 22.66 22.33 -0.91
CA VAL B 440 24.05 22.57 -1.23
C VAL B 440 24.87 23.04 -0.03
N ASP B 441 24.22 23.45 1.06
CA ASP B 441 24.98 23.94 2.22
C ASP B 441 25.71 22.80 2.90
N ALA B 442 26.96 23.06 3.28
CA ALA B 442 27.81 22.01 3.84
C ALA B 442 27.39 21.57 5.23
N THR B 443 26.64 22.41 5.96
CA THR B 443 26.25 22.11 7.33
C THR B 443 24.77 21.75 7.44
N PHE B 444 24.19 21.13 6.41
CA PHE B 444 22.76 20.84 6.44
C PHE B 444 22.44 19.67 7.36
N ILE B 445 23.26 18.62 7.33
CA ILE B 445 22.91 17.38 8.04
C ILE B 445 22.94 17.59 9.54
N ARG B 446 24.02 18.19 10.06
CA ARG B 446 24.16 18.36 11.50
C ARG B 446 23.10 19.29 12.05
N GLU B 447 22.86 20.42 11.38
CA GLU B 447 21.86 21.36 11.84
C GLU B 447 20.46 20.77 11.74
N ARG B 448 20.20 19.98 10.70
CA ARG B 448 18.89 19.33 10.60
C ARG B 448 18.68 18.33 11.72
N ARG B 449 19.70 17.54 12.06
CA ARG B 449 19.58 16.61 13.17
C ARG B 449 19.32 17.35 14.48
N ALA B 450 20.07 18.43 14.72
CA ALA B 450 19.89 19.20 15.93
C ALA B 450 18.49 19.80 16.02
N ILE B 451 18.00 20.35 14.90
CA ILE B 451 16.68 20.98 14.93
C ILE B 451 15.59 19.92 15.05
N LYS B 452 15.80 18.72 14.51
CA LYS B 452 14.82 17.65 14.69
C LYS B 452 14.73 17.23 16.16
N ARG B 453 15.90 17.07 16.81
CA ARG B 453 15.88 16.74 18.24
C ARG B 453 15.23 17.85 19.05
N GLU B 454 15.53 19.11 18.72
CA GLU B 454 14.92 20.23 19.43
C GLU B 454 13.41 20.25 19.24
N TYR B 455 12.94 19.94 18.03
CA TYR B 455 11.50 19.90 17.79
C TYR B 455 10.85 18.75 18.55
N GLU B 456 11.52 17.60 18.66
CA GLU B 456 10.97 16.52 19.45
C GLU B 456 10.85 16.92 20.92
N GLU B 457 11.87 17.59 21.45
CA GLU B 457 11.78 18.08 22.84
C GLU B 457 10.66 19.11 22.97
N PHE B 458 10.48 19.96 21.96
CA PHE B 458 9.39 20.93 21.98
C PHE B 458 8.03 20.24 22.00
N LYS B 459 7.88 19.18 21.21
CA LYS B 459 6.64 18.41 21.22
C LYS B 459 6.38 17.79 22.57
N VAL B 460 7.44 17.26 23.21
CA VAL B 460 7.28 16.69 24.54
C VAL B 460 6.84 17.76 25.54
N ARG B 461 7.44 18.96 25.44
CA ARG B 461 7.05 20.05 26.33
C ARG B 461 5.59 20.45 26.12
N ILE B 462 5.15 20.50 24.85
CA ILE B 462 3.76 20.84 24.57
C ILE B 462 2.82 19.77 25.12
N ASN B 463 3.21 18.49 25.00
CA ASN B 463 2.41 17.42 25.56
C ASN B 463 2.30 17.54 27.07
N ALA B 464 3.42 17.87 27.74
CA ALA B 464 3.40 18.07 29.18
C ALA B 464 2.49 19.23 29.56
N LEU B 465 2.55 20.33 28.81
CA LEU B 465 1.68 21.47 29.08
C LEU B 465 0.21 21.10 28.92
N VAL B 466 -0.11 20.33 27.88
CA VAL B 466 -1.49 19.90 27.67
C VAL B 466 -1.95 19.00 28.82
N ALA B 467 -1.10 18.07 29.23
CA ALA B 467 -1.47 17.17 30.32
C ALA B 467 -1.69 17.92 31.63
N LEU B 468 -0.83 18.90 31.91
CA LEU B 468 -0.94 19.64 33.16
C LEU B 468 -2.21 20.47 33.23
N ALA B 469 -2.68 20.99 32.10
CA ALA B 469 -3.83 21.88 32.05
C ALA B 469 -5.14 21.13 31.83
N GLN B 470 -5.13 19.80 31.88
CA GLN B 470 -6.35 19.03 31.64
C GLN B 470 -7.39 19.27 32.74
N LYS B 471 -6.95 19.34 33.99
CA LYS B 471 -7.85 19.49 35.13
C LYS B 471 -7.68 20.86 35.74
N VAL B 472 -8.79 21.57 35.90
CA VAL B 472 -8.76 22.92 36.49
C VAL B 472 -8.52 22.81 37.99
N PRO B 473 -7.62 23.62 38.56
CA PRO B 473 -7.41 23.57 40.01
C PRO B 473 -8.62 24.09 40.77
N GLU B 474 -8.58 23.90 42.10
CA GLU B 474 -9.68 24.31 42.95
C GLU B 474 -9.84 25.84 42.95
N ASP B 475 -8.74 26.57 43.08
CA ASP B 475 -8.77 28.02 43.15
C ASP B 475 -8.53 28.68 41.79
N GLY B 476 -8.86 27.98 40.71
CA GLY B 476 -8.68 28.53 39.37
C GLY B 476 -7.25 28.40 38.89
N TRP B 477 -7.03 28.91 37.68
CA TRP B 477 -5.71 28.87 37.07
C TRP B 477 -4.82 29.96 37.64
N THR B 478 -3.52 29.67 37.69
CA THR B 478 -2.52 30.65 38.12
C THR B 478 -1.38 30.67 37.12
N MET B 479 -0.78 31.85 36.94
CA MET B 479 0.30 32.01 35.99
C MET B 479 1.63 31.60 36.61
N GLN B 480 2.71 31.82 35.87
CA GLN B 480 4.04 31.43 36.30
C GLN B 480 4.71 32.47 37.19
N ASP B 481 4.01 33.56 37.54
CA ASP B 481 4.57 34.58 38.41
C ASP B 481 3.75 34.77 39.69
N GLY B 482 2.76 33.91 39.93
CA GLY B 482 1.94 33.98 41.11
C GLY B 482 0.62 34.70 40.94
N THR B 483 0.51 35.55 39.90
CA THR B 483 -0.74 36.25 39.66
C THR B 483 -1.78 35.29 39.08
N PRO B 484 -3.05 35.44 39.44
CA PRO B 484 -4.08 34.55 38.90
C PRO B 484 -4.41 34.87 37.45
N TRP B 485 -4.89 33.87 36.75
CA TRP B 485 -5.24 34.02 35.34
C TRP B 485 -6.51 34.84 35.20
N PRO B 486 -6.50 35.96 34.49
CA PRO B 486 -7.73 36.75 34.34
C PRO B 486 -8.86 36.01 33.67
N GLY B 487 -8.57 35.11 32.73
CA GLY B 487 -9.60 34.39 32.03
C GLY B 487 -10.04 33.12 32.72
N ASN B 488 -10.23 33.18 34.04
CA ASN B 488 -10.69 32.01 34.79
C ASN B 488 -12.09 31.60 34.34
N ASN B 489 -12.97 32.58 34.12
CA ASN B 489 -14.32 32.33 33.63
C ASN B 489 -14.37 32.57 32.13
N VAL B 490 -14.83 31.57 31.38
CA VAL B 490 -14.85 31.68 29.93
C VAL B 490 -15.84 32.75 29.48
N ARG B 491 -16.96 32.88 30.19
CA ARG B 491 -18.01 33.82 29.83
C ARG B 491 -17.93 35.14 30.58
N ASP B 492 -16.89 35.34 31.39
CA ASP B 492 -16.75 36.59 32.14
C ASP B 492 -15.27 36.82 32.40
N HIS B 493 -14.65 37.67 31.58
CA HIS B 493 -13.23 38.00 31.73
C HIS B 493 -12.96 39.27 30.95
N PRO B 494 -12.04 40.12 31.42
CA PRO B 494 -11.69 41.32 30.66
C PRO B 494 -10.77 40.99 29.50
N GLY B 495 -10.62 41.97 28.61
CA GLY B 495 -9.75 41.78 27.46
C GLY B 495 -8.29 41.70 27.86
N MET B 496 -7.55 40.84 27.17
CA MET B 496 -6.14 40.62 27.44
C MET B 496 -5.35 40.74 26.13
N ILE B 497 -4.25 41.49 26.18
CA ILE B 497 -3.38 41.66 25.03
C ILE B 497 -1.94 41.45 25.48
N GLN B 498 -1.23 40.55 24.80
CA GLN B 498 0.15 40.24 25.13
C GLN B 498 0.99 40.25 23.86
N VAL B 499 2.21 40.77 23.97
CA VAL B 499 3.15 40.81 22.85
C VAL B 499 4.36 39.96 23.21
N PHE B 500 4.70 39.02 22.34
CA PHE B 500 5.78 38.06 22.61
C PHE B 500 7.07 38.37 21.86
N LEU B 501 6.99 38.70 20.59
CA LEU B 501 8.19 38.95 19.79
C LEU B 501 8.11 40.31 19.11
N GLY B 502 9.05 40.57 18.19
CA GLY B 502 9.00 41.80 17.41
C GLY B 502 10.09 42.78 17.81
N GLN B 503 9.75 44.06 17.66
CA GLN B 503 10.68 45.13 18.02
C GLN B 503 10.99 45.06 19.50
N ASN B 504 12.23 45.40 19.84
CA ASN B 504 12.79 45.20 21.19
C ASN B 504 12.66 43.70 21.47
N GLY B 505 12.03 43.29 22.57
CA GLY B 505 11.82 41.87 22.81
C GLY B 505 13.13 41.12 22.95
N VAL B 506 13.33 40.12 22.09
CA VAL B 506 14.52 39.27 22.14
C VAL B 506 14.83 38.79 20.74
N ARG B 507 16.12 38.78 20.39
CA ARG B 507 16.59 38.36 19.09
C ARG B 507 16.71 36.84 19.02
N ASP B 508 16.89 36.33 17.81
CA ASP B 508 17.02 34.89 17.59
C ASP B 508 18.47 34.44 17.73
N ILE B 509 18.76 33.20 17.32
CA ILE B 509 20.11 32.66 17.41
C ILE B 509 21.08 33.32 16.45
N GLU B 510 20.57 34.06 15.46
CA GLU B 510 21.43 34.78 14.53
C GLU B 510 21.59 36.26 14.88
N GLY B 511 20.98 36.73 15.97
CA GLY B 511 21.03 38.12 16.35
C GLY B 511 19.98 39.00 15.72
N ASN B 512 19.16 38.47 14.82
CA ASN B 512 18.11 39.24 14.17
C ASN B 512 16.80 39.10 14.93
N GLU B 513 15.87 40.00 14.64
CA GLU B 513 14.56 39.98 15.27
C GLU B 513 13.60 39.10 14.47
N LEU B 514 12.44 38.86 15.04
CA LEU B 514 11.42 37.98 14.49
C LEU B 514 10.12 38.74 14.35
N PRO B 515 9.21 38.27 13.46
CA PRO B 515 7.90 38.94 13.33
C PRO B 515 7.13 38.96 14.62
N ARG B 516 6.39 40.05 14.85
CA ARG B 516 5.67 40.24 16.10
C ARG B 516 4.52 39.25 16.21
N LEU B 517 4.38 38.65 17.39
CA LEU B 517 3.29 37.73 17.70
C LEU B 517 2.47 38.33 18.83
N VAL B 518 1.17 38.50 18.59
CA VAL B 518 0.27 39.15 19.54
C VAL B 518 -0.84 38.19 19.91
N TYR B 519 -1.04 38.01 21.21
CA TYR B 519 -2.13 37.20 21.75
C TYR B 519 -3.23 38.15 22.22
N VAL B 520 -4.42 38.00 21.62
CA VAL B 520 -5.55 38.90 21.87
C VAL B 520 -6.73 38.06 22.34
N SER B 521 -7.37 38.49 23.42
CA SER B 521 -8.59 37.86 23.93
C SER B 521 -9.58 38.97 24.24
N ARG B 522 -10.64 39.07 23.45
CA ARG B 522 -11.62 40.14 23.62
C ARG B 522 -12.42 39.95 24.89
N GLU B 523 -12.94 41.07 25.41
CA GLU B 523 -13.72 41.04 26.64
C GLU B 523 -15.03 40.29 26.43
N LYS B 524 -15.38 39.45 27.39
CA LYS B 524 -16.63 38.68 27.37
C LYS B 524 -17.38 38.94 28.66
N ARG B 525 -18.65 39.27 28.56
CA ARG B 525 -19.51 39.51 29.71
C ARG B 525 -20.83 38.81 29.49
N PRO B 526 -21.51 38.40 30.57
CA PRO B 526 -22.82 37.76 30.42
C PRO B 526 -23.85 38.73 29.86
N GLY B 527 -24.78 38.20 29.07
CA GLY B 527 -25.83 38.99 28.47
C GLY B 527 -25.44 39.73 27.21
N TYR B 528 -24.23 39.54 26.72
CA TYR B 528 -23.75 40.22 25.51
C TYR B 528 -23.46 39.18 24.44
N ASP B 529 -23.96 39.42 23.24
CA ASP B 529 -23.71 38.52 22.11
C ASP B 529 -22.36 38.85 21.48
N HIS B 530 -21.46 37.87 21.47
CA HIS B 530 -20.12 38.07 20.93
C HIS B 530 -20.03 37.77 19.44
N HIS B 531 -21.07 37.21 18.84
CA HIS B 531 -21.16 36.93 17.40
C HIS B 531 -20.10 35.94 16.92
N LYS B 532 -19.35 35.34 17.83
CA LYS B 532 -18.44 34.21 17.55
C LYS B 532 -17.35 34.67 16.58
N LYS B 533 -17.15 33.99 15.45
CA LYS B 533 -15.97 34.22 14.62
C LYS B 533 -16.00 35.60 13.98
N ALA B 534 -17.17 36.07 13.55
CA ALA B 534 -17.25 37.39 12.93
C ALA B 534 -16.87 38.48 13.92
N GLY B 535 -17.38 38.39 15.15
CA GLY B 535 -16.99 39.36 16.16
C GLY B 535 -15.52 39.28 16.51
N ALA B 536 -14.97 38.06 16.59
CA ALA B 536 -13.55 37.91 16.85
C ALA B 536 -12.72 38.53 15.74
N MET B 537 -13.12 38.34 14.48
CA MET B 537 -12.40 38.94 13.36
C MET B 537 -12.48 40.45 13.39
N ASN B 538 -13.65 41.00 13.72
CA ASN B 538 -13.78 42.46 13.82
C ASN B 538 -12.89 43.01 14.92
N ALA B 539 -12.86 42.34 16.08
CA ALA B 539 -11.99 42.77 17.16
C ALA B 539 -10.52 42.70 16.76
N LEU B 540 -10.14 41.63 16.05
CA LEU B 540 -8.76 41.51 15.57
C LEU B 540 -8.42 42.63 14.60
N VAL B 541 -9.35 42.97 13.71
CA VAL B 541 -9.11 44.05 12.75
C VAL B 541 -8.89 45.35 13.49
N ARG B 542 -9.74 45.65 14.47
CA ARG B 542 -9.58 46.90 15.22
C ARG B 542 -8.26 46.93 15.99
N VAL B 543 -7.90 45.81 16.63
CA VAL B 543 -6.67 45.77 17.41
C VAL B 543 -5.46 45.94 16.50
N SER B 544 -5.45 45.26 15.36
CA SER B 544 -4.33 45.38 14.43
C SER B 544 -4.22 46.78 13.86
N ALA B 545 -5.37 47.42 13.59
CA ALA B 545 -5.34 48.80 13.13
C ALA B 545 -4.79 49.73 14.19
N ILE B 546 -5.11 49.48 15.46
CA ILE B 546 -4.60 50.33 16.53
C ILE B 546 -3.09 50.14 16.71
N ILE B 547 -2.62 48.89 16.65
CA ILE B 547 -1.26 48.58 17.06
C ILE B 547 -0.29 48.72 15.89
N THR B 548 -0.49 47.95 14.82
CA THR B 548 0.39 47.99 13.65
C THR B 548 -0.20 48.72 12.46
N ASN B 549 -1.50 48.55 12.20
CA ASN B 549 -2.19 49.20 11.10
C ASN B 549 -1.58 48.82 9.75
N ALA B 550 -1.55 47.51 9.48
CA ALA B 550 -1.17 47.04 8.16
C ALA B 550 -2.32 47.25 7.18
N PRO B 551 -2.02 47.56 5.91
CA PRO B 551 -3.09 47.80 4.94
C PRO B 551 -3.68 46.53 4.34
N TYR B 552 -3.14 45.36 4.65
CA TYR B 552 -3.65 44.11 4.13
C TYR B 552 -3.75 43.09 5.27
N VAL B 553 -4.81 42.30 5.25
CA VAL B 553 -5.13 41.39 6.34
C VAL B 553 -5.16 39.96 5.80
N LEU B 554 -4.46 39.06 6.45
CA LEU B 554 -4.46 37.65 6.06
C LEU B 554 -5.37 36.86 6.99
N ASN B 555 -6.32 36.15 6.41
CA ASN B 555 -7.21 35.25 7.15
C ASN B 555 -6.74 33.83 6.95
N VAL B 556 -6.28 33.20 8.04
CA VAL B 556 -5.76 31.84 8.03
C VAL B 556 -6.34 31.10 9.22
N ASP B 557 -6.86 29.90 8.99
CA ASP B 557 -7.47 29.11 10.06
C ASP B 557 -6.39 28.49 10.94
N CYS B 558 -6.83 27.99 12.10
CA CYS B 558 -5.90 27.37 13.04
C CYS B 558 -5.31 26.09 12.49
N ASP B 559 -6.09 25.31 11.75
CA ASP B 559 -5.62 24.04 11.21
C ASP B 559 -4.99 24.17 9.83
N HIS B 560 -4.89 25.38 9.30
CA HIS B 560 -4.28 25.63 8.00
C HIS B 560 -2.93 26.31 8.19
N TYR B 561 -1.90 25.77 7.56
CA TYR B 561 -0.54 26.29 7.68
C TYR B 561 -0.07 26.78 6.31
N ILE B 562 0.84 27.76 6.34
CA ILE B 562 1.36 28.35 5.12
C ILE B 562 2.36 27.39 4.48
N ASN B 563 1.92 26.68 3.44
CA ASN B 563 2.76 25.68 2.79
C ASN B 563 3.85 26.34 1.95
N ASN B 564 3.51 27.39 1.21
CA ASN B 564 4.45 28.09 0.36
C ASN B 564 4.84 29.41 1.02
N SER B 565 6.14 29.56 1.33
CA SER B 565 6.63 30.74 2.03
C SER B 565 6.57 32.00 1.17
N LYS B 566 6.33 31.87 -0.13
CA LYS B 566 6.27 33.02 -1.03
C LYS B 566 4.85 33.52 -1.23
N ALA B 567 3.88 33.01 -0.47
CA ALA B 567 2.48 33.37 -0.69
C ALA B 567 2.25 34.87 -0.50
N LEU B 568 2.93 35.48 0.46
CA LEU B 568 2.77 36.92 0.69
C LEU B 568 3.22 37.72 -0.53
N ARG B 569 4.34 37.34 -1.14
CA ARG B 569 4.83 38.05 -2.31
C ARG B 569 3.88 37.90 -3.49
N GLU B 570 3.33 36.71 -3.69
CA GLU B 570 2.37 36.51 -4.78
C GLU B 570 1.09 37.31 -4.53
N ALA B 571 0.65 37.40 -3.27
CA ALA B 571 -0.50 38.25 -2.96
C ALA B 571 -0.19 39.71 -3.23
N MET B 572 1.02 40.16 -2.87
CA MET B 572 1.42 41.54 -3.10
C MET B 572 1.58 41.85 -4.58
N CYS B 573 1.82 40.83 -5.41
CA CYS B 573 1.91 41.05 -6.85
C CYS B 573 0.62 41.67 -7.39
N PHE B 574 -0.52 41.22 -6.89
CA PHE B 574 -1.80 41.85 -7.23
C PHE B 574 -2.14 43.01 -6.33
N MET B 575 -1.73 42.96 -5.05
CA MET B 575 -2.11 44.00 -4.11
C MET B 575 -1.41 45.32 -4.40
N MET B 576 -0.11 45.27 -4.70
CA MET B 576 0.69 46.48 -4.85
C MET B 576 0.69 47.05 -6.27
N ASP B 577 -0.07 46.47 -7.18
CA ASP B 577 -0.17 47.02 -8.53
C ASP B 577 -0.87 48.38 -8.47
N PRO B 578 -0.30 49.42 -9.06
CA PRO B 578 -0.91 50.75 -8.94
C PRO B 578 -2.33 50.84 -9.48
N THR B 579 -2.65 50.11 -10.54
CA THR B 579 -3.97 50.19 -11.16
C THR B 579 -4.94 49.18 -10.57
N SER B 580 -4.60 47.88 -10.65
CA SER B 580 -5.51 46.86 -10.16
C SER B 580 -5.68 46.91 -8.64
N GLY B 581 -4.59 47.17 -7.91
CA GLY B 581 -4.64 47.08 -6.46
C GLY B 581 -5.65 48.01 -5.82
N LYS B 582 -6.04 49.07 -6.52
CA LYS B 582 -7.02 50.01 -5.96
C LYS B 582 -8.43 49.44 -5.99
N LYS B 583 -8.77 48.70 -7.04
CA LYS B 583 -10.12 48.20 -7.24
C LYS B 583 -10.32 46.78 -6.74
N ILE B 584 -9.42 46.27 -5.91
CA ILE B 584 -9.40 44.85 -5.55
C ILE B 584 -9.72 44.72 -4.07
N CYS B 585 -10.72 43.91 -3.74
CA CYS B 585 -11.14 43.72 -2.36
C CYS B 585 -10.37 42.61 -1.66
N TYR B 586 -10.15 41.48 -2.32
CA TYR B 586 -9.38 40.41 -1.70
C TYR B 586 -8.82 39.48 -2.77
N VAL B 587 -7.81 38.73 -2.37
CA VAL B 587 -7.20 37.67 -3.16
C VAL B 587 -7.44 36.36 -2.45
N GLN B 588 -8.01 35.39 -3.15
CA GLN B 588 -8.39 34.12 -2.57
C GLN B 588 -7.54 32.99 -3.14
N PHE B 589 -7.05 32.12 -2.25
CA PHE B 589 -6.23 30.98 -2.63
C PHE B 589 -7.04 29.69 -2.53
N PRO B 590 -6.74 28.70 -3.37
CA PRO B 590 -7.46 27.42 -3.29
C PRO B 590 -7.16 26.71 -1.98
N GLN B 591 -8.13 25.91 -1.53
CA GLN B 591 -8.03 25.15 -0.30
C GLN B 591 -7.56 23.74 -0.61
N ARG B 592 -6.42 23.36 -0.03
CA ARG B 592 -5.88 22.02 -0.17
C ARG B 592 -5.78 21.38 1.20
N PHE B 593 -5.86 20.05 1.25
CA PHE B 593 -5.85 19.32 2.51
C PHE B 593 -4.88 18.15 2.44
N ASP B 594 -4.39 17.75 3.60
CA ASP B 594 -3.48 16.62 3.74
C ASP B 594 -4.16 15.49 4.50
N GLY B 595 -3.53 14.33 4.45
CA GLY B 595 -4.07 13.17 5.16
C GLY B 595 -5.33 12.59 4.56
N ILE B 596 -5.59 12.86 3.29
CA ILE B 596 -6.78 12.35 2.61
C ILE B 596 -6.46 10.98 2.03
N ASP B 597 -7.48 10.15 1.91
CA ASP B 597 -7.33 8.85 1.28
C ASP B 597 -6.96 9.01 -0.19
N ARG B 598 -6.24 8.01 -0.72
CA ARG B 598 -5.83 8.06 -2.12
C ARG B 598 -7.03 8.10 -3.05
N HIS B 599 -8.06 7.32 -2.75
CA HIS B 599 -9.28 7.34 -3.55
C HIS B 599 -10.21 8.48 -3.20
N ASP B 600 -9.95 9.19 -2.09
CA ASP B 600 -10.77 10.34 -1.66
C ASP B 600 -12.24 9.92 -1.49
N ARG B 601 -12.46 9.01 -0.55
CA ARG B 601 -13.77 8.39 -0.41
C ARG B 601 -14.86 9.41 -0.08
N TYR B 602 -14.53 10.42 0.73
CA TYR B 602 -15.50 11.44 1.12
C TYR B 602 -15.45 12.67 0.24
N SER B 603 -14.67 12.64 -0.85
CA SER B 603 -14.52 13.78 -1.76
C SER B 603 -14.04 15.02 -1.00
N ASN B 604 -13.08 14.82 -0.09
CA ASN B 604 -12.56 15.93 0.70
C ASN B 604 -11.68 16.85 -0.11
N ARG B 605 -11.08 16.35 -1.19
CA ARG B 605 -10.20 17.18 -2.01
C ARG B 605 -10.97 18.33 -2.66
N ASN B 606 -12.19 18.05 -3.12
CA ASN B 606 -13.05 19.07 -3.75
C ASN B 606 -12.36 19.71 -4.95
N VAL B 607 -11.79 18.87 -5.80
CA VAL B 607 -11.07 19.37 -6.97
C VAL B 607 -12.02 20.04 -7.96
N VAL B 608 -13.24 19.51 -8.09
CA VAL B 608 -14.18 20.04 -9.09
C VAL B 608 -14.54 21.48 -8.77
N PHE B 609 -14.81 21.79 -7.51
CA PHE B 609 -15.24 23.13 -7.15
C PHE B 609 -14.10 24.14 -7.29
N PHE B 610 -12.89 23.75 -6.89
CA PHE B 610 -11.77 24.68 -6.87
C PHE B 610 -11.01 24.74 -8.19
N ASP B 611 -11.31 23.86 -9.15
CA ASP B 611 -10.63 23.87 -10.43
C ASP B 611 -11.55 24.19 -11.61
N ILE B 612 -12.86 24.20 -11.41
CA ILE B 612 -13.79 24.48 -12.49
C ILE B 612 -14.67 25.67 -12.14
N ASN B 613 -15.43 25.54 -11.04
CA ASN B 613 -16.37 26.58 -10.67
C ASN B 613 -15.67 27.89 -10.32
N MET B 614 -14.59 27.81 -9.54
CA MET B 614 -13.92 29.03 -9.09
C MET B 614 -13.09 29.68 -10.19
N LYS B 615 -12.47 28.87 -11.06
CA LYS B 615 -11.76 29.42 -12.21
C LYS B 615 -12.71 30.16 -13.15
N GLY B 616 -13.89 29.59 -13.41
CA GLY B 616 -14.90 30.31 -14.16
C GLY B 616 -15.45 31.52 -13.45
N LEU B 617 -15.57 31.46 -12.12
CA LEU B 617 -15.99 32.60 -11.33
C LEU B 617 -15.02 33.76 -11.44
N ASP B 618 -13.71 33.47 -11.50
CA ASP B 618 -12.72 34.52 -11.64
C ASP B 618 -12.83 35.25 -12.98
N GLY B 619 -13.57 34.71 -13.93
CA GLY B 619 -13.68 35.28 -15.26
C GLY B 619 -14.65 36.43 -15.43
N ILE B 620 -15.51 36.70 -14.44
CA ILE B 620 -16.47 37.80 -14.52
C ILE B 620 -16.10 38.93 -13.55
N GLN B 621 -16.12 38.64 -12.25
CA GLN B 621 -15.80 39.64 -11.24
C GLN B 621 -14.82 39.15 -10.18
N GLY B 622 -14.68 37.84 -9.97
CA GLY B 622 -13.76 37.33 -8.98
C GLY B 622 -14.36 36.17 -8.20
N PRO B 623 -13.51 35.44 -7.50
CA PRO B 623 -14.01 34.30 -6.70
C PRO B 623 -14.84 34.77 -5.52
N ILE B 624 -15.59 33.85 -4.91
CA ILE B 624 -16.39 34.12 -3.72
C ILE B 624 -15.55 33.76 -2.51
N TYR B 625 -15.46 34.68 -1.55
CA TYR B 625 -14.68 34.45 -0.34
C TYR B 625 -15.25 33.27 0.44
N VAL B 626 -14.51 32.18 0.48
CA VAL B 626 -14.92 30.97 1.19
C VAL B 626 -13.79 30.52 2.11
N GLY B 627 -14.17 30.06 3.30
CA GLY B 627 -13.20 29.45 4.20
C GLY B 627 -12.11 30.42 4.64
N THR B 628 -10.87 29.99 4.48
CA THR B 628 -9.70 30.64 5.06
C THR B 628 -8.69 31.01 3.97
N GLY B 629 -7.54 31.48 4.41
CA GLY B 629 -6.44 31.81 3.51
C GLY B 629 -6.72 32.91 2.52
N CYS B 630 -7.27 34.03 2.98
CA CYS B 630 -7.68 35.12 2.09
C CYS B 630 -6.94 36.40 2.45
N VAL B 631 -6.49 37.13 1.43
CA VAL B 631 -5.77 38.39 1.63
C VAL B 631 -6.74 39.52 1.33
N PHE B 632 -7.26 40.15 2.38
CA PHE B 632 -8.21 41.24 2.26
C PHE B 632 -7.51 42.59 2.28
N ARG B 633 -8.15 43.57 1.63
CA ARG B 633 -7.73 44.95 1.70
C ARG B 633 -8.55 45.67 2.77
N ARG B 634 -7.89 46.47 3.59
CA ARG B 634 -8.58 47.14 4.69
C ARG B 634 -9.66 48.09 4.19
N GLN B 635 -9.38 48.81 3.10
CA GLN B 635 -10.35 49.76 2.57
C GLN B 635 -11.64 49.08 2.11
N ALA B 636 -11.57 47.80 1.73
CA ALA B 636 -12.78 47.07 1.38
C ALA B 636 -13.67 46.87 2.60
N PHE B 637 -13.07 46.58 3.76
CA PHE B 637 -13.84 46.41 4.98
C PHE B 637 -14.56 47.69 5.38
N TYR B 638 -13.90 48.82 5.24
CA TYR B 638 -14.39 50.08 5.79
C TYR B 638 -15.59 50.65 5.04
N GLY B 639 -16.18 49.91 4.11
CA GLY B 639 -17.36 50.40 3.40
C GLY B 639 -17.08 51.45 2.36
N TYR B 640 -15.86 51.51 1.82
CA TYR B 640 -15.50 52.47 0.79
C TYR B 640 -15.61 51.83 -0.59
N ASP B 641 -15.99 52.65 -1.56
CA ASP B 641 -16.10 52.19 -2.94
C ASP B 641 -14.72 52.06 -3.57
N ALA B 642 -14.68 51.42 -4.72
CA ALA B 642 -13.41 51.21 -5.44
C ALA B 642 -12.89 52.55 -5.97
N PRO B 643 -11.69 52.97 -5.60
CA PRO B 643 -11.17 54.25 -6.12
C PRO B 643 -11.04 54.29 -7.63
N THR B 644 -10.73 53.17 -8.27
CA THR B 644 -10.56 53.11 -9.71
C THR B 644 -11.58 52.11 -10.28
N SER B 645 -12.65 52.63 -10.86
CA SER B 645 -13.67 51.77 -11.45
C SER B 645 -14.43 52.51 -12.55
N SER B 713 -16.44 65.87 8.84
CA SER B 713 -17.34 64.75 8.97
C SER B 713 -16.88 63.79 10.06
N GLN B 714 -16.40 64.35 11.17
CA GLN B 714 -15.95 63.53 12.28
C GLN B 714 -17.11 62.76 12.90
N SER B 715 -18.26 63.43 13.05
CA SER B 715 -19.43 62.77 13.63
C SER B 715 -19.89 61.60 12.77
N LYS B 716 -19.78 61.73 11.44
CA LYS B 716 -20.09 60.62 10.56
C LYS B 716 -19.15 59.45 10.78
N PHE B 717 -17.86 59.72 10.98
CA PHE B 717 -16.91 58.64 11.26
C PHE B 717 -17.22 57.96 12.59
N GLU B 718 -17.58 58.76 13.61
CA GLU B 718 -17.91 58.16 14.90
C GLU B 718 -19.18 57.32 14.85
N LYS B 719 -20.03 57.55 13.86
CA LYS B 719 -21.26 56.77 13.69
C LYS B 719 -21.05 55.52 12.83
N LYS B 720 -19.84 55.32 12.30
CA LYS B 720 -19.55 54.20 11.42
C LYS B 720 -18.52 53.25 11.98
N PHE B 721 -17.47 53.76 12.63
CA PHE B 721 -16.39 52.93 13.14
C PHE B 721 -16.44 52.74 14.66
N GLY B 722 -16.75 53.78 15.40
CA GLY B 722 -16.82 53.70 16.85
C GLY B 722 -16.42 55.01 17.48
N GLN B 723 -16.17 54.96 18.79
CA GLN B 723 -15.83 56.12 19.58
C GLN B 723 -14.33 56.19 19.90
N SER B 724 -13.50 55.46 19.16
CA SER B 724 -12.06 55.46 19.38
C SER B 724 -11.41 56.32 18.29
N SER B 725 -10.95 57.52 18.67
CA SER B 725 -10.38 58.44 17.69
C SER B 725 -9.08 57.90 17.11
N VAL B 726 -8.33 57.09 17.88
CA VAL B 726 -7.10 56.52 17.37
C VAL B 726 -7.39 55.60 16.19
N PHE B 727 -8.44 54.79 16.30
CA PHE B 727 -8.83 53.92 15.19
C PHE B 727 -9.27 54.74 13.98
N ILE B 728 -9.98 55.84 14.21
CA ILE B 728 -10.39 56.70 13.09
C ILE B 728 -9.17 57.26 12.39
N ALA B 729 -8.17 57.70 13.15
CA ALA B 729 -6.94 58.21 12.55
C ALA B 729 -6.20 57.13 11.78
N SER B 730 -6.18 55.91 12.34
CA SER B 730 -5.47 54.81 11.67
C SER B 730 -6.17 54.39 10.39
N THR B 731 -7.50 54.52 10.31
CA THR B 731 -8.21 54.10 9.12
C THR B 731 -7.90 54.98 7.91
N LEU B 732 -7.33 56.16 8.12
CA LEU B 732 -7.05 57.10 7.03
C LEU B 732 -5.67 56.92 6.42
N LEU B 733 -4.90 55.91 6.85
CA LEU B 733 -3.57 55.67 6.30
C LEU B 733 -3.70 54.76 5.08
N GLU B 734 -3.32 55.28 3.91
CA GLU B 734 -3.46 54.52 2.68
C GLU B 734 -2.44 53.39 2.60
N ASP B 735 -1.18 53.67 2.94
CA ASP B 735 -0.10 52.69 2.84
C ASP B 735 0.14 51.94 4.15
N GLY B 736 -0.68 52.17 5.16
CA GLY B 736 -0.49 51.50 6.43
C GLY B 736 0.51 52.20 7.32
N GLY B 737 0.78 51.56 8.45
CA GLY B 737 1.69 52.10 9.44
C GLY B 737 0.98 52.92 10.50
N VAL B 738 1.66 53.10 11.63
CA VAL B 738 1.10 53.86 12.75
C VAL B 738 1.05 55.34 12.38
N PRO B 739 -0.08 56.01 12.52
CA PRO B 739 -0.13 57.45 12.25
C PRO B 739 0.79 58.23 13.17
N LYS B 740 1.35 59.32 12.63
CA LYS B 740 2.31 60.11 13.39
C LYS B 740 1.65 60.82 14.56
N ALA B 741 0.36 61.15 14.45
CA ALA B 741 -0.32 61.86 15.52
C ALA B 741 -0.46 60.99 16.77
N ALA B 742 -0.74 59.70 16.59
CA ALA B 742 -0.94 58.81 17.72
C ALA B 742 0.36 58.62 18.50
N SER B 743 0.25 58.65 19.82
CA SER B 743 1.41 58.44 20.68
C SER B 743 1.67 56.95 20.88
N SER B 744 2.94 56.57 20.85
CA SER B 744 3.30 55.16 20.99
C SER B 744 3.07 54.66 22.41
N ALA B 745 3.21 55.53 23.42
CA ALA B 745 3.04 55.09 24.79
C ALA B 745 1.60 54.67 25.07
N THR B 746 0.63 55.43 24.58
CA THR B 746 -0.78 55.14 24.81
C THR B 746 -1.35 54.37 23.61
N LEU B 747 -0.89 53.13 23.47
CA LEU B 747 -1.37 52.24 22.43
C LEU B 747 -2.00 50.96 22.96
N LEU B 748 -1.51 50.42 24.07
CA LEU B 748 -2.12 49.22 24.64
C LEU B 748 -3.48 49.52 25.24
N LYS B 749 -3.62 50.69 25.87
CA LYS B 749 -4.91 51.06 26.46
C LYS B 749 -5.99 51.22 25.40
N GLU B 750 -5.65 51.85 24.28
CA GLU B 750 -6.64 51.99 23.21
C GLU B 750 -6.97 50.66 22.57
N ALA B 751 -5.97 49.78 22.43
CA ALA B 751 -6.23 48.46 21.89
C ALA B 751 -7.09 47.62 22.83
N ILE B 752 -6.97 47.83 24.14
CA ILE B 752 -7.88 47.20 25.09
C ILE B 752 -9.27 47.81 24.98
N HIS B 753 -9.35 49.12 24.75
CA HIS B 753 -10.64 49.78 24.63
C HIS B 753 -11.41 49.27 23.42
N VAL B 754 -10.73 49.05 22.29
CA VAL B 754 -11.42 48.67 21.07
C VAL B 754 -11.94 47.23 21.10
N ILE B 755 -11.57 46.43 22.11
CA ILE B 755 -12.14 45.09 22.27
C ILE B 755 -13.15 45.04 23.40
N SER B 756 -13.64 46.19 23.85
CA SER B 756 -14.68 46.20 24.87
C SER B 756 -15.97 45.60 24.32
N CYS B 757 -16.76 45.00 25.21
CA CYS B 757 -17.98 44.33 24.78
C CYS B 757 -19.00 45.32 24.22
N GLY B 758 -19.04 46.53 24.75
CA GLY B 758 -19.98 47.53 24.31
C GLY B 758 -19.48 48.48 23.24
N TYR B 759 -18.31 48.20 22.65
CA TYR B 759 -17.77 49.10 21.62
C TYR B 759 -18.66 49.16 20.38
N GLU B 760 -19.14 48.00 19.92
CA GLU B 760 -19.95 47.92 18.71
C GLU B 760 -21.41 48.25 19.03
N ASP B 761 -21.62 49.46 19.52
CA ASP B 761 -22.95 49.97 19.83
C ASP B 761 -23.19 51.23 19.01
N LYS B 762 -24.32 51.27 18.31
CA LYS B 762 -24.70 52.38 17.43
C LYS B 762 -23.71 52.60 16.31
N THR B 763 -22.93 51.57 15.97
CA THR B 763 -21.99 51.61 14.86
C THR B 763 -22.46 50.67 13.74
N GLU B 764 -21.68 50.64 12.66
CA GLU B 764 -22.01 49.82 11.50
C GLU B 764 -21.24 48.51 11.48
N TRP B 765 -20.54 48.16 12.56
CA TRP B 765 -19.76 46.93 12.59
C TRP B 765 -20.69 45.72 12.54
N GLY B 766 -20.41 44.81 11.62
CA GLY B 766 -21.23 43.63 11.44
C GLY B 766 -22.45 43.81 10.56
N LYS B 767 -22.74 45.03 10.12
CA LYS B 767 -23.87 45.32 9.25
C LYS B 767 -23.43 45.83 7.88
N GLU B 768 -22.56 46.85 7.85
CA GLU B 768 -22.05 47.39 6.60
C GLU B 768 -20.54 47.34 6.48
N VAL B 769 -19.82 47.14 7.58
CA VAL B 769 -18.35 47.10 7.56
C VAL B 769 -17.88 45.84 8.26
N GLY B 770 -16.71 45.36 7.84
CA GLY B 770 -16.12 44.17 8.44
C GLY B 770 -16.90 42.91 8.11
N TRP B 771 -16.67 41.89 8.92
CA TRP B 771 -17.42 40.64 8.78
C TRP B 771 -18.88 40.88 9.15
N ILE B 772 -19.77 40.33 8.34
CA ILE B 772 -21.21 40.59 8.48
C ILE B 772 -21.84 39.50 9.33
N TYR B 773 -22.61 39.91 10.34
CA TYR B 773 -23.32 38.98 11.20
C TYR B 773 -24.57 38.48 10.50
N GLY B 774 -25.40 37.72 11.22
CA GLY B 774 -26.69 37.29 10.72
C GLY B 774 -26.68 35.98 9.97
N SER B 775 -25.52 35.38 9.73
CA SER B 775 -25.46 34.11 9.01
C SER B 775 -24.31 33.28 9.56
N VAL B 776 -24.51 31.95 9.56
CA VAL B 776 -23.46 31.05 9.99
C VAL B 776 -22.27 31.12 9.05
N THR B 777 -22.53 31.12 7.74
CA THR B 777 -21.48 31.26 6.74
C THR B 777 -21.29 32.75 6.43
N GLU B 778 -20.64 33.44 7.38
CA GLU B 778 -20.42 34.87 7.23
C GLU B 778 -19.48 35.21 6.09
N ASP B 779 -18.66 34.25 5.65
CA ASP B 779 -17.73 34.52 4.56
C ASP B 779 -18.45 34.85 3.26
N ILE B 780 -19.51 34.09 2.94
CA ILE B 780 -20.27 34.34 1.73
C ILE B 780 -20.92 35.72 1.77
N LEU B 781 -21.50 36.07 2.91
CA LEU B 781 -22.16 37.36 3.05
C LEU B 781 -21.15 38.50 2.94
N THR B 782 -19.98 38.34 3.58
CA THR B 782 -18.95 39.37 3.50
C THR B 782 -18.48 39.57 2.06
N GLY B 783 -18.22 38.46 1.36
CA GLY B 783 -17.80 38.56 -0.03
C GLY B 783 -18.86 39.19 -0.92
N PHE B 784 -20.13 38.83 -0.71
CA PHE B 784 -21.21 39.40 -1.50
C PHE B 784 -21.36 40.90 -1.23
N LYS B 785 -21.24 41.31 0.03
CA LYS B 785 -21.34 42.73 0.35
C LYS B 785 -20.18 43.51 -0.23
N MET B 786 -18.98 42.92 -0.25
CA MET B 786 -17.85 43.58 -0.90
C MET B 786 -18.08 43.69 -2.41
N HIS B 787 -18.60 42.63 -3.03
CA HIS B 787 -18.78 42.62 -4.48
C HIS B 787 -19.88 43.59 -4.91
N CYS B 788 -20.93 43.72 -4.11
CA CYS B 788 -22.02 44.63 -4.46
C CYS B 788 -21.58 46.09 -4.49
N HIS B 789 -20.45 46.41 -3.86
CA HIS B 789 -19.88 47.76 -3.92
C HIS B 789 -19.14 48.03 -5.23
N GLY B 790 -18.92 47.00 -6.06
CA GLY B 790 -18.19 47.15 -7.29
C GLY B 790 -16.75 46.67 -7.25
N TRP B 791 -16.32 46.07 -6.16
CA TRP B 791 -14.94 45.61 -6.05
C TRP B 791 -14.73 44.36 -6.89
N ARG B 792 -13.46 44.10 -7.21
CA ARG B 792 -13.06 42.92 -7.96
C ARG B 792 -12.19 42.03 -7.09
N SER B 793 -12.09 40.75 -7.48
CA SER B 793 -11.36 39.76 -6.69
C SER B 793 -10.45 38.94 -7.58
N VAL B 794 -9.43 38.36 -6.97
CA VAL B 794 -8.42 37.56 -7.65
C VAL B 794 -8.43 36.14 -7.08
N TYR B 795 -8.39 35.16 -7.97
CA TYR B 795 -8.24 33.76 -7.60
C TYR B 795 -6.86 33.32 -8.06
N CYS B 796 -5.90 33.35 -7.13
CA CYS B 796 -4.50 33.06 -7.45
C CYS B 796 -4.22 31.60 -7.12
N MET B 797 -3.73 30.85 -8.11
CA MET B 797 -3.36 29.44 -7.93
C MET B 797 -1.86 29.29 -8.13
N PRO B 798 -1.07 29.26 -7.06
CA PRO B 798 0.36 29.05 -7.21
C PRO B 798 0.68 27.63 -7.65
N LYS B 799 1.87 27.46 -8.22
CA LYS B 799 2.33 26.13 -8.61
C LYS B 799 2.42 25.21 -7.40
N ARG B 800 3.01 25.71 -6.32
CA ARG B 800 2.99 25.02 -5.02
C ARG B 800 1.89 25.63 -4.16
N PRO B 801 0.98 24.81 -3.62
CA PRO B 801 -0.15 25.36 -2.87
C PRO B 801 0.31 26.24 -1.71
N ALA B 802 -0.36 27.37 -1.54
CA ALA B 802 0.04 28.33 -0.51
C ALA B 802 -0.35 27.85 0.88
N PHE B 803 -1.55 27.28 1.02
CA PHE B 803 -2.06 26.85 2.32
C PHE B 803 -2.55 25.42 2.23
N LYS B 804 -2.33 24.67 3.30
CA LYS B 804 -2.80 23.30 3.41
C LYS B 804 -3.40 23.08 4.79
N GLY B 805 -4.47 22.30 4.84
CA GLY B 805 -5.16 22.02 6.10
C GLY B 805 -5.42 20.55 6.32
N SER B 806 -6.38 20.25 7.20
CA SER B 806 -6.72 18.88 7.55
C SER B 806 -8.15 18.58 7.13
N ALA B 807 -8.34 17.47 6.43
CA ALA B 807 -9.66 17.05 5.98
C ALA B 807 -10.39 16.30 7.10
N PRO B 808 -11.73 16.29 7.06
CA PRO B 808 -12.49 15.51 8.04
C PRO B 808 -12.15 14.03 7.95
N ILE B 809 -12.17 13.37 9.10
CA ILE B 809 -11.73 11.98 9.18
C ILE B 809 -12.79 11.04 8.61
N ASN B 810 -13.97 11.02 9.23
CA ASN B 810 -15.04 10.11 8.81
C ASN B 810 -16.23 10.92 8.29
N LEU B 811 -17.31 10.19 7.99
CA LEU B 811 -18.44 10.80 7.29
C LEU B 811 -19.24 11.74 8.18
N SER B 812 -19.19 11.55 9.50
CA SER B 812 -20.02 12.34 10.40
C SER B 812 -19.66 13.82 10.34
N ASP B 813 -18.36 14.14 10.41
CA ASP B 813 -17.93 15.53 10.38
C ASP B 813 -18.25 16.17 9.03
N ARG B 814 -18.05 15.43 7.94
CA ARG B 814 -18.37 15.97 6.62
C ARG B 814 -19.86 16.25 6.48
N LEU B 815 -20.70 15.32 6.97
CA LEU B 815 -22.14 15.54 6.90
C LEU B 815 -22.56 16.74 7.74
N HIS B 816 -21.99 16.88 8.93
CA HIS B 816 -22.30 18.04 9.77
C HIS B 816 -21.87 19.34 9.12
N GLN B 817 -20.69 19.33 8.48
CA GLN B 817 -20.20 20.53 7.80
C GLN B 817 -21.09 20.90 6.63
N VAL B 818 -21.53 19.90 5.85
CA VAL B 818 -22.43 20.18 4.73
C VAL B 818 -23.76 20.71 5.24
N LEU B 819 -24.26 20.15 6.35
CA LEU B 819 -25.50 20.64 6.95
C LEU B 819 -25.34 22.08 7.41
N ARG B 820 -24.20 22.42 8.00
CA ARG B 820 -23.94 23.80 8.42
C ARG B 820 -23.91 24.74 7.23
N TRP B 821 -23.25 24.32 6.15
CA TRP B 821 -23.21 25.15 4.95
C TRP B 821 -24.61 25.38 4.39
N ALA B 822 -25.43 24.33 4.33
CA ALA B 822 -26.77 24.45 3.80
C ALA B 822 -27.65 25.32 4.70
N LEU B 823 -27.49 25.19 6.02
CA LEU B 823 -28.24 26.04 6.94
C LEU B 823 -27.86 27.50 6.78
N GLY B 824 -26.56 27.78 6.61
CA GLY B 824 -26.14 29.15 6.38
C GLY B 824 -26.69 29.70 5.06
N SER B 825 -26.70 28.88 4.02
CA SER B 825 -27.27 29.30 2.74
C SER B 825 -28.76 29.60 2.88
N VAL B 826 -29.49 28.75 3.60
CA VAL B 826 -30.91 28.98 3.80
C VAL B 826 -31.16 30.26 4.60
N GLU B 827 -30.35 30.48 5.64
CA GLU B 827 -30.50 31.69 6.44
C GLU B 827 -30.22 32.94 5.61
N ILE B 828 -29.22 32.88 4.73
CA ILE B 828 -28.96 34.01 3.83
C ILE B 828 -30.13 34.20 2.87
N PHE B 829 -30.71 33.09 2.39
CA PHE B 829 -31.84 33.19 1.47
C PHE B 829 -33.03 33.86 2.12
N PHE B 830 -33.33 33.52 3.37
CA PHE B 830 -34.49 34.08 4.06
C PHE B 830 -34.22 35.45 4.66
N SER B 831 -32.99 35.93 4.64
CA SER B 831 -32.66 37.24 5.19
C SER B 831 -32.91 38.34 4.15
N ARG B 832 -32.55 39.57 4.49
CA ARG B 832 -32.70 40.70 3.60
C ARG B 832 -31.51 40.89 2.67
N HIS B 833 -30.48 40.03 2.79
CA HIS B 833 -29.29 40.11 1.97
C HIS B 833 -29.31 39.15 0.79
N CYS B 834 -30.49 38.66 0.42
CA CYS B 834 -30.59 37.72 -0.68
C CYS B 834 -30.15 38.38 -1.98
N PRO B 835 -29.30 37.74 -2.79
CA PRO B 835 -28.86 38.36 -4.04
C PRO B 835 -29.99 38.62 -5.04
N ILE B 836 -31.13 37.96 -4.88
CA ILE B 836 -32.23 38.13 -5.82
C ILE B 836 -32.76 39.57 -5.76
N TRP B 837 -32.91 40.12 -4.55
CA TRP B 837 -33.51 41.44 -4.40
C TRP B 837 -32.63 42.40 -3.61
N TYR B 838 -31.31 42.19 -3.61
CA TYR B 838 -30.39 43.08 -2.92
C TYR B 838 -29.21 43.40 -3.84
N GLY B 839 -28.61 44.56 -3.62
CA GLY B 839 -27.47 44.98 -4.42
C GLY B 839 -27.82 45.60 -5.74
N TYR B 840 -29.08 46.00 -5.96
CA TYR B 840 -29.51 46.59 -7.22
C TYR B 840 -29.04 48.03 -7.30
N GLY B 841 -27.72 48.19 -7.43
CA GLY B 841 -27.11 49.49 -7.57
C GLY B 841 -26.36 49.63 -8.87
N GLY B 842 -26.14 48.51 -9.56
CA GLY B 842 -25.40 48.47 -10.81
C GLY B 842 -23.97 48.02 -10.68
N GLY B 843 -23.41 48.07 -9.47
CA GLY B 843 -22.03 47.63 -9.29
C GLY B 843 -21.86 46.13 -9.50
N LEU B 844 -22.82 45.34 -9.02
CA LEU B 844 -22.74 43.89 -9.13
C LEU B 844 -23.06 43.44 -10.55
N LYS B 845 -22.20 42.60 -11.12
CA LYS B 845 -22.43 42.09 -12.45
C LYS B 845 -23.53 41.04 -12.46
N SER B 846 -24.23 40.93 -13.59
CA SER B 846 -25.35 40.00 -13.70
C SER B 846 -24.90 38.55 -13.53
N LEU B 847 -23.78 38.18 -14.17
CA LEU B 847 -23.29 36.81 -14.06
C LEU B 847 -22.86 36.50 -12.63
N GLU B 848 -22.22 37.46 -11.95
CA GLU B 848 -21.88 37.25 -10.55
C GLU B 848 -23.13 37.12 -9.68
N ARG B 849 -24.17 37.89 -10.00
CA ARG B 849 -25.43 37.75 -9.28
C ARG B 849 -26.02 36.36 -9.47
N PHE B 850 -25.99 35.84 -10.71
CA PHE B 850 -26.48 34.49 -10.94
C PHE B 850 -25.65 33.45 -10.20
N SER B 851 -24.33 33.65 -10.16
CA SER B 851 -23.48 32.74 -9.42
C SER B 851 -23.80 32.76 -7.92
N TYR B 852 -24.04 33.95 -7.37
CA TYR B 852 -24.41 34.05 -5.96
C TYR B 852 -25.75 33.38 -5.70
N ILE B 853 -26.71 33.56 -6.59
CA ILE B 853 -28.02 32.93 -6.45
C ILE B 853 -27.90 31.44 -6.71
N SER B 855 -25.78 29.11 -5.54
CA SER B 855 -25.00 28.95 -4.33
C SER B 855 -25.85 29.22 -3.08
N VAL B 856 -26.89 30.04 -3.26
CA VAL B 856 -27.79 30.34 -2.15
C VAL B 856 -28.97 29.38 -2.14
N VAL B 857 -29.54 29.11 -3.32
CA VAL B 857 -30.72 28.26 -3.44
C VAL B 857 -30.34 26.84 -3.86
N TYR B 858 -29.06 26.48 -3.76
CA TYR B 858 -28.64 25.12 -4.12
C TYR B 858 -29.27 24.04 -3.23
N PRO B 859 -29.32 24.17 -1.90
CA PRO B 859 -29.94 23.09 -1.11
C PRO B 859 -31.40 22.88 -1.45
N LEU B 860 -32.07 23.91 -2.00
CA LEU B 860 -33.45 23.77 -2.40
C LEU B 860 -33.64 22.63 -3.40
N THR B 861 -32.58 22.26 -4.13
CA THR B 861 -32.65 21.16 -5.07
C THR B 861 -32.69 19.79 -4.42
N SER B 862 -32.81 19.63 -3.10
CA SER B 862 -32.86 18.28 -2.53
C SER B 862 -34.21 17.62 -2.82
N ILE B 863 -35.30 18.40 -2.76
CA ILE B 863 -36.63 17.82 -2.95
C ILE B 863 -36.79 17.13 -4.30
N PRO B 864 -36.41 17.73 -5.43
CA PRO B 864 -36.48 16.98 -6.70
C PRO B 864 -35.60 15.74 -6.70
N LEU B 865 -34.46 15.78 -6.01
CA LEU B 865 -33.60 14.61 -5.93
C LEU B 865 -34.26 13.49 -5.13
N ILE B 866 -34.74 13.80 -3.92
CA ILE B 866 -35.26 12.78 -3.03
C ILE B 866 -36.51 12.13 -3.61
N ALA B 867 -37.26 12.86 -4.43
CA ALA B 867 -38.37 12.24 -5.14
C ALA B 867 -37.86 11.36 -6.28
N TYR B 868 -36.89 11.85 -7.04
CA TYR B 868 -36.42 11.12 -8.22
C TYR B 868 -35.82 9.78 -7.82
N CYS B 869 -34.99 9.78 -6.78
CA CYS B 869 -34.41 8.53 -6.28
C CYS B 869 -35.48 7.58 -5.76
N ALA B 870 -36.63 8.10 -5.34
CA ALA B 870 -37.74 7.25 -4.92
C ALA B 870 -38.68 6.89 -6.07
N LEU B 871 -38.47 7.47 -7.25
CA LEU B 871 -39.35 7.17 -8.39
C LEU B 871 -39.27 5.71 -8.82
N PRO B 872 -38.10 5.11 -9.06
CA PRO B 872 -38.10 3.72 -9.54
C PRO B 872 -38.73 2.74 -8.56
N ALA B 873 -38.47 2.89 -7.27
CA ALA B 873 -38.99 1.94 -6.28
C ALA B 873 -40.51 1.89 -6.31
N VAL B 874 -41.15 3.07 -6.33
CA VAL B 874 -42.60 3.11 -6.49
C VAL B 874 -42.99 2.44 -7.79
N CYS B 875 -42.27 2.75 -8.87
CA CYS B 875 -42.51 2.06 -10.13
C CYS B 875 -42.34 0.56 -10.00
N LEU B 876 -41.39 0.13 -9.17
CA LEU B 876 -41.19 -1.30 -8.95
C LEU B 876 -42.26 -1.91 -8.06
N LEU B 877 -43.02 -1.09 -7.33
CA LEU B 877 -44.02 -1.60 -6.40
C LEU B 877 -45.45 -1.33 -6.87
N THR B 878 -45.64 -0.73 -8.04
CA THR B 878 -46.97 -0.39 -8.51
C THR B 878 -47.24 -0.92 -9.91
N GLY B 879 -46.18 -1.13 -10.70
CA GLY B 879 -46.32 -1.57 -12.05
C GLY B 879 -46.47 -0.48 -13.08
N LYS B 880 -46.10 0.75 -12.75
CA LYS B 880 -46.25 1.89 -13.65
C LYS B 880 -44.90 2.39 -14.14
N PHE B 881 -44.90 3.00 -15.32
CA PHE B 881 -43.72 3.59 -15.91
C PHE B 881 -44.00 5.04 -16.31
N ILE B 882 -42.97 5.88 -16.18
CA ILE B 882 -43.14 7.30 -16.49
C ILE B 882 -43.18 7.58 -17.98
N VAL B 883 -42.78 6.64 -18.81
CA VAL B 883 -42.79 6.80 -20.26
C VAL B 883 -44.05 6.13 -20.81
N PRO B 884 -44.84 6.81 -21.66
CA PRO B 884 -46.04 6.17 -22.20
C PRO B 884 -45.74 4.90 -22.99
N GLU B 885 -44.88 5.02 -23.99
CA GLU B 885 -44.48 3.87 -24.80
C GLU B 885 -43.13 4.17 -25.43
N ILE B 886 -42.25 3.16 -25.41
CA ILE B 886 -40.93 3.32 -26.00
C ILE B 886 -41.06 3.43 -27.51
N SER B 887 -40.55 4.53 -28.07
CA SER B 887 -40.63 4.78 -29.50
C SER B 887 -39.25 5.17 -30.03
N ASN B 888 -39.11 5.10 -31.35
CA ASN B 888 -37.82 5.44 -31.97
C ASN B 888 -37.47 6.90 -31.72
N TYR B 889 -38.45 7.81 -31.85
CA TYR B 889 -38.20 9.22 -31.61
C TYR B 889 -37.82 9.48 -30.16
N ALA B 890 -38.55 8.86 -29.22
CA ALA B 890 -38.23 9.04 -27.80
C ALA B 890 -36.87 8.46 -27.46
N SER B 891 -36.54 7.28 -27.99
CA SER B 891 -35.24 6.68 -27.73
C SER B 891 -34.13 7.54 -28.31
N ILE B 892 -34.35 8.10 -29.51
CA ILE B 892 -33.35 8.98 -30.12
C ILE B 892 -33.13 10.21 -29.27
N ILE B 893 -34.21 10.82 -28.76
CA ILE B 893 -34.06 12.01 -27.93
C ILE B 893 -33.32 11.68 -26.64
N PHE B 894 -33.68 10.56 -26.00
CA PHE B 894 -33.01 10.17 -24.75
C PHE B 894 -31.54 9.91 -24.98
N MET B 895 -31.20 9.18 -26.05
CA MET B 895 -29.80 8.89 -26.34
C MET B 895 -29.04 10.16 -26.67
N ALA B 896 -29.64 11.08 -27.41
CA ALA B 896 -28.98 12.35 -27.72
C ALA B 896 -28.72 13.15 -26.45
N LEU B 897 -29.69 13.20 -25.54
CA LEU B 897 -29.49 13.93 -24.29
C LEU B 897 -28.37 13.30 -23.46
N PHE B 898 -28.38 11.97 -23.34
CA PHE B 898 -27.33 11.29 -22.57
C PHE B 898 -25.95 11.51 -23.19
N ILE B 899 -25.86 11.41 -24.51
CA ILE B 899 -24.59 11.63 -25.20
C ILE B 899 -24.11 13.06 -25.00
N SER B 900 -25.02 14.03 -25.08
CA SER B 900 -24.65 15.41 -24.86
C SER B 900 -24.13 15.63 -23.45
N ILE B 901 -24.81 15.05 -22.45
CA ILE B 901 -24.37 15.21 -21.06
C ILE B 901 -22.99 14.60 -20.88
N ALA B 902 -22.78 13.39 -21.40
CA ALA B 902 -21.49 12.72 -21.26
C ALA B 902 -20.38 13.51 -21.95
N ALA B 903 -20.65 14.01 -23.16
CA ALA B 903 -19.65 14.78 -23.89
C ALA B 903 -19.32 16.07 -23.15
N THR B 904 -20.34 16.77 -22.62
CA THR B 904 -20.10 18.00 -21.89
C THR B 904 -19.24 17.74 -20.67
N GLY B 905 -19.53 16.67 -19.94
CA GLY B 905 -18.64 16.28 -18.85
C GLY B 905 -17.23 16.00 -19.32
N ILE B 906 -17.10 15.35 -20.47
CA ILE B 906 -15.78 15.02 -21.00
C ILE B 906 -14.97 16.27 -21.27
N LEU B 907 -15.57 17.26 -21.93
CA LEU B 907 -14.82 18.50 -22.16
C LEU B 907 -14.60 19.27 -20.86
N GLU B 908 -15.49 19.13 -19.88
CA GLU B 908 -15.23 19.74 -18.58
C GLU B 908 -13.96 19.19 -17.97
N MET B 909 -13.78 17.86 -18.01
CA MET B 909 -12.54 17.27 -17.51
C MET B 909 -11.34 17.70 -18.36
N GLN B 910 -11.53 17.74 -19.68
CA GLN B 910 -10.42 18.07 -20.58
C GLN B 910 -9.89 19.48 -20.30
N TRP B 911 -10.80 20.46 -20.17
CA TRP B 911 -10.35 21.84 -19.94
C TRP B 911 -9.94 22.07 -18.49
N GLY B 912 -10.61 21.41 -17.54
CA GLY B 912 -10.30 21.62 -16.13
C GLY B 912 -9.16 20.78 -15.59
N GLY B 913 -8.71 19.78 -16.33
CA GLY B 913 -7.64 18.92 -15.85
C GLY B 913 -7.98 18.12 -14.61
N VAL B 914 -9.18 17.52 -14.59
CA VAL B 914 -9.65 16.74 -13.44
C VAL B 914 -9.91 15.32 -13.91
N GLY B 915 -9.39 14.36 -13.16
CA GLY B 915 -9.53 12.96 -13.53
C GLY B 915 -10.96 12.47 -13.37
N ILE B 916 -11.26 11.36 -14.07
CA ILE B 916 -12.60 10.79 -14.06
C ILE B 916 -12.99 10.34 -12.66
N HIS B 917 -12.04 9.74 -11.93
CA HIS B 917 -12.32 9.18 -10.63
C HIS B 917 -12.76 10.26 -9.64
N ASP B 918 -12.08 11.40 -9.66
CA ASP B 918 -12.39 12.49 -8.74
C ASP B 918 -13.81 13.01 -8.96
N TRP B 919 -14.16 13.29 -10.22
CA TRP B 919 -15.52 13.78 -10.50
C TRP B 919 -16.57 12.72 -10.25
N TRP B 920 -16.24 11.45 -10.46
CA TRP B 920 -17.19 10.38 -10.18
C TRP B 920 -17.54 10.34 -8.71
N ARG B 921 -16.52 10.36 -7.84
CA ARG B 921 -16.83 10.38 -6.41
C ARG B 921 -17.40 11.72 -5.97
N ASN B 922 -17.07 12.81 -6.67
CA ASN B 922 -17.70 14.10 -6.37
C ASN B 922 -19.20 14.05 -6.64
N GLU B 923 -19.59 13.43 -7.75
CA GLU B 923 -21.02 13.25 -8.04
C GLU B 923 -21.68 12.33 -7.02
N GLN B 924 -21.00 11.25 -6.63
CA GLN B 924 -21.52 10.39 -5.57
C GLN B 924 -21.78 11.20 -4.30
N PHE B 925 -20.80 12.00 -3.89
CA PHE B 925 -20.94 12.78 -2.67
C PHE B 925 -22.00 13.85 -2.81
N TRP B 926 -22.18 14.41 -4.01
CA TRP B 926 -23.23 15.42 -4.19
C TRP B 926 -24.61 14.79 -4.06
N VAL B 927 -24.79 13.58 -4.61
CA VAL B 927 -26.04 12.86 -4.40
C VAL B 927 -26.26 12.58 -2.92
N ILE B 928 -25.21 12.12 -2.24
CA ILE B 928 -25.33 11.78 -0.82
C ILE B 928 -25.69 13.02 -0.01
N GLY B 929 -25.01 14.13 -0.28
CA GLY B 929 -25.28 15.36 0.46
C GLY B 929 -26.68 15.88 0.22
N GLY B 930 -27.10 15.92 -1.05
CA GLY B 930 -28.44 16.36 -1.35
C GLY B 930 -29.52 15.49 -0.72
N ALA B 931 -29.27 14.18 -0.64
CA ALA B 931 -30.24 13.29 -0.01
C ALA B 931 -30.22 13.37 1.51
N SER B 932 -29.09 13.73 2.11
CA SER B 932 -28.92 13.61 3.55
C SER B 932 -29.00 14.94 4.29
N SER B 933 -28.15 15.92 3.93
CA SER B 933 -28.05 17.13 4.75
C SER B 933 -29.02 18.20 4.31
N HIS B 934 -29.18 18.39 2.99
CA HIS B 934 -30.04 19.46 2.49
C HIS B 934 -31.49 19.26 2.93
N LEU B 935 -31.95 18.01 3.03
CA LEU B 935 -33.33 17.76 3.40
C LEU B 935 -33.65 18.32 4.78
N PHE B 936 -32.82 18.01 5.77
CA PHE B 936 -33.00 18.61 7.09
C PHE B 936 -32.68 20.09 7.09
N ALA B 937 -31.84 20.57 6.15
CA ALA B 937 -31.63 22.01 6.03
C ALA B 937 -32.94 22.73 5.73
N LEU B 938 -33.66 22.30 4.69
CA LEU B 938 -34.96 22.91 4.41
C LEU B 938 -35.99 22.55 5.47
N PHE B 939 -35.86 21.40 6.13
CA PHE B 939 -36.79 21.08 7.22
C PHE B 939 -36.67 22.10 8.34
N GLN B 940 -35.44 22.41 8.75
CA GLN B 940 -35.22 23.42 9.78
C GLN B 940 -35.63 24.81 9.28
N GLY B 941 -35.38 25.10 8.01
CA GLY B 941 -35.81 26.39 7.47
C GLY B 941 -37.31 26.57 7.51
N LEU B 942 -38.05 25.53 7.09
CA LEU B 942 -39.51 25.60 7.13
C LEU B 942 -40.03 25.65 8.56
N LEU B 943 -39.37 24.92 9.48
CA LEU B 943 -39.77 24.99 10.87
C LEU B 943 -39.57 26.39 11.44
N LYS B 944 -38.46 27.04 11.07
CA LYS B 944 -38.24 28.43 11.49
C LYS B 944 -39.26 29.37 10.87
N VAL B 945 -39.62 29.13 9.62
CA VAL B 945 -40.60 30.00 8.95
C VAL B 945 -41.97 29.88 9.61
N LEU B 946 -42.40 28.65 9.91
CA LEU B 946 -43.73 28.40 10.42
C LEU B 946 -43.80 28.25 11.94
N ALA B 947 -42.67 28.22 12.62
CA ALA B 947 -42.65 28.02 14.07
C ALA B 947 -41.30 28.51 14.60
N GLY B 948 -41.00 28.16 15.86
CA GLY B 948 -39.75 28.55 16.46
C GLY B 948 -39.01 27.40 17.12
N VAL B 949 -39.08 26.22 16.51
CA VAL B 949 -38.46 25.02 17.05
C VAL B 949 -37.13 24.80 16.34
N ASN B 950 -36.23 24.09 17.02
CA ASN B 950 -34.92 23.79 16.48
C ASN B 950 -34.37 22.53 17.12
N THR B 951 -33.37 21.94 16.48
CA THR B 951 -32.73 20.74 16.99
C THR B 951 -31.85 21.05 18.21
N LYS B 972 -22.59 11.03 16.98
CA LYS B 972 -23.15 11.49 15.72
C LYS B 972 -24.64 11.77 15.85
N TRP B 973 -25.14 12.74 15.09
CA TRP B 973 -26.55 13.06 15.06
C TRP B 973 -27.26 11.96 14.25
N THR B 974 -27.85 11.00 14.96
CA THR B 974 -28.41 9.81 14.31
C THR B 974 -29.79 10.08 13.72
N SER B 975 -29.92 11.13 12.94
CA SER B 975 -31.17 11.39 12.22
C SER B 975 -30.89 11.63 10.74
N LEU B 976 -29.72 12.20 10.44
CA LEU B 976 -29.39 12.55 9.06
C LEU B 976 -29.28 11.33 8.17
N LEU B 977 -28.90 10.19 8.73
CA LEU B 977 -28.74 8.97 7.94
C LEU B 977 -30.05 8.22 7.72
N ILE B 978 -31.14 8.65 8.35
CA ILE B 978 -32.42 7.95 8.17
C ILE B 978 -32.94 8.03 6.74
N PRO B 979 -33.02 9.20 6.09
CA PRO B 979 -33.56 9.24 4.72
C PRO B 979 -32.76 8.43 3.73
N PRO B 980 -31.42 8.55 3.69
CA PRO B 980 -30.67 7.79 2.67
C PRO B 980 -30.78 6.28 2.85
N LEU B 981 -30.62 5.78 4.08
CA LEU B 981 -30.71 4.35 4.31
C LEU B 981 -32.13 3.84 4.03
N THR B 982 -33.14 4.60 4.45
CA THR B 982 -34.52 4.20 4.18
C THR B 982 -34.78 4.11 2.68
N LEU B 983 -34.32 5.11 1.93
CA LEU B 983 -34.54 5.11 0.49
C LEU B 983 -33.77 3.97 -0.17
N LEU B 984 -32.56 3.68 0.31
CA LEU B 984 -31.77 2.59 -0.26
C LEU B 984 -32.46 1.24 -0.03
N ILE B 985 -32.93 1.00 1.18
CA ILE B 985 -33.60 -0.28 1.44
C ILE B 985 -34.95 -0.35 0.75
N ILE B 986 -35.62 0.79 0.56
CA ILE B 986 -36.84 0.81 -0.26
C ILE B 986 -36.52 0.40 -1.69
N ASN B 987 -35.42 0.94 -2.24
CA ASN B 987 -35.04 0.57 -3.61
C ASN B 987 -34.70 -0.91 -3.71
N ILE B 988 -33.99 -1.44 -2.72
CA ILE B 988 -33.64 -2.86 -2.73
C ILE B 988 -34.90 -3.73 -2.67
N ILE B 989 -35.81 -3.38 -1.77
CA ILE B 989 -37.06 -4.15 -1.63
C ILE B 989 -37.88 -4.06 -2.91
N GLY B 990 -37.95 -2.88 -3.50
CA GLY B 990 -38.68 -2.73 -4.75
C GLY B 990 -38.07 -3.53 -5.88
N VAL B 991 -36.74 -3.57 -5.96
CA VAL B 991 -36.06 -4.36 -6.97
C VAL B 991 -36.42 -5.84 -6.79
N ILE B 992 -36.34 -6.32 -5.55
CA ILE B 992 -36.64 -7.73 -5.29
C ILE B 992 -38.10 -8.05 -5.64
N VAL B 993 -39.02 -7.18 -5.24
CA VAL B 993 -40.44 -7.41 -5.48
C VAL B 993 -40.73 -7.39 -6.97
N GLY B 994 -40.16 -6.43 -7.71
CA GLY B 994 -40.38 -6.36 -9.14
C GLY B 994 -39.81 -7.56 -9.87
N VAL B 995 -38.62 -8.01 -9.46
CA VAL B 995 -38.04 -9.20 -10.07
C VAL B 995 -38.91 -10.42 -9.83
N SER B 996 -39.42 -10.56 -8.60
CA SER B 996 -40.29 -11.69 -8.29
C SER B 996 -41.59 -11.62 -9.09
N ASP B 997 -42.17 -10.42 -9.21
CA ASP B 997 -43.49 -10.29 -9.82
C ASP B 997 -43.43 -10.44 -11.34
N ALA B 998 -42.46 -9.78 -11.99
CA ALA B 998 -42.45 -9.68 -13.43
C ALA B 998 -41.56 -10.71 -14.11
N ILE B 999 -40.87 -11.57 -13.36
CA ILE B 999 -40.01 -12.58 -13.96
C ILE B 999 -40.39 -13.95 -13.46
N ASN B 1000 -40.38 -14.13 -12.14
CA ASN B 1000 -40.67 -15.45 -11.56
C ASN B 1000 -42.10 -15.88 -11.84
N ASN B 1001 -43.06 -14.97 -11.65
CA ASN B 1001 -44.48 -15.29 -11.84
C ASN B 1001 -44.97 -14.93 -13.24
N GLY B 1002 -44.86 -13.65 -13.61
CA GLY B 1002 -45.38 -13.19 -14.89
C GLY B 1002 -44.58 -13.69 -16.08
N TYR B 1003 -43.33 -13.24 -16.19
CA TYR B 1003 -42.44 -13.57 -17.31
C TYR B 1003 -43.13 -13.10 -18.58
N ASP B 1004 -43.21 -13.92 -19.64
CA ASP B 1004 -43.84 -13.55 -20.91
C ASP B 1004 -43.25 -12.25 -21.44
N SER B 1005 -44.05 -11.20 -21.47
CA SER B 1005 -43.61 -9.88 -21.91
C SER B 1005 -43.40 -9.02 -20.67
N TRP B 1006 -42.20 -9.09 -20.10
CA TRP B 1006 -41.90 -8.31 -18.90
C TRP B 1006 -41.95 -6.82 -19.18
N GLY B 1007 -41.44 -6.40 -20.34
CA GLY B 1007 -41.60 -5.03 -20.77
C GLY B 1007 -40.40 -4.14 -20.50
N PRO B 1008 -40.64 -2.97 -19.91
CA PRO B 1008 -39.55 -1.99 -19.72
C PRO B 1008 -38.72 -2.26 -18.48
N LEU B 1009 -38.86 -3.47 -17.91
CA LEU B 1009 -38.16 -3.80 -16.67
C LEU B 1009 -36.66 -3.58 -16.79
N PHE B 1010 -36.10 -3.81 -17.99
CA PHE B 1010 -34.67 -3.62 -18.19
C PHE B 1010 -34.24 -2.21 -17.82
N GLY B 1011 -35.04 -1.21 -18.20
CA GLY B 1011 -34.77 0.14 -17.77
C GLY B 1011 -35.21 0.34 -16.32
N ARG B 1012 -36.32 -0.29 -15.97
CA ARG B 1012 -36.89 -0.13 -14.63
C ARG B 1012 -35.87 -0.47 -13.56
N LEU B 1013 -35.24 -1.64 -13.67
CA LEU B 1013 -34.18 -2.00 -12.73
C LEU B 1013 -32.97 -1.08 -12.89
N PHE B 1014 -32.63 -0.73 -14.14
CA PHE B 1014 -31.42 0.04 -14.39
C PHE B 1014 -31.47 1.38 -13.68
N PHE B 1015 -32.62 2.07 -13.76
CA PHE B 1015 -32.79 3.32 -13.03
C PHE B 1015 -32.51 3.12 -11.54
N ALA B 1016 -33.06 2.04 -10.97
CA ALA B 1016 -32.80 1.73 -9.57
C ALA B 1016 -31.31 1.57 -9.33
N LEU B 1017 -30.61 0.91 -10.25
CA LEU B 1017 -29.16 0.80 -10.14
C LEU B 1017 -28.52 2.18 -10.07
N TRP B 1018 -28.99 3.10 -10.92
CA TRP B 1018 -28.42 4.44 -10.93
C TRP B 1018 -28.57 5.12 -9.58
N VAL B 1019 -29.51 4.66 -8.76
CA VAL B 1019 -29.62 5.18 -7.40
C VAL B 1019 -28.68 4.44 -6.47
N ILE B 1020 -28.68 3.10 -6.52
CA ILE B 1020 -27.92 2.33 -5.53
C ILE B 1020 -26.42 2.55 -5.73
N VAL B 1021 -25.99 2.82 -6.97
CA VAL B 1021 -24.60 3.18 -7.21
C VAL B 1021 -24.27 4.50 -6.53
N HIS B 1022 -25.17 5.48 -6.63
CA HIS B 1022 -24.91 6.80 -6.05
C HIS B 1022 -24.94 6.76 -4.53
N LEU B 1023 -25.78 5.91 -3.94
CA LEU B 1023 -25.87 5.78 -2.49
C LEU B 1023 -25.13 4.56 -1.96
N TYR B 1024 -24.26 3.97 -2.78
CA TYR B 1024 -23.49 2.80 -2.34
C TYR B 1024 -22.65 3.05 -1.09
N PRO B 1025 -21.96 4.19 -0.91
CA PRO B 1025 -21.15 4.36 0.30
C PRO B 1025 -21.90 4.18 1.60
N PHE B 1026 -23.18 4.55 1.67
CA PHE B 1026 -23.96 4.33 2.89
C PHE B 1026 -24.08 2.85 3.19
N LEU B 1027 -24.41 2.05 2.18
CA LEU B 1027 -24.50 0.60 2.36
C LEU B 1027 -23.14 0.01 2.73
N LYS B 1028 -22.08 0.49 2.08
CA LYS B 1028 -20.74 -0.01 2.39
C LYS B 1028 -20.36 0.28 3.84
N GLY B 1029 -20.69 1.49 4.32
CA GLY B 1029 -20.41 1.80 5.71
C GLY B 1029 -21.24 0.99 6.68
N VAL B 1030 -22.53 0.79 6.37
CA VAL B 1030 -23.40 0.05 7.27
C VAL B 1030 -22.96 -1.41 7.37
N MET B 1031 -22.69 -2.04 6.22
CA MET B 1031 -22.36 -3.45 6.20
C MET B 1031 -20.87 -3.73 6.36
N GLY B 1032 -20.01 -2.72 6.21
CA GLY B 1032 -18.58 -2.90 6.23
C GLY B 1032 -17.97 -2.63 7.58
N LYS B 1033 -16.66 -2.40 7.57
CA LYS B 1033 -15.88 -2.15 8.78
C LYS B 1033 -15.63 -0.65 8.93
N GLN B 1034 -14.78 -0.30 9.90
CA GLN B 1034 -14.36 1.09 10.18
C GLN B 1034 -15.55 2.06 10.22
N GLU B 1035 -16.71 1.56 10.62
CA GLU B 1035 -17.92 2.36 10.70
C GLU B 1035 -18.77 1.83 11.85
N GLY B 1036 -20.03 2.26 11.91
CA GLY B 1036 -20.95 1.78 12.92
C GLY B 1036 -22.17 2.67 13.08
N VAL B 1037 -23.34 2.04 13.19
CA VAL B 1037 -24.60 2.77 13.31
C VAL B 1037 -25.36 2.22 14.53
N PRO B 1038 -25.96 3.08 15.35
CA PRO B 1038 -26.77 2.57 16.46
C PRO B 1038 -27.99 1.82 15.97
N THR B 1039 -28.51 0.95 16.83
CA THR B 1039 -29.66 0.13 16.45
C THR B 1039 -30.96 0.94 16.40
N ILE B 1040 -31.03 2.06 17.12
CA ILE B 1040 -32.28 2.83 17.16
C ILE B 1040 -32.59 3.44 15.79
N ILE B 1041 -31.58 4.04 15.16
CA ILE B 1041 -31.79 4.66 13.85
C ILE B 1041 -32.07 3.60 12.79
N LEU B 1042 -31.39 2.45 12.87
CA LEU B 1042 -31.67 1.37 11.94
C LEU B 1042 -33.10 0.87 12.09
N VAL B 1043 -33.57 0.71 13.34
CA VAL B 1043 -34.93 0.28 13.58
C VAL B 1043 -35.92 1.30 13.04
N TRP B 1044 -35.65 2.59 13.27
CA TRP B 1044 -36.52 3.64 12.74
C TRP B 1044 -36.59 3.59 11.22
N ALA B 1045 -35.43 3.42 10.57
CA ALA B 1045 -35.41 3.35 9.11
C ALA B 1045 -36.17 2.13 8.60
N ILE B 1046 -35.99 0.98 9.24
CA ILE B 1046 -36.68 -0.23 8.81
C ILE B 1046 -38.19 -0.07 8.99
N LEU B 1047 -38.63 0.50 10.11
CA LEU B 1047 -40.05 0.70 10.34
C LEU B 1047 -40.65 1.67 9.32
N LEU B 1048 -39.94 2.77 9.04
CA LEU B 1048 -40.42 3.72 8.04
C LEU B 1048 -40.50 3.07 6.66
N SER B 1049 -39.49 2.27 6.31
CA SER B 1049 -39.50 1.59 5.01
C SER B 1049 -40.66 0.62 4.91
N SER B 1050 -40.90 -0.16 5.96
CA SER B 1050 -42.02 -1.10 5.94
C SER B 1050 -43.35 -0.38 5.83
N ILE B 1051 -43.51 0.73 6.56
CA ILE B 1051 -44.76 1.48 6.50
C ILE B 1051 -44.97 2.03 5.10
N LEU B 1052 -43.92 2.60 4.50
CA LEU B 1052 -44.05 3.15 3.15
C LEU B 1052 -44.37 2.06 2.14
N THR B 1053 -43.71 0.90 2.24
CA THR B 1053 -43.98 -0.19 1.32
C THR B 1053 -45.42 -0.69 1.45
N LEU B 1054 -45.90 -0.84 2.69
CA LEU B 1054 -47.26 -1.30 2.91
C LEU B 1054 -48.27 -0.30 2.36
N LEU B 1055 -48.03 1.00 2.58
CA LEU B 1055 -48.93 2.01 2.07
C LEU B 1055 -48.94 2.02 0.54
N TRP B 1056 -47.78 1.89 -0.07
CA TRP B 1056 -47.72 1.87 -1.53
C TRP B 1056 -48.41 0.63 -2.10
N VAL B 1057 -48.23 -0.53 -1.47
CA VAL B 1057 -48.90 -1.74 -1.94
C VAL B 1057 -50.40 -1.63 -1.79
N ARG B 1058 -50.86 -1.11 -0.65
CA ARG B 1058 -52.31 -0.99 -0.42
C ARG B 1058 -52.94 -0.01 -1.41
N ILE B 1059 -52.28 1.11 -1.67
CA ILE B 1059 -52.79 2.10 -2.60
C ILE B 1059 -52.18 1.90 -3.98
N MET C 249 -17.96 -2.20 54.76
CA MET C 249 -17.55 -0.93 54.17
C MET C 249 -18.05 -0.79 52.74
N ASP C 250 -18.32 0.47 52.34
CA ASP C 250 -18.78 0.70 50.98
C ASP C 250 -17.72 0.32 49.95
N GLU C 251 -16.46 0.65 50.24
CA GLU C 251 -15.37 0.32 49.32
C GLU C 251 -15.21 -1.20 49.18
N GLY C 252 -15.31 -1.93 50.29
CA GLY C 252 -15.15 -3.37 50.26
C GLY C 252 -16.33 -4.10 49.63
N ARG C 253 -17.50 -3.49 49.63
CA ARG C 253 -18.67 -4.11 49.00
C ARG C 253 -18.68 -3.93 47.49
N GLN C 254 -17.85 -3.07 46.95
CA GLN C 254 -17.79 -2.85 45.51
C GLN C 254 -16.99 -3.96 44.84
N PRO C 255 -17.57 -4.71 43.91
CA PRO C 255 -16.81 -5.79 43.24
C PRO C 255 -15.74 -5.23 42.33
N LEU C 256 -14.67 -6.03 42.17
CA LEU C 256 -13.58 -5.66 41.27
C LEU C 256 -13.94 -5.85 39.80
N TRP C 257 -15.04 -6.54 39.51
CA TRP C 257 -15.44 -6.81 38.13
C TRP C 257 -16.94 -7.04 38.11
N ARG C 258 -17.52 -6.93 36.92
CA ARG C 258 -18.95 -7.13 36.77
C ARG C 258 -19.27 -7.62 35.36
N LYS C 259 -20.39 -8.34 35.24
CA LYS C 259 -20.81 -8.92 33.98
C LYS C 259 -21.80 -8.01 33.26
N LEU C 260 -21.65 -7.94 31.94
CA LEU C 260 -22.56 -7.18 31.08
C LEU C 260 -23.27 -8.16 30.15
N PRO C 261 -24.54 -8.48 30.40
CA PRO C 261 -25.29 -9.28 29.44
C PRO C 261 -25.49 -8.51 28.15
N ILE C 262 -25.56 -9.25 27.04
CA ILE C 262 -25.86 -8.62 25.75
C ILE C 262 -27.21 -7.94 25.84
N SER C 263 -27.29 -6.73 25.29
CA SER C 263 -28.49 -5.92 25.38
C SER C 263 -29.68 -6.67 24.79
N SER C 264 -30.83 -6.56 25.46
CA SER C 264 -32.02 -7.30 25.05
C SER C 264 -32.44 -6.95 23.63
N SER C 265 -32.26 -5.69 23.24
CA SER C 265 -32.58 -5.27 21.88
C SER C 265 -31.70 -5.97 20.85
N ARG C 266 -30.52 -6.46 21.25
CA ARG C 266 -29.62 -7.18 20.35
C ARG C 266 -29.68 -8.69 20.53
N ILE C 267 -30.31 -9.18 21.59
CA ILE C 267 -30.33 -10.62 21.86
C ILE C 267 -31.69 -11.26 21.65
N ASN C 268 -32.80 -10.49 21.76
CA ASN C 268 -34.11 -11.08 21.52
C ASN C 268 -34.28 -11.55 20.09
N PRO C 269 -34.01 -10.74 19.05
CA PRO C 269 -34.15 -11.25 17.68
C PRO C 269 -33.27 -12.45 17.39
N TYR C 270 -32.09 -12.51 18.02
CA TYR C 270 -31.19 -13.65 17.80
C TYR C 270 -31.88 -14.95 18.17
N ARG C 271 -32.42 -15.03 19.38
CA ARG C 271 -33.12 -16.24 19.82
C ARG C 271 -34.39 -16.48 19.01
N ILE C 272 -35.15 -15.41 18.74
CA ILE C 272 -36.40 -15.57 18.01
C ILE C 272 -36.17 -16.18 16.64
N ILE C 273 -35.21 -15.64 15.88
CA ILE C 273 -34.96 -16.19 14.56
C ILE C 273 -34.17 -17.49 14.61
N ILE C 274 -33.46 -17.79 15.71
CA ILE C 274 -32.90 -19.13 15.86
C ILE C 274 -34.01 -20.16 15.91
N VAL C 275 -35.03 -19.89 16.73
CA VAL C 275 -36.18 -20.81 16.80
C VAL C 275 -36.91 -20.85 15.46
N LEU C 276 -37.07 -19.69 14.82
CA LEU C 276 -37.74 -19.62 13.53
C LEU C 276 -37.01 -20.47 12.50
N ARG C 277 -35.69 -20.31 12.39
CA ARG C 277 -34.91 -21.08 11.44
C ARG C 277 -34.89 -22.55 11.80
N ILE C 278 -34.99 -22.90 13.08
CA ILE C 278 -35.15 -24.31 13.45
C ILE C 278 -36.43 -24.87 12.87
N ALA C 279 -37.54 -24.11 13.00
CA ALA C 279 -38.81 -24.58 12.48
C ALA C 279 -38.77 -24.70 10.95
N ILE C 280 -38.19 -23.71 10.27
CA ILE C 280 -38.09 -23.76 8.82
C ILE C 280 -37.19 -24.90 8.37
N LEU C 281 -36.14 -25.20 9.13
CA LEU C 281 -35.27 -26.31 8.78
C LEU C 281 -36.00 -27.64 8.93
N CYS C 282 -36.81 -27.77 9.99
CA CYS C 282 -37.62 -28.97 10.15
C CYS C 282 -38.61 -29.12 9.00
N LEU C 283 -39.24 -28.02 8.58
CA LEU C 283 -40.17 -28.07 7.46
C LEU C 283 -39.45 -28.42 6.16
N PHE C 284 -38.24 -27.89 5.96
CA PHE C 284 -37.45 -28.22 4.77
C PHE C 284 -37.11 -29.69 4.74
N PHE C 285 -36.72 -30.26 5.89
CA PHE C 285 -36.44 -31.69 5.94
C PHE C 285 -37.69 -32.51 5.69
N HIS C 286 -38.83 -32.08 6.23
CA HIS C 286 -40.08 -32.78 5.97
C HIS C 286 -40.42 -32.78 4.49
N TYR C 287 -40.22 -31.65 3.82
CA TYR C 287 -40.45 -31.59 2.38
C TYR C 287 -39.48 -32.49 1.63
N ARG C 288 -38.21 -32.48 2.01
CA ARG C 288 -37.19 -33.20 1.24
C ARG C 288 -37.34 -34.72 1.40
N ILE C 289 -37.60 -35.19 2.61
CA ILE C 289 -37.61 -36.63 2.85
C ILE C 289 -38.84 -37.31 2.30
N LEU C 290 -39.94 -36.59 2.09
CA LEU C 290 -41.19 -37.19 1.63
C LEU C 290 -41.36 -37.14 0.11
N HIS C 291 -40.47 -36.47 -0.61
CA HIS C 291 -40.57 -36.33 -2.06
C HIS C 291 -39.23 -36.68 -2.69
N PRO C 292 -38.94 -37.97 -2.83
CA PRO C 292 -37.67 -38.39 -3.42
C PRO C 292 -37.71 -38.33 -4.94
N VAL C 293 -36.52 -38.49 -5.53
CA VAL C 293 -36.36 -38.49 -6.98
C VAL C 293 -36.34 -39.94 -7.46
N ASN C 294 -37.24 -40.27 -8.38
CA ASN C 294 -37.40 -41.66 -8.79
C ASN C 294 -36.18 -42.17 -9.54
N ASP C 295 -35.72 -41.43 -10.55
CA ASP C 295 -34.62 -41.90 -11.39
C ASP C 295 -33.25 -41.59 -10.82
N ALA C 296 -33.17 -40.77 -9.76
CA ALA C 296 -31.90 -40.45 -9.13
C ALA C 296 -31.98 -40.69 -7.62
N TYR C 297 -32.48 -41.87 -7.23
CA TYR C 297 -32.74 -42.13 -5.82
C TYR C 297 -31.46 -42.11 -5.00
N ALA C 298 -30.37 -42.66 -5.54
CA ALA C 298 -29.10 -42.69 -4.81
C ALA C 298 -28.59 -41.28 -4.54
N LEU C 299 -28.64 -40.41 -5.56
CA LEU C 299 -28.19 -39.03 -5.37
C LEU C 299 -29.06 -38.31 -4.35
N TRP C 300 -30.38 -38.53 -4.40
CA TRP C 300 -31.27 -37.91 -3.43
C TRP C 300 -30.97 -38.38 -2.02
N LEU C 301 -30.69 -39.69 -1.84
CA LEU C 301 -30.38 -40.21 -0.53
C LEU C 301 -29.08 -39.63 0.00
N THR C 302 -28.04 -39.56 -0.85
CA THR C 302 -26.78 -38.98 -0.43
C THR C 302 -26.96 -37.51 -0.06
N SER C 303 -27.72 -36.76 -0.86
CA SER C 303 -27.94 -35.35 -0.57
C SER C 303 -28.69 -35.18 0.75
N VAL C 304 -29.74 -35.96 0.98
CA VAL C 304 -30.52 -35.79 2.20
C VAL C 304 -29.69 -36.17 3.42
N ILE C 305 -28.82 -37.17 3.29
CA ILE C 305 -27.88 -37.47 4.38
C ILE C 305 -26.97 -36.28 4.63
N CYS C 306 -26.51 -35.64 3.54
CA CYS C 306 -25.64 -34.48 3.69
C CYS C 306 -26.33 -33.34 4.44
N GLU C 307 -27.57 -33.01 4.07
CA GLU C 307 -28.24 -31.91 4.78
C GLU C 307 -28.59 -32.32 6.21
N ILE C 308 -28.87 -33.60 6.46
CA ILE C 308 -29.13 -34.03 7.83
C ILE C 308 -27.89 -33.82 8.69
N TRP C 309 -26.73 -34.21 8.18
CA TRP C 309 -25.48 -33.99 8.92
C TRP C 309 -25.22 -32.51 9.11
N PHE C 310 -25.48 -31.70 8.08
CA PHE C 310 -25.27 -30.26 8.19
C PHE C 310 -26.17 -29.65 9.26
N ALA C 311 -27.43 -30.07 9.30
CA ALA C 311 -28.36 -29.57 10.31
C ALA C 311 -27.94 -29.97 11.72
N VAL C 312 -27.48 -31.22 11.87
CA VAL C 312 -27.01 -31.65 13.19
C VAL C 312 -25.82 -30.80 13.63
N SER C 313 -24.87 -30.57 12.72
CA SER C 313 -23.71 -29.75 13.06
C SER C 313 -24.13 -28.32 13.41
N TRP C 314 -25.07 -27.75 12.64
CA TRP C 314 -25.52 -26.39 12.92
C TRP C 314 -26.21 -26.31 14.28
N ILE C 315 -27.03 -27.30 14.61
CA ILE C 315 -27.70 -27.30 15.92
C ILE C 315 -26.67 -27.36 17.04
N PHE C 316 -25.68 -28.27 16.89
CA PHE C 316 -24.67 -28.42 17.93
C PHE C 316 -23.81 -27.15 18.06
N ASP C 317 -23.61 -26.42 16.97
CA ASP C 317 -22.86 -25.17 17.04
C ASP C 317 -23.69 -24.03 17.62
N GLN C 318 -24.98 -23.98 17.30
CA GLN C 318 -25.80 -22.84 17.68
C GLN C 318 -26.30 -22.93 19.12
N PHE C 319 -26.51 -24.13 19.65
CA PHE C 319 -27.03 -24.25 21.00
C PHE C 319 -26.18 -23.58 22.08
N PRO C 320 -24.84 -23.73 22.10
CA PRO C 320 -24.06 -23.07 23.17
C PRO C 320 -24.14 -21.55 23.14
N LYS C 321 -24.45 -20.94 22.00
CA LYS C 321 -24.44 -19.48 21.87
C LYS C 321 -25.74 -18.83 22.33
N TRP C 322 -26.53 -19.50 23.16
CA TRP C 322 -27.82 -18.96 23.57
C TRP C 322 -27.66 -17.69 24.40
N SER C 323 -26.72 -17.65 25.32
CA SER C 323 -26.57 -16.56 26.28
C SER C 323 -25.14 -16.05 26.29
N PRO C 324 -24.76 -15.23 25.32
CA PRO C 324 -23.43 -14.60 25.35
C PRO C 324 -23.42 -13.43 26.33
N ILE C 325 -22.27 -13.24 26.99
CA ILE C 325 -22.07 -12.18 27.95
C ILE C 325 -20.72 -11.53 27.70
N LEU C 326 -20.46 -10.44 28.42
CA LEU C 326 -19.16 -9.79 28.46
C LEU C 326 -18.80 -9.52 29.90
N ARG C 327 -17.53 -9.18 30.15
CA ARG C 327 -17.08 -8.88 31.49
C ARG C 327 -16.25 -7.60 31.46
N GLU C 328 -16.36 -6.83 32.54
CA GLU C 328 -15.62 -5.58 32.65
C GLU C 328 -14.96 -5.53 34.02
N THR C 329 -13.66 -5.27 34.04
CA THR C 329 -12.86 -5.25 35.25
C THR C 329 -12.47 -3.83 35.61
N TYR C 330 -12.18 -3.62 36.90
CA TYR C 330 -11.83 -2.31 37.44
C TYR C 330 -10.49 -2.44 38.14
N LEU C 331 -9.45 -1.85 37.56
CA LEU C 331 -8.13 -1.92 38.18
C LEU C 331 -8.01 -0.98 39.38
N ASP C 332 -8.73 0.14 39.37
CA ASP C 332 -8.64 1.09 40.47
C ASP C 332 -9.15 0.49 41.78
N ARG C 333 -10.26 -0.25 41.72
CA ARG C 333 -10.79 -0.87 42.92
C ARG C 333 -9.83 -1.92 43.48
N LEU C 334 -9.19 -2.69 42.58
CA LEU C 334 -8.19 -3.64 43.00
C LEU C 334 -7.00 -2.95 43.65
N SER C 335 -6.54 -1.84 43.07
CA SER C 335 -5.42 -1.11 43.66
C SER C 335 -5.79 -0.57 45.03
N LEU C 336 -7.01 -0.05 45.17
CA LEU C 336 -7.45 0.46 46.46
C LEU C 336 -7.52 -0.66 47.51
N ARG C 337 -8.03 -1.83 47.12
CA ARG C 337 -8.22 -2.91 48.09
C ARG C 337 -6.90 -3.58 48.47
N TYR C 338 -6.02 -3.83 47.51
CA TYR C 338 -4.85 -4.68 47.75
C TYR C 338 -3.51 -4.00 47.50
N GLU C 339 -3.45 -3.01 46.60
CA GLU C 339 -2.16 -2.42 46.26
C GLU C 339 -2.15 -0.92 46.57
N LYS C 340 -2.64 -0.56 47.76
CA LYS C 340 -2.70 0.84 48.14
C LYS C 340 -1.30 1.44 48.26
N GLU C 341 -1.17 2.70 47.86
CA GLU C 341 0.13 3.36 47.87
C GLU C 341 0.61 3.56 49.30
N GLY C 342 1.92 3.37 49.49
CA GLY C 342 2.51 3.52 50.81
C GLY C 342 2.57 2.21 51.57
N LYS C 343 1.40 1.59 51.77
CA LYS C 343 1.34 0.31 52.45
C LYS C 343 1.95 -0.79 51.57
N PRO C 344 2.51 -1.84 52.18
CA PRO C 344 3.05 -2.94 51.38
C PRO C 344 1.97 -3.60 50.54
N SER C 345 2.35 -4.04 49.34
CA SER C 345 1.39 -4.63 48.42
C SER C 345 0.92 -5.98 48.94
N LEU C 346 -0.39 -6.21 48.87
CA LEU C 346 -1.01 -7.45 49.29
C LEU C 346 -1.36 -8.36 48.12
N LEU C 347 -0.85 -8.06 46.93
CA LEU C 347 -1.14 -8.90 45.76
C LEU C 347 -0.54 -10.28 45.93
N ALA C 348 -1.24 -11.29 45.40
CA ALA C 348 -0.77 -12.66 45.50
C ALA C 348 0.37 -12.92 44.51
N ASP C 349 1.12 -13.98 44.78
CA ASP C 349 2.29 -14.31 43.97
C ASP C 349 1.85 -14.82 42.60
N ILE C 350 2.79 -14.75 41.65
CA ILE C 350 2.53 -15.12 40.26
C ILE C 350 3.73 -15.86 39.71
N ASP C 351 3.47 -16.93 38.97
CA ASP C 351 4.50 -17.67 38.24
C ASP C 351 4.13 -17.70 36.76
N VAL C 352 5.06 -17.30 35.91
CA VAL C 352 4.88 -17.32 34.46
C VAL C 352 5.76 -18.41 33.88
N PHE C 353 5.21 -19.20 32.96
CA PHE C 353 5.91 -20.34 32.37
C PHE C 353 6.10 -20.11 30.88
N VAL C 354 7.32 -20.33 30.40
CA VAL C 354 7.64 -20.29 28.98
C VAL C 354 8.32 -21.62 28.64
N SER C 355 7.92 -22.21 27.51
CA SER C 355 8.44 -23.50 27.08
C SER C 355 9.03 -23.39 25.69
N THR C 356 10.24 -23.94 25.51
CA THR C 356 10.88 -24.00 24.21
C THR C 356 11.47 -25.39 24.02
N VAL C 357 11.55 -25.82 22.76
CA VAL C 357 12.01 -27.17 22.41
C VAL C 357 13.30 -27.14 21.61
N ASP C 358 13.45 -26.20 20.69
CA ASP C 358 14.62 -26.18 19.82
C ASP C 358 15.00 -24.75 19.44
N PRO C 359 16.18 -24.28 19.84
CA PRO C 359 16.62 -22.94 19.42
C PRO C 359 16.80 -22.80 17.91
N MET C 360 16.99 -23.91 17.19
CA MET C 360 17.14 -23.81 15.74
C MET C 360 15.81 -23.50 15.07
N LYS C 361 14.74 -24.19 15.48
CA LYS C 361 13.42 -23.93 14.91
C LYS C 361 12.82 -22.65 15.47
N GLU C 362 13.02 -22.39 16.76
CA GLU C 362 12.51 -21.19 17.41
C GLU C 362 13.66 -20.23 17.66
N PRO C 363 13.73 -19.10 16.97
CA PRO C 363 14.87 -18.19 17.12
C PRO C 363 15.01 -17.69 18.55
N PRO C 364 16.24 -17.59 19.05
CA PRO C 364 16.43 -17.09 20.43
C PRO C 364 15.97 -15.66 20.63
N LEU C 365 15.91 -14.85 19.56
CA LEU C 365 15.49 -13.46 19.71
C LEU C 365 14.04 -13.36 20.17
N ILE C 366 13.16 -14.21 19.63
CA ILE C 366 11.76 -14.18 20.02
C ILE C 366 11.60 -14.57 21.49
N THR C 367 12.30 -15.61 21.93
CA THR C 367 12.23 -16.02 23.33
C THR C 367 12.80 -14.93 24.24
N ALA C 368 13.89 -14.29 23.82
CA ALA C 368 14.46 -13.20 24.59
C ALA C 368 13.48 -12.04 24.72
N ASN C 369 12.78 -11.71 23.63
CA ASN C 369 11.79 -10.64 23.67
C ASN C 369 10.63 -11.00 24.58
N THR C 370 10.18 -12.26 24.54
CA THR C 370 9.10 -12.70 25.43
C THR C 370 9.53 -12.59 26.89
N VAL C 371 10.76 -13.02 27.20
CA VAL C 371 11.27 -12.92 28.57
C VAL C 371 11.37 -11.45 28.99
N LEU C 372 11.82 -10.59 28.08
CA LEU C 372 11.91 -9.17 28.40
C LEU C 372 10.54 -8.57 28.68
N SER C 373 9.53 -8.95 27.89
CA SER C 373 8.18 -8.45 28.13
C SER C 373 7.62 -8.95 29.45
N ILE C 374 7.89 -10.21 29.79
CA ILE C 374 7.41 -10.76 31.06
C ILE C 374 8.08 -10.06 32.24
N LEU C 375 9.40 -9.84 32.17
CA LEU C 375 10.12 -9.23 33.27
C LEU C 375 9.72 -7.77 33.48
N ALA C 376 9.16 -7.12 32.46
CA ALA C 376 8.77 -5.71 32.54
C ALA C 376 7.29 -5.53 32.86
N VAL C 377 6.63 -6.58 33.36
CA VAL C 377 5.21 -6.49 33.67
C VAL C 377 5.01 -5.54 34.86
N ASP C 378 3.81 -4.96 34.93
CA ASP C 378 3.46 -4.02 36.00
C ASP C 378 2.96 -4.80 37.22
N TYR C 379 3.91 -5.42 37.91
CA TYR C 379 3.65 -6.22 39.09
C TYR C 379 4.82 -6.04 40.06
N PRO C 380 4.59 -6.25 41.36
CA PRO C 380 5.71 -6.21 42.30
C PRO C 380 6.77 -7.24 41.95
N VAL C 381 8.03 -6.84 42.11
CA VAL C 381 9.15 -7.70 41.69
C VAL C 381 9.21 -8.96 42.53
N ASP C 382 8.88 -8.85 43.83
CA ASP C 382 8.93 -10.00 44.71
C ASP C 382 7.70 -10.89 44.62
N LYS C 383 6.68 -10.47 43.87
CA LYS C 383 5.45 -11.25 43.74
C LYS C 383 5.31 -11.90 42.37
N VAL C 384 6.32 -11.83 41.52
CA VAL C 384 6.27 -12.42 40.19
C VAL C 384 7.58 -13.14 39.92
N ALA C 385 7.48 -14.33 39.33
CA ALA C 385 8.65 -15.11 38.93
C ALA C 385 8.42 -15.65 37.52
N CYS C 386 9.53 -15.86 36.81
CA CYS C 386 9.49 -16.34 35.43
C CYS C 386 10.32 -17.61 35.33
N TYR C 387 9.77 -18.62 34.66
CA TYR C 387 10.42 -19.91 34.46
C TYR C 387 10.50 -20.21 32.98
N VAL C 388 11.65 -20.71 32.55
CA VAL C 388 11.90 -21.07 31.16
C VAL C 388 12.31 -22.53 31.13
N SER C 389 11.57 -23.33 30.37
CA SER C 389 11.85 -24.75 30.20
C SER C 389 12.45 -24.97 28.82
N ASP C 390 13.56 -25.70 28.77
CA ASP C 390 14.27 -25.99 27.53
C ASP C 390 14.32 -27.51 27.35
N ASP C 391 13.48 -28.04 26.46
CA ASP C 391 13.46 -29.47 26.23
C ASP C 391 14.72 -29.94 25.49
N GLY C 392 15.31 -29.08 24.66
CA GLY C 392 16.51 -29.44 23.93
C GLY C 392 17.79 -29.40 24.72
N ALA C 393 17.77 -28.74 25.88
CA ALA C 393 18.95 -28.63 26.75
C ALA C 393 20.16 -28.07 26.00
N ALA C 394 19.91 -27.04 25.19
CA ALA C 394 20.95 -26.42 24.39
C ALA C 394 21.58 -25.25 25.14
N MET C 395 22.90 -25.13 25.03
CA MET C 395 23.61 -24.02 25.67
C MET C 395 23.27 -22.68 25.02
N LEU C 396 22.79 -22.69 23.77
CA LEU C 396 22.41 -21.45 23.12
C LEU C 396 21.29 -20.76 23.87
N THR C 397 20.28 -21.51 24.33
CA THR C 397 19.21 -20.93 25.11
C THR C 397 19.73 -20.37 26.43
N PHE C 398 20.66 -21.07 27.07
CA PHE C 398 21.22 -20.60 28.33
C PHE C 398 21.95 -19.27 28.15
N GLU C 399 22.81 -19.19 27.13
CA GLU C 399 23.55 -17.95 26.88
C GLU C 399 22.60 -16.82 26.45
N ALA C 400 21.59 -17.14 25.65
CA ALA C 400 20.61 -16.14 25.26
C ALA C 400 19.84 -15.61 26.46
N LEU C 401 19.49 -16.50 27.40
CA LEU C 401 18.80 -16.06 28.61
C LEU C 401 19.70 -15.18 29.48
N SER C 402 20.98 -15.53 29.57
CA SER C 402 21.90 -14.69 30.34
C SER C 402 22.02 -13.29 29.72
N GLU C 403 22.16 -13.23 28.39
CA GLU C 403 22.22 -11.94 27.71
C GLU C 403 20.90 -11.19 27.86
N THR C 404 19.78 -11.90 27.83
CA THR C 404 18.48 -11.27 28.00
C THR C 404 18.34 -10.65 29.38
N SER C 405 18.80 -11.34 30.42
CA SER C 405 18.78 -10.77 31.76
C SER C 405 19.68 -9.55 31.84
N GLU C 406 20.87 -9.63 31.23
CA GLU C 406 21.79 -8.49 31.25
C GLU C 406 21.19 -7.27 30.57
N PHE C 407 20.46 -7.48 29.47
CA PHE C 407 19.79 -6.36 28.80
C PHE C 407 18.56 -5.89 29.56
N ALA C 408 17.83 -6.81 30.20
CA ALA C 408 16.68 -6.42 31.00
C ALA C 408 17.08 -5.52 32.16
N ARG C 409 18.28 -5.73 32.69
CA ARG C 409 18.82 -4.85 33.72
C ARG C 409 18.65 -3.38 33.38
N LYS C 410 18.77 -3.03 32.09
CA LYS C 410 18.56 -1.67 31.62
C LYS C 410 17.17 -1.45 31.04
N TRP C 411 16.61 -2.46 30.39
CA TRP C 411 15.32 -2.29 29.72
C TRP C 411 14.18 -2.05 30.70
N VAL C 412 14.15 -2.78 31.81
CA VAL C 412 13.01 -2.71 32.72
C VAL C 412 12.81 -1.33 33.33
N PRO C 413 13.84 -0.68 33.90
CA PRO C 413 13.61 0.66 34.47
C PRO C 413 13.12 1.68 33.45
N PHE C 414 13.60 1.60 32.20
CA PHE C 414 13.15 2.53 31.17
C PHE C 414 11.66 2.40 30.93
N CYS C 415 11.20 1.16 30.73
CA CYS C 415 9.77 0.93 30.48
C CYS C 415 8.93 1.32 31.68
N LYS C 416 9.40 0.98 32.89
CA LYS C 416 8.61 1.31 34.08
C LYS C 416 8.52 2.81 34.31
N LYS C 417 9.59 3.55 33.99
CA LYS C 417 9.59 5.00 34.18
C LYS C 417 8.75 5.70 33.11
N PHE C 418 8.88 5.28 31.85
CA PHE C 418 8.25 6.00 30.75
C PHE C 418 6.93 5.39 30.30
N CYS C 419 6.45 4.35 30.99
CA CYS C 419 5.17 3.70 30.67
C CYS C 419 5.14 3.24 29.21
N ILE C 420 6.20 2.55 28.81
CA ILE C 420 6.35 2.10 27.43
C ILE C 420 5.43 0.90 27.19
N GLU C 421 4.67 0.95 26.10
CA GLU C 421 3.79 -0.15 25.71
C GLU C 421 3.96 -0.34 24.20
N PRO C 422 4.23 -1.56 23.73
CA PRO C 422 4.45 -2.80 24.50
C PRO C 422 5.84 -2.87 25.13
N ARG C 423 6.02 -3.78 26.09
CA ARG C 423 7.31 -3.91 26.76
C ARG C 423 8.35 -4.67 25.95
N ALA C 424 7.93 -5.36 24.88
CA ALA C 424 8.87 -6.07 24.04
C ALA C 424 9.64 -5.09 23.16
N PRO C 425 10.97 -5.06 23.21
CA PRO C 425 11.71 -4.05 22.44
C PRO C 425 11.50 -4.13 20.94
N GLU C 426 11.40 -5.35 20.39
CA GLU C 426 11.34 -5.49 18.93
C GLU C 426 10.05 -4.88 18.37
N TRP C 427 8.92 -5.20 19.00
CA TRP C 427 7.65 -4.65 18.53
C TRP C 427 7.47 -3.18 18.92
N TYR C 428 8.11 -2.74 20.01
CA TYR C 428 8.01 -1.34 20.38
C TYR C 428 8.77 -0.45 19.40
N PHE C 429 10.00 -0.84 19.06
CA PHE C 429 10.83 -0.03 18.18
C PHE C 429 10.44 -0.15 16.72
N ALA C 430 9.58 -1.10 16.36
CA ALA C 430 9.12 -1.28 14.99
C ALA C 430 7.72 -0.73 14.78
N GLN C 431 7.17 -0.01 15.75
CA GLN C 431 5.82 0.53 15.66
C GLN C 431 5.84 1.81 14.83
N LYS C 432 4.87 1.94 13.92
CA LYS C 432 4.75 3.13 13.09
C LYS C 432 3.99 4.25 13.79
N VAL C 433 3.40 3.99 14.95
CA VAL C 433 2.68 5.02 15.69
C VAL C 433 3.69 6.04 16.23
N ASP C 434 3.24 7.30 16.34
CA ASP C 434 4.08 8.35 16.88
C ASP C 434 4.47 8.02 18.32
N TYR C 435 5.77 7.85 18.56
CA TYR C 435 6.26 7.49 19.88
C TYR C 435 6.32 8.66 20.84
N LEU C 436 6.12 9.89 20.36
CA LEU C 436 6.12 11.07 21.22
C LEU C 436 4.72 11.42 21.73
N LYS C 437 3.72 10.63 21.38
CA LYS C 437 2.35 10.91 21.82
C LYS C 437 2.19 10.58 23.29
N ASP C 438 1.56 11.50 24.03
CA ASP C 438 1.24 11.33 25.45
C ASP C 438 2.47 11.14 26.32
N LYS C 439 3.62 11.66 25.89
CA LYS C 439 4.85 11.60 26.67
C LYS C 439 5.15 12.98 27.26
N VAL C 440 5.35 13.02 28.57
CA VAL C 440 5.54 14.29 29.26
C VAL C 440 6.91 14.41 29.92
N ASP C 441 7.67 13.33 30.09
CA ASP C 441 8.96 13.42 30.74
C ASP C 441 9.96 14.15 29.86
N ALA C 442 10.76 15.03 30.48
CA ALA C 442 11.67 15.88 29.73
C ALA C 442 12.86 15.12 29.14
N THR C 443 13.17 13.94 29.67
CA THR C 443 14.34 13.18 29.24
C THR C 443 13.97 11.98 28.37
N PHE C 444 12.85 12.05 27.65
CA PHE C 444 12.38 10.90 26.88
C PHE C 444 13.25 10.64 25.66
N ILE C 445 13.61 11.70 24.93
CA ILE C 445 14.26 11.52 23.63
C ILE C 445 15.65 10.92 23.79
N ARG C 446 16.45 11.47 24.69
CA ARG C 446 17.84 11.00 24.84
C ARG C 446 17.87 9.57 25.35
N GLU C 447 17.05 9.26 26.37
CA GLU C 447 17.02 7.91 26.91
C GLU C 447 16.48 6.92 25.89
N ARG C 448 15.50 7.33 25.09
CA ARG C 448 14.98 6.45 24.05
C ARG C 448 16.05 6.15 23.00
N ARG C 449 16.80 7.17 22.58
CA ARG C 449 17.88 6.94 21.63
C ARG C 449 18.93 5.99 22.20
N ALA C 450 19.32 6.21 23.46
CA ALA C 450 20.32 5.36 24.09
C ALA C 450 19.84 3.92 24.19
N ILE C 451 18.57 3.73 24.59
CA ILE C 451 18.06 2.38 24.74
C ILE C 451 17.87 1.71 23.39
N LYS C 452 17.56 2.47 22.34
CA LYS C 452 17.49 1.88 21.00
C LYS C 452 18.85 1.41 20.52
N ARG C 453 19.89 2.22 20.74
CA ARG C 453 21.23 1.79 20.38
C ARG C 453 21.66 0.57 21.18
N GLU C 454 21.33 0.55 22.48
CA GLU C 454 21.65 -0.62 23.31
C GLU C 454 20.93 -1.87 22.82
N TYR C 455 19.66 -1.72 22.42
CA TYR C 455 18.92 -2.86 21.90
C TYR C 455 19.52 -3.36 20.58
N GLU C 456 19.97 -2.45 19.73
CA GLU C 456 20.62 -2.87 18.49
C GLU C 456 21.90 -3.65 18.78
N GLU C 457 22.70 -3.17 19.73
CA GLU C 457 23.90 -3.91 20.11
C GLU C 457 23.54 -5.28 20.72
N PHE C 458 22.46 -5.33 21.49
CA PHE C 458 22.00 -6.61 22.04
C PHE C 458 21.59 -7.57 20.94
N LYS C 459 20.90 -7.06 19.91
CA LYS C 459 20.54 -7.91 18.77
C LYS C 459 21.78 -8.43 18.06
N VAL C 460 22.79 -7.58 17.89
CA VAL C 460 24.04 -8.03 17.27
C VAL C 460 24.70 -9.11 18.11
N ARG C 461 24.71 -8.95 19.43
CA ARG C 461 25.29 -9.96 20.30
C ARG C 461 24.53 -11.28 20.20
N ILE C 462 23.20 -11.22 20.14
CA ILE C 462 22.39 -12.44 20.00
C ILE C 462 22.68 -13.11 18.66
N ASN C 463 22.83 -12.32 17.60
CA ASN C 463 23.17 -12.88 16.29
C ASN C 463 24.53 -13.57 16.33
N ALA C 464 25.50 -12.96 17.00
CA ALA C 464 26.81 -13.58 17.14
C ALA C 464 26.73 -14.89 17.92
N LEU C 465 25.94 -14.91 19.00
CA LEU C 465 25.76 -16.14 19.77
C LEU C 465 25.12 -17.23 18.93
N VAL C 466 24.12 -16.87 18.12
CA VAL C 466 23.48 -17.85 17.25
C VAL C 466 24.48 -18.39 16.23
N ALA C 467 25.28 -17.51 15.63
CA ALA C 467 26.26 -17.94 14.64
C ALA C 467 27.30 -18.87 15.25
N LEU C 468 27.76 -18.57 16.46
CA LEU C 468 28.80 -19.39 17.09
C LEU C 468 28.29 -20.77 17.46
N ALA C 469 26.99 -20.91 17.71
CA ALA C 469 26.42 -22.18 18.16
C ALA C 469 25.85 -23.01 17.03
N GLN C 470 26.06 -22.61 15.78
CA GLN C 470 25.49 -23.35 14.66
C GLN C 470 26.09 -24.75 14.53
N LYS C 471 27.40 -24.86 14.72
CA LYS C 471 28.11 -26.13 14.54
C LYS C 471 28.63 -26.64 15.87
N VAL C 472 28.29 -27.88 16.20
CA VAL C 472 28.76 -28.48 17.46
C VAL C 472 30.24 -28.81 17.34
N PRO C 473 31.06 -28.50 18.35
CA PRO C 473 32.50 -28.85 18.28
C PRO C 473 32.73 -30.35 18.33
N GLU C 474 34.00 -30.76 18.23
CA GLU C 474 34.32 -32.18 18.22
C GLU C 474 34.13 -32.80 19.59
N ASP C 475 34.60 -32.13 20.65
CA ASP C 475 34.50 -32.65 22.01
C ASP C 475 33.27 -32.14 22.74
N GLY C 476 32.21 -31.80 22.01
CA GLY C 476 30.99 -31.32 22.63
C GLY C 476 31.08 -29.86 23.00
N TRP C 477 29.99 -29.37 23.59
CA TRP C 477 29.90 -27.98 24.00
C TRP C 477 30.65 -27.76 25.31
N THR C 478 31.16 -26.54 25.48
CA THR C 478 31.84 -26.13 26.71
C THR C 478 31.29 -24.80 27.16
N MET C 479 31.24 -24.59 28.48
CA MET C 479 30.71 -23.36 29.05
C MET C 479 31.80 -22.28 29.05
N GLN C 480 31.52 -21.15 29.69
CA GLN C 480 32.44 -20.03 29.72
C GLN C 480 33.44 -20.11 30.85
N ASP C 481 33.37 -21.13 31.70
CA ASP C 481 34.32 -21.31 32.79
C ASP C 481 35.18 -22.56 32.63
N GLY C 482 35.07 -23.25 31.49
CA GLY C 482 35.87 -24.42 31.21
C GLY C 482 35.18 -25.75 31.47
N THR C 483 34.12 -25.75 32.28
CA THR C 483 33.39 -27.00 32.52
C THR C 483 32.56 -27.36 31.30
N PRO C 484 32.47 -28.65 30.96
CA PRO C 484 31.67 -29.05 29.80
C PRO C 484 30.18 -28.84 30.05
N TRP C 485 29.44 -28.63 28.97
CA TRP C 485 28.01 -28.45 29.06
C TRP C 485 27.33 -29.76 29.39
N PRO C 486 26.57 -29.85 30.49
CA PRO C 486 25.92 -31.12 30.83
C PRO C 486 24.96 -31.62 29.78
N GLY C 487 24.28 -30.73 29.05
CA GLY C 487 23.31 -31.13 28.06
C GLY C 487 23.92 -31.38 26.70
N ASN C 488 25.07 -32.06 26.66
CA ASN C 488 25.69 -32.38 25.37
C ASN C 488 24.81 -33.32 24.55
N ASN C 489 24.20 -34.30 25.19
CA ASN C 489 23.28 -35.22 24.54
C ASN C 489 21.85 -34.78 24.83
N VAL C 490 21.05 -34.61 23.77
CA VAL C 490 19.69 -34.13 23.94
C VAL C 490 18.84 -35.17 24.66
N ARG C 491 19.07 -36.45 24.38
CA ARG C 491 18.27 -37.53 24.96
C ARG C 491 18.91 -38.16 26.19
N ASP C 492 20.03 -37.62 26.67
CA ASP C 492 20.68 -38.16 27.87
C ASP C 492 21.43 -37.02 28.55
N HIS C 493 20.81 -36.44 29.57
CA HIS C 493 21.43 -35.37 30.34
C HIS C 493 20.68 -35.21 31.65
N PRO C 494 21.36 -34.87 32.74
CA PRO C 494 20.67 -34.67 34.02
C PRO C 494 19.95 -33.33 34.05
N GLY C 495 19.10 -33.19 35.06
CA GLY C 495 18.35 -31.95 35.22
C GLY C 495 19.25 -30.80 35.60
N MET C 496 18.98 -29.63 35.03
CA MET C 496 19.76 -28.42 35.27
C MET C 496 18.83 -27.29 35.68
N ILE C 497 19.18 -26.59 36.75
CA ILE C 497 18.39 -25.46 37.24
C ILE C 497 19.35 -24.30 37.52
N GLN C 498 19.06 -23.15 36.94
CA GLN C 498 19.88 -21.96 37.11
C GLN C 498 18.98 -20.77 37.43
N VAL C 499 19.45 -19.91 38.34
CA VAL C 499 18.72 -18.70 38.73
C VAL C 499 19.58 -17.50 38.38
N PHE C 500 19.05 -16.61 37.54
CA PHE C 500 19.78 -15.43 37.08
C PHE C 500 19.48 -14.19 37.91
N LEU C 501 18.23 -13.75 37.94
CA LEU C 501 17.82 -12.54 38.63
C LEU C 501 17.10 -12.90 39.93
N GLY C 502 16.54 -11.89 40.58
CA GLY C 502 15.73 -12.12 41.77
C GLY C 502 16.36 -11.60 43.04
N GLN C 503 16.02 -12.22 44.16
CA GLN C 503 16.60 -11.85 45.44
C GLN C 503 18.11 -12.07 45.42
N ASN C 504 18.83 -11.21 46.13
CA ASN C 504 20.29 -11.17 46.08
C ASN C 504 20.67 -10.91 44.62
N GLY C 505 21.52 -11.73 44.01
CA GLY C 505 21.82 -11.53 42.60
C GLY C 505 22.51 -10.20 42.36
N VAL C 506 21.92 -9.38 41.51
CA VAL C 506 22.48 -8.08 41.17
C VAL C 506 21.33 -7.13 40.85
N ARG C 507 21.47 -5.88 41.30
CA ARG C 507 20.44 -4.87 41.09
C ARG C 507 20.54 -4.27 39.70
N ASP C 508 19.54 -3.47 39.33
CA ASP C 508 19.48 -2.84 38.02
C ASP C 508 20.16 -1.47 38.07
N ILE C 509 19.96 -0.68 37.01
CA ILE C 509 20.61 0.64 36.95
C ILE C 509 20.05 1.59 38.00
N GLU C 510 18.82 1.36 38.45
CA GLU C 510 18.19 2.20 39.46
C GLU C 510 18.47 1.73 40.89
N GLY C 511 19.15 0.60 41.06
CA GLY C 511 19.40 0.04 42.36
C GLY C 511 18.32 -0.89 42.87
N ASN C 512 17.20 -1.02 42.17
CA ASN C 512 16.13 -1.92 42.56
C ASN C 512 16.43 -3.33 42.06
N GLU C 513 15.55 -4.27 42.39
CA GLU C 513 15.69 -5.66 41.98
C GLU C 513 14.81 -5.93 40.77
N LEU C 514 14.93 -7.15 40.25
CA LEU C 514 14.19 -7.60 39.07
C LEU C 514 13.51 -8.92 39.37
N PRO C 515 12.44 -9.24 38.65
CA PRO C 515 11.77 -10.53 38.87
C PRO C 515 12.72 -11.70 38.62
N ARG C 516 12.54 -12.75 39.41
CA ARG C 516 13.42 -13.91 39.30
C ARG C 516 13.22 -14.61 37.97
N LEU C 517 14.33 -14.96 37.33
CA LEU C 517 14.33 -15.70 36.07
C LEU C 517 15.03 -17.02 36.29
N VAL C 518 14.35 -18.13 36.02
CA VAL C 518 14.86 -19.47 36.30
C VAL C 518 14.89 -20.25 34.99
N TYR C 519 16.04 -20.85 34.70
CA TYR C 519 16.21 -21.74 33.56
C TYR C 519 16.18 -23.18 34.06
N VAL C 520 15.21 -23.95 33.57
CA VAL C 520 14.97 -25.31 34.03
C VAL C 520 15.04 -26.25 32.82
N SER C 521 15.79 -27.33 32.97
CA SER C 521 15.87 -28.39 31.97
C SER C 521 15.71 -29.72 32.68
N ARG C 522 14.58 -30.39 32.46
CA ARG C 522 14.29 -31.63 33.15
C ARG C 522 15.20 -32.75 32.65
N GLU C 523 15.40 -33.75 33.51
CA GLU C 523 16.27 -34.88 33.17
C GLU C 523 15.65 -35.71 32.06
N LYS C 524 16.49 -36.11 31.10
CA LYS C 524 16.07 -36.95 29.99
C LYS C 524 16.98 -38.17 29.94
N ARG C 525 16.38 -39.36 29.85
CA ARG C 525 17.11 -40.60 29.76
C ARG C 525 16.48 -41.47 28.67
N PRO C 526 17.26 -42.33 28.03
CA PRO C 526 16.69 -43.22 27.01
C PRO C 526 15.72 -44.22 27.63
N GLY C 527 14.70 -44.58 26.86
CA GLY C 527 13.71 -45.53 27.29
C GLY C 527 12.61 -44.96 28.16
N TYR C 528 12.61 -43.66 28.41
CA TYR C 528 11.60 -43.01 29.24
C TYR C 528 10.81 -42.02 28.37
N ASP C 529 9.49 -42.08 28.47
CA ASP C 529 8.62 -41.16 27.73
C ASP C 529 8.49 -39.86 28.52
N HIS C 530 8.90 -38.76 27.91
CA HIS C 530 8.86 -37.45 28.55
C HIS C 530 7.53 -36.72 28.34
N HIS C 531 6.67 -37.23 27.48
CA HIS C 531 5.33 -36.70 27.21
C HIS C 531 5.36 -35.29 26.64
N LYS C 532 6.53 -34.77 26.30
CA LYS C 532 6.71 -33.51 25.55
C LYS C 532 6.16 -32.35 26.36
N LYS C 533 5.25 -31.54 25.83
CA LYS C 533 4.88 -30.27 26.46
C LYS C 533 4.16 -30.49 27.78
N ALA C 534 3.28 -31.50 27.84
CA ALA C 534 2.55 -31.74 29.09
C ALA C 534 3.50 -32.13 30.22
N GLY C 535 4.46 -33.00 29.93
CA GLY C 535 5.45 -33.35 30.94
C GLY C 535 6.32 -32.18 31.33
N ALA C 536 6.70 -31.35 30.35
CA ALA C 536 7.48 -30.15 30.66
C ALA C 536 6.72 -29.20 31.57
N MET C 537 5.42 -28.99 31.30
CA MET C 537 4.61 -28.13 32.15
C MET C 537 4.44 -28.71 33.55
N ASN C 538 4.26 -30.04 33.65
CA ASN C 538 4.16 -30.66 34.97
C ASN C 538 5.44 -30.47 35.76
N ALA C 539 6.59 -30.67 35.11
CA ALA C 539 7.87 -30.46 35.79
C ALA C 539 8.04 -29.00 36.21
N LEU C 540 7.63 -28.07 35.35
CA LEU C 540 7.70 -26.65 35.70
C LEU C 540 6.81 -26.33 36.89
N VAL C 541 5.61 -26.92 36.93
CA VAL C 541 4.71 -26.69 38.05
C VAL C 541 5.35 -27.19 39.35
N ARG C 542 5.93 -28.39 39.31
CA ARG C 542 6.57 -28.94 40.50
C ARG C 542 7.74 -28.07 40.95
N VAL C 543 8.57 -27.63 40.01
CA VAL C 543 9.74 -26.82 40.37
C VAL C 543 9.29 -25.48 40.95
N SER C 544 8.31 -24.83 40.32
CA SER C 544 7.84 -23.55 40.80
C SER C 544 7.21 -23.67 42.18
N ALA C 545 6.46 -24.75 42.42
CA ALA C 545 5.92 -24.98 43.76
C ALA C 545 7.04 -25.24 44.77
N ILE C 546 8.13 -25.86 44.34
CA ILE C 546 9.22 -26.16 45.25
C ILE C 546 9.96 -24.88 45.65
N ILE C 547 10.24 -24.02 44.68
CA ILE C 547 11.09 -22.85 44.94
C ILE C 547 10.28 -21.67 45.45
N THR C 548 9.37 -21.16 44.63
CA THR C 548 8.61 -19.97 44.97
C THR C 548 7.20 -20.26 45.46
N ASN C 549 6.52 -21.25 44.87
CA ASN C 549 5.18 -21.66 45.28
C ASN C 549 4.18 -20.51 45.16
N ALA C 550 4.06 -19.97 43.96
CA ALA C 550 3.01 -19.01 43.70
C ALA C 550 1.67 -19.73 43.54
N PRO C 551 0.56 -19.12 43.96
CA PRO C 551 -0.74 -19.76 43.85
C PRO C 551 -1.41 -19.64 42.49
N TYR C 552 -0.81 -18.91 41.56
CA TYR C 552 -1.37 -18.74 40.22
C TYR C 552 -0.26 -18.93 39.20
N VAL C 553 -0.59 -19.58 38.09
CA VAL C 553 0.38 -19.99 37.08
C VAL C 553 0.01 -19.36 35.75
N LEU C 554 0.96 -18.66 35.14
CA LEU C 554 0.78 -18.13 33.79
C LEU C 554 1.36 -19.09 32.76
N ASN C 555 0.55 -19.46 31.78
CA ASN C 555 1.01 -20.22 30.64
C ASN C 555 1.11 -19.28 29.45
N VAL C 556 2.33 -19.06 28.97
CA VAL C 556 2.63 -18.16 27.87
C VAL C 556 3.59 -18.86 26.92
N ASP C 557 3.28 -18.85 25.63
CA ASP C 557 4.12 -19.50 24.64
C ASP C 557 5.40 -18.71 24.38
N CYS C 558 6.35 -19.36 23.72
CA CYS C 558 7.63 -18.71 23.44
C CYS C 558 7.47 -17.55 22.46
N ASP C 559 6.60 -17.71 21.47
CA ASP C 559 6.41 -16.69 20.44
C ASP C 559 5.34 -15.67 20.81
N HIS C 560 4.75 -15.77 22.01
CA HIS C 560 3.73 -14.85 22.47
C HIS C 560 4.32 -13.96 23.56
N TYR C 561 4.14 -12.65 23.43
CA TYR C 561 4.67 -11.70 24.38
C TYR C 561 3.53 -10.94 25.05
N ILE C 562 3.79 -10.47 26.28
CA ILE C 562 2.79 -9.76 27.07
C ILE C 562 2.65 -8.36 26.49
N ASN C 563 1.58 -8.14 25.71
CA ASN C 563 1.39 -6.84 25.06
C ASN C 563 0.94 -5.79 26.07
N ASN C 564 0.04 -6.14 26.98
CA ASN C 564 -0.49 -5.23 27.98
C ASN C 564 0.15 -5.53 29.32
N SER C 565 0.87 -4.54 29.87
CA SER C 565 1.59 -4.74 31.13
C SER C 565 0.67 -4.89 32.32
N LYS C 566 -0.62 -4.61 32.18
CA LYS C 566 -1.57 -4.71 33.27
C LYS C 566 -2.33 -6.03 33.28
N ALA C 567 -1.91 -7.00 32.46
CA ALA C 567 -2.65 -8.25 32.34
C ALA C 567 -2.72 -8.99 33.67
N LEU C 568 -1.64 -8.96 34.45
CA LEU C 568 -1.63 -9.63 35.74
C LEU C 568 -2.67 -9.03 36.69
N ARG C 569 -2.79 -7.70 36.69
CA ARG C 569 -3.77 -7.07 37.57
C ARG C 569 -5.19 -7.40 37.16
N GLU C 570 -5.47 -7.43 35.86
CA GLU C 570 -6.79 -7.82 35.39
C GLU C 570 -7.10 -9.28 35.74
N ALA C 571 -6.09 -10.15 35.65
CA ALA C 571 -6.29 -11.53 36.05
C ALA C 571 -6.59 -11.63 37.55
N MET C 572 -5.85 -10.89 38.37
CA MET C 572 -6.09 -10.92 39.81
C MET C 572 -7.41 -10.26 40.20
N CYS C 573 -7.96 -9.42 39.33
CA CYS C 573 -9.29 -8.88 39.58
C CYS C 573 -10.31 -10.00 39.71
N PHE C 574 -10.14 -11.08 38.94
CA PHE C 574 -11.01 -12.25 39.04
C PHE C 574 -10.48 -13.28 40.04
N MET C 575 -9.18 -13.51 40.05
CA MET C 575 -8.62 -14.58 40.87
C MET C 575 -8.68 -14.25 42.36
N MET C 576 -8.46 -12.99 42.73
CA MET C 576 -8.37 -12.61 44.13
C MET C 576 -9.70 -12.21 44.75
N ASP C 577 -10.79 -12.31 44.00
CA ASP C 577 -12.11 -12.05 44.57
C ASP C 577 -12.42 -13.09 45.63
N PRO C 578 -12.89 -12.70 46.82
CA PRO C 578 -13.12 -13.69 47.88
C PRO C 578 -14.13 -14.77 47.51
N THR C 579 -15.13 -14.46 46.70
CA THR C 579 -16.18 -15.41 46.36
C THR C 579 -15.91 -16.12 45.03
N SER C 580 -15.74 -15.36 43.95
CA SER C 580 -15.55 -15.97 42.64
C SER C 580 -14.20 -16.63 42.51
N GLY C 581 -13.17 -16.09 43.17
CA GLY C 581 -11.83 -16.64 43.05
C GLY C 581 -11.68 -18.06 43.57
N LYS C 582 -12.53 -18.46 44.50
CA LYS C 582 -12.44 -19.82 45.05
C LYS C 582 -12.96 -20.87 44.07
N LYS C 583 -13.95 -20.51 43.24
CA LYS C 583 -14.59 -21.44 42.32
C LYS C 583 -14.05 -21.31 40.89
N ILE C 584 -12.93 -20.63 40.71
CA ILE C 584 -12.38 -20.36 39.38
C ILE C 584 -11.18 -21.27 39.14
N CYS C 585 -11.19 -21.96 38.00
CA CYS C 585 -10.06 -22.81 37.63
C CYS C 585 -9.01 -22.05 36.83
N TYR C 586 -9.43 -21.26 35.85
CA TYR C 586 -8.47 -20.48 35.08
C TYR C 586 -9.17 -19.30 34.43
N VAL C 587 -8.36 -18.32 34.03
CA VAL C 587 -8.80 -17.16 33.27
C VAL C 587 -8.13 -17.22 31.91
N GLN C 588 -8.92 -17.15 30.85
CA GLN C 588 -8.44 -17.30 29.49
C GLN C 588 -8.50 -15.96 28.77
N PHE C 589 -7.43 -15.62 28.06
CA PHE C 589 -7.36 -14.40 27.28
C PHE C 589 -7.45 -14.71 25.78
N PRO C 590 -8.02 -13.80 25.00
CA PRO C 590 -8.09 -14.04 23.55
C PRO C 590 -6.71 -14.06 22.92
N GLN C 591 -6.58 -14.83 21.84
CA GLN C 591 -5.33 -14.97 21.12
C GLN C 591 -5.31 -13.99 19.95
N ARG C 592 -4.32 -13.10 19.93
CA ARG C 592 -4.13 -12.15 18.86
C ARG C 592 -2.76 -12.37 18.25
N PHE C 593 -2.61 -12.01 16.97
CA PHE C 593 -1.37 -12.23 16.24
C PHE C 593 -0.99 -10.99 15.46
N ASP C 594 0.30 -10.85 15.20
CA ASP C 594 0.87 -9.75 14.43
C ASP C 594 1.42 -10.27 13.12
N GLY C 595 1.74 -9.34 12.23
CA GLY C 595 2.32 -9.69 10.94
C GLY C 595 1.36 -10.37 9.99
N ILE C 596 0.06 -10.21 10.20
CA ILE C 596 -0.95 -10.84 9.35
C ILE C 596 -1.27 -9.90 8.19
N ASP C 597 -1.67 -10.49 7.07
CA ASP C 597 -2.06 -9.69 5.91
C ASP C 597 -3.32 -8.88 6.23
N ARG C 598 -3.46 -7.75 5.54
CA ARG C 598 -4.60 -6.87 5.79
C ARG C 598 -5.92 -7.57 5.46
N HIS C 599 -5.96 -8.33 4.37
CA HIS C 599 -7.16 -9.06 4.00
C HIS C 599 -7.32 -10.36 4.76
N ASP C 600 -6.28 -10.83 5.46
CA ASP C 600 -6.32 -12.08 6.22
C ASP C 600 -6.70 -13.25 5.31
N ARG C 601 -5.82 -13.55 4.35
CA ARG C 601 -6.11 -14.57 3.36
C ARG C 601 -6.29 -15.94 3.99
N TYR C 602 -5.46 -16.28 4.96
CA TYR C 602 -5.50 -17.58 5.63
C TYR C 602 -6.41 -17.59 6.85
N SER C 603 -7.11 -16.49 7.12
CA SER C 603 -7.99 -16.37 8.29
C SER C 603 -7.23 -16.64 9.59
N ASN C 604 -6.03 -16.08 9.69
CA ASN C 604 -5.20 -16.29 10.87
C ASN C 604 -5.73 -15.50 12.07
N ARG C 605 -6.41 -14.38 11.83
CA ARG C 605 -6.96 -13.59 12.93
C ARG C 605 -8.00 -14.40 13.72
N ASN C 606 -8.86 -15.13 13.01
CA ASN C 606 -9.87 -15.99 13.62
C ASN C 606 -10.80 -15.18 14.54
N VAL C 607 -11.42 -14.15 13.97
CA VAL C 607 -12.31 -13.30 14.74
C VAL C 607 -13.58 -14.06 15.12
N VAL C 608 -14.06 -14.93 14.24
CA VAL C 608 -15.36 -15.58 14.45
C VAL C 608 -15.33 -16.44 15.71
N PHE C 609 -14.29 -17.26 15.88
CA PHE C 609 -14.25 -18.16 17.02
C PHE C 609 -13.97 -17.44 18.33
N PHE C 610 -13.20 -16.36 18.29
CA PHE C 610 -12.78 -15.69 19.52
C PHE C 610 -13.73 -14.60 19.97
N ASP C 611 -14.57 -14.07 19.09
CA ASP C 611 -15.51 -13.01 19.45
C ASP C 611 -16.96 -13.48 19.46
N ILE C 612 -17.23 -14.74 19.09
CA ILE C 612 -18.59 -15.25 19.10
C ILE C 612 -18.66 -16.50 19.96
N ASN C 613 -17.89 -17.52 19.58
CA ASN C 613 -17.94 -18.80 20.29
C ASN C 613 -17.45 -18.66 21.72
N MET C 614 -16.34 -17.95 21.93
CA MET C 614 -15.77 -17.83 23.28
C MET C 614 -16.71 -17.07 24.22
N LYS C 615 -17.35 -16.00 23.72
CA LYS C 615 -18.28 -15.26 24.56
C LYS C 615 -19.49 -16.11 24.93
N GLY C 616 -19.99 -16.92 23.99
CA GLY C 616 -21.06 -17.84 24.32
C GLY C 616 -20.64 -18.89 25.33
N LEU C 617 -19.39 -19.36 25.22
CA LEU C 617 -18.86 -20.30 26.19
C LEU C 617 -18.79 -19.69 27.58
N ASP C 618 -18.36 -18.42 27.66
CA ASP C 618 -18.25 -17.76 28.96
C ASP C 618 -19.61 -17.54 29.62
N GLY C 619 -20.70 -17.58 28.86
CA GLY C 619 -22.01 -17.34 29.42
C GLY C 619 -22.65 -18.54 30.09
N ILE C 620 -22.03 -19.72 30.01
CA ILE C 620 -22.57 -20.94 30.63
C ILE C 620 -21.68 -21.42 31.77
N GLN C 621 -20.44 -21.82 31.45
CA GLN C 621 -19.50 -22.24 32.48
C GLN C 621 -18.10 -21.65 32.33
N GLY C 622 -17.72 -21.20 31.14
CA GLY C 622 -16.41 -20.62 30.94
C GLY C 622 -15.78 -21.07 29.64
N PRO C 623 -14.82 -20.30 29.13
CA PRO C 623 -14.14 -20.68 27.89
C PRO C 623 -13.30 -21.92 28.06
N ILE C 624 -13.13 -22.64 26.97
CA ILE C 624 -12.29 -23.83 26.95
C ILE C 624 -10.83 -23.40 26.89
N TYR C 625 -9.99 -24.04 27.71
CA TYR C 625 -8.57 -23.73 27.74
C TYR C 625 -7.95 -24.12 26.41
N VAL C 626 -7.61 -23.12 25.59
CA VAL C 626 -7.00 -23.34 24.28
C VAL C 626 -5.74 -22.51 24.18
N GLY C 627 -4.73 -23.06 23.51
CA GLY C 627 -3.52 -22.31 23.23
C GLY C 627 -2.77 -21.91 24.48
N THR C 628 -2.44 -20.62 24.56
CA THR C 628 -1.51 -20.10 25.54
C THR C 628 -2.14 -18.92 26.29
N GLY C 629 -1.34 -18.26 27.11
CA GLY C 629 -1.78 -17.07 27.84
C GLY C 629 -2.89 -17.32 28.83
N CYS C 630 -2.77 -18.35 29.66
CA CYS C 630 -3.85 -18.76 30.57
C CYS C 630 -3.39 -18.60 32.02
N VAL C 631 -4.28 -18.10 32.87
CA VAL C 631 -3.99 -17.89 34.29
C VAL C 631 -4.68 -19.02 35.05
N PHE C 632 -3.92 -20.04 35.40
CA PHE C 632 -4.44 -21.20 36.12
C PHE C 632 -4.32 -21.01 37.63
N ARG C 633 -5.24 -21.64 38.36
CA ARG C 633 -5.16 -21.74 39.81
C ARG C 633 -4.55 -23.09 40.18
N ARG C 634 -3.62 -23.07 41.14
CA ARG C 634 -2.91 -24.29 41.51
C ARG C 634 -3.84 -25.34 42.07
N GLN C 635 -4.82 -24.93 42.87
CA GLN C 635 -5.75 -25.89 43.47
C GLN C 635 -6.54 -26.64 42.42
N ALA C 636 -6.80 -26.01 41.28
CA ALA C 636 -7.48 -26.71 40.18
C ALA C 636 -6.59 -27.82 39.61
N PHE C 637 -5.29 -27.55 39.49
CA PHE C 637 -4.37 -28.54 38.95
C PHE C 637 -4.13 -29.71 39.89
N TYR C 638 -4.44 -29.56 41.17
CA TYR C 638 -4.15 -30.59 42.16
C TYR C 638 -5.28 -31.59 42.33
N GLY C 639 -6.33 -31.48 41.52
CA GLY C 639 -7.44 -32.41 41.62
C GLY C 639 -8.38 -32.15 42.77
N TYR C 640 -8.50 -30.91 43.21
CA TYR C 640 -9.39 -30.55 44.30
C TYR C 640 -10.66 -29.93 43.76
N ASP C 641 -11.77 -30.16 44.47
CA ASP C 641 -13.05 -29.60 44.09
C ASP C 641 -13.12 -28.12 44.48
N ALA C 642 -14.08 -27.42 43.90
CA ALA C 642 -14.27 -26.02 44.19
C ALA C 642 -14.81 -25.84 45.61
N PRO C 643 -14.15 -25.07 46.48
CA PRO C 643 -14.64 -24.89 47.85
C PRO C 643 -15.91 -24.06 47.96
N THR C 644 -16.27 -23.31 46.92
CA THR C 644 -17.48 -22.47 46.93
C THR C 644 -18.30 -22.85 45.70
N SER C 645 -19.26 -23.75 45.89
CA SER C 645 -20.14 -24.17 44.81
C SER C 645 -21.47 -24.67 45.36
N SER C 713 -3.20 -39.26 56.94
CA SER C 713 -3.39 -39.86 55.62
C SER C 713 -2.29 -39.44 54.66
N GLN C 714 -1.05 -39.44 55.15
CA GLN C 714 0.08 -38.99 54.33
C GLN C 714 0.24 -39.85 53.09
N SER C 715 -0.02 -41.15 53.20
CA SER C 715 0.09 -42.03 52.03
C SER C 715 -0.86 -41.65 50.91
N LYS C 716 -1.96 -40.96 51.23
CA LYS C 716 -2.85 -40.49 50.17
C LYS C 716 -2.18 -39.43 49.31
N PHE C 717 -1.49 -38.47 49.93
CA PHE C 717 -0.74 -37.48 49.15
C PHE C 717 0.47 -38.12 48.48
N GLU C 718 1.12 -39.07 49.14
CA GLU C 718 2.28 -39.72 48.54
C GLU C 718 1.89 -40.53 47.31
N LYS C 719 0.63 -40.99 47.23
CA LYS C 719 0.13 -41.73 46.09
C LYS C 719 -0.50 -40.85 45.03
N LYS C 720 -0.53 -39.53 45.23
CA LYS C 720 -1.14 -38.61 44.29
C LYS C 720 -0.18 -37.59 43.71
N PHE C 721 0.70 -37.02 44.53
CA PHE C 721 1.63 -35.99 44.08
C PHE C 721 3.04 -36.52 43.81
N GLY C 722 3.53 -37.43 44.65
CA GLY C 722 4.85 -37.98 44.47
C GLY C 722 5.46 -38.33 45.81
N GLN C 723 6.77 -38.57 45.80
CA GLN C 723 7.52 -38.96 46.98
C GLN C 723 8.36 -37.83 47.54
N SER C 724 8.06 -36.59 47.17
CA SER C 724 8.78 -35.42 47.66
C SER C 724 7.93 -34.73 48.73
N SER C 725 8.37 -34.84 49.98
CA SER C 725 7.59 -34.27 51.09
C SER C 725 7.54 -32.75 51.04
N VAL C 726 8.59 -32.11 50.51
CA VAL C 726 8.60 -30.66 50.44
C VAL C 726 7.51 -30.16 49.49
N PHE C 727 7.32 -30.86 48.37
CA PHE C 727 6.24 -30.51 47.45
C PHE C 727 4.87 -30.70 48.11
N ILE C 728 4.72 -31.77 48.90
CA ILE C 728 3.46 -31.99 49.61
C ILE C 728 3.19 -30.85 50.57
N ALA C 729 4.23 -30.40 51.29
CA ALA C 729 4.07 -29.27 52.20
C ALA C 729 3.71 -28.00 51.44
N SER C 730 4.34 -27.77 50.28
CA SER C 730 4.07 -26.57 49.51
C SER C 730 2.67 -26.57 48.92
N THR C 731 2.13 -27.75 48.61
CA THR C 731 0.79 -27.81 48.03
C THR C 731 -0.30 -27.36 48.98
N LEU C 732 -0.02 -27.29 50.28
CA LEU C 732 -1.02 -26.96 51.29
C LEU C 732 -1.09 -25.47 51.60
N LEU C 733 -0.34 -24.63 50.87
CA LEU C 733 -0.35 -23.19 51.11
C LEU C 733 -1.45 -22.57 50.25
N GLU C 734 -2.44 -21.98 50.91
CA GLU C 734 -3.58 -21.39 50.19
C GLU C 734 -3.18 -20.11 49.46
N ASP C 735 -2.45 -19.24 50.13
CA ASP C 735 -2.06 -17.95 49.57
C ASP C 735 -0.70 -17.98 48.89
N GLY C 736 -0.06 -19.15 48.79
CA GLY C 736 1.23 -19.25 48.17
C GLY C 736 2.37 -18.91 49.12
N GLY C 737 3.57 -18.91 48.56
CA GLY C 737 4.77 -18.63 49.33
C GLY C 737 5.43 -19.89 49.85
N VAL C 738 6.69 -19.75 50.22
CA VAL C 738 7.46 -20.89 50.73
C VAL C 738 6.96 -21.26 52.12
N PRO C 739 6.67 -22.54 52.38
CA PRO C 739 6.27 -22.94 53.73
C PRO C 739 7.38 -22.66 54.73
N LYS C 740 6.96 -22.32 55.96
CA LYS C 740 7.93 -21.97 57.00
C LYS C 740 8.75 -23.18 57.44
N ALA C 741 8.17 -24.38 57.38
CA ALA C 741 8.88 -25.58 57.80
C ALA C 741 10.04 -25.91 56.87
N ALA C 742 9.86 -25.66 55.56
CA ALA C 742 10.89 -26.01 54.60
C ALA C 742 12.14 -25.16 54.81
N SER C 743 13.30 -25.81 54.72
CA SER C 743 14.57 -25.12 54.88
C SER C 743 14.99 -24.48 53.57
N SER C 744 15.42 -23.22 53.63
CA SER C 744 15.82 -22.51 52.43
C SER C 744 17.10 -23.07 51.83
N ALA C 745 18.01 -23.58 52.66
CA ALA C 745 19.27 -24.11 52.14
C ALA C 745 19.04 -25.32 51.26
N THR C 746 18.16 -26.23 51.66
CA THR C 746 17.88 -27.44 50.90
C THR C 746 16.64 -27.23 50.03
N LEU C 747 16.81 -26.38 49.02
CA LEU C 747 15.75 -26.12 48.06
C LEU C 747 16.12 -26.50 46.63
N LEU C 748 17.39 -26.37 46.24
CA LEU C 748 17.80 -26.79 44.91
C LEU C 748 17.82 -28.32 44.78
N LYS C 749 18.14 -29.02 45.88
CA LYS C 749 18.17 -30.48 45.84
C LYS C 749 16.78 -31.03 45.53
N GLU C 750 15.75 -30.54 46.23
CA GLU C 750 14.40 -31.03 45.98
C GLU C 750 13.89 -30.56 44.62
N ALA C 751 14.29 -29.37 44.18
CA ALA C 751 13.89 -28.90 42.85
C ALA C 751 14.48 -29.78 41.76
N ILE C 752 15.72 -30.24 41.94
CA ILE C 752 16.31 -31.18 41.01
C ILE C 752 15.62 -32.54 41.12
N HIS C 753 15.25 -32.93 42.34
CA HIS C 753 14.61 -34.23 42.54
C HIS C 753 13.27 -34.32 41.83
N VAL C 754 12.47 -33.24 41.89
CA VAL C 754 11.13 -33.28 41.32
C VAL C 754 11.12 -33.30 39.80
N ILE C 755 12.26 -33.07 39.15
CA ILE C 755 12.36 -33.18 37.70
C ILE C 755 13.06 -34.46 37.27
N SER C 756 13.20 -35.43 38.16
CA SER C 756 13.77 -36.72 37.79
C SER C 756 12.84 -37.45 36.82
N CYS C 757 13.43 -38.28 35.97
CA CYS C 757 12.64 -39.00 34.97
C CYS C 757 11.68 -39.99 35.62
N GLY C 758 12.05 -40.57 36.75
CA GLY C 758 11.25 -41.54 37.44
C GLY C 758 10.34 -41.00 38.52
N TYR C 759 10.21 -39.69 38.64
CA TYR C 759 9.38 -39.11 39.69
C TYR C 759 7.91 -39.47 39.50
N GLU C 760 7.40 -39.38 38.27
CA GLU C 760 5.99 -39.63 37.98
C GLU C 760 5.73 -41.12 37.81
N ASP C 761 6.00 -41.87 38.87
CA ASP C 761 5.76 -43.30 38.91
C ASP C 761 4.79 -43.61 40.05
N LYS C 762 3.73 -44.36 39.73
CA LYS C 762 2.67 -44.70 40.68
C LYS C 762 2.01 -43.46 41.26
N THR C 763 2.00 -42.37 40.51
CA THR C 763 1.34 -41.14 40.88
C THR C 763 0.23 -40.81 39.89
N GLU C 764 -0.48 -39.72 40.16
CA GLU C 764 -1.59 -39.29 39.33
C GLU C 764 -1.22 -38.20 38.35
N TRP C 765 0.06 -37.89 38.22
CA TRP C 765 0.49 -36.83 37.30
C TRP C 765 0.22 -37.25 35.85
N GLY C 766 -0.46 -36.39 35.11
CA GLY C 766 -0.81 -36.69 33.74
C GLY C 766 -2.08 -37.50 33.56
N LYS C 767 -2.70 -37.95 34.65
CA LYS C 767 -3.95 -38.70 34.58
C LYS C 767 -5.10 -37.98 35.25
N GLU C 768 -4.91 -37.51 36.48
CA GLU C 768 -5.94 -36.77 37.21
C GLU C 768 -5.50 -35.39 37.67
N VAL C 769 -4.20 -35.11 37.69
CA VAL C 769 -3.69 -33.82 38.13
C VAL C 769 -2.73 -33.28 37.08
N GLY C 770 -2.61 -31.95 37.03
CA GLY C 770 -1.71 -31.33 36.08
C GLY C 770 -2.22 -31.43 34.66
N TRP C 771 -1.30 -31.21 33.72
CA TRP C 771 -1.62 -31.40 32.30
C TRP C 771 -1.83 -32.88 32.03
N ILE C 772 -2.86 -33.18 31.24
CA ILE C 772 -3.30 -34.55 31.01
C ILE C 772 -2.65 -35.09 29.74
N TYR C 773 -2.06 -36.28 29.84
CA TYR C 773 -1.44 -36.93 28.69
C TYR C 773 -2.52 -37.60 27.84
N GLY C 774 -2.10 -38.38 26.85
CA GLY C 774 -3.00 -39.17 26.05
C GLY C 774 -3.57 -38.48 24.83
N SER C 775 -3.29 -37.19 24.64
CA SER C 775 -3.82 -36.47 23.48
C SER C 775 -2.81 -35.43 23.04
N VAL C 776 -2.78 -35.17 21.72
CA VAL C 776 -1.91 -34.13 21.19
C VAL C 776 -2.34 -32.76 21.69
N THR C 777 -3.65 -32.49 21.70
CA THR C 777 -4.19 -31.23 22.21
C THR C 777 -4.55 -31.43 23.68
N GLU C 778 -3.50 -31.41 24.52
CA GLU C 778 -3.70 -31.63 25.95
C GLU C 778 -4.44 -30.49 26.62
N ASP C 779 -4.48 -29.31 25.99
CA ASP C 779 -5.18 -28.17 26.59
C ASP C 779 -6.67 -28.44 26.71
N ILE C 780 -7.28 -29.00 25.65
CA ILE C 780 -8.71 -29.30 25.69
C ILE C 780 -8.99 -30.33 26.78
N LEU C 781 -8.16 -31.36 26.88
CA LEU C 781 -8.37 -32.39 27.89
C LEU C 781 -8.22 -31.83 29.30
N THR C 782 -7.22 -30.98 29.52
CA THR C 782 -7.04 -30.37 30.83
C THR C 782 -8.24 -29.50 31.20
N GLY C 783 -8.71 -28.68 30.25
CA GLY C 783 -9.87 -27.85 30.53
C GLY C 783 -11.12 -28.66 30.81
N PHE C 784 -11.33 -29.73 30.04
CA PHE C 784 -12.50 -30.58 30.26
C PHE C 784 -12.44 -31.28 31.61
N LYS C 785 -11.24 -31.75 32.00
CA LYS C 785 -11.11 -32.41 33.29
C LYS C 785 -11.31 -31.42 34.44
N MET C 786 -10.87 -30.18 34.27
CA MET C 786 -11.16 -29.17 35.29
C MET C 786 -12.64 -28.86 35.37
N HIS C 787 -13.30 -28.74 34.21
CA HIS C 787 -14.71 -28.37 34.19
C HIS C 787 -15.60 -29.49 34.74
N CYS C 788 -15.21 -30.74 34.52
CA CYS C 788 -16.00 -31.85 35.05
C CYS C 788 -15.99 -31.91 36.57
N HIS C 789 -15.03 -31.24 37.21
CA HIS C 789 -14.98 -31.16 38.66
C HIS C 789 -15.95 -30.13 39.23
N GLY C 790 -16.56 -29.31 38.38
CA GLY C 790 -17.45 -28.26 38.83
C GLY C 790 -16.86 -26.86 38.84
N TRP C 791 -15.62 -26.70 38.38
CA TRP C 791 -14.99 -25.39 38.37
C TRP C 791 -15.58 -24.52 37.27
N ARG C 792 -15.37 -23.21 37.41
CA ARG C 792 -15.82 -22.23 36.44
C ARG C 792 -14.63 -21.46 35.87
N SER C 793 -14.81 -20.96 34.66
CA SER C 793 -13.76 -20.22 33.98
C SER C 793 -14.27 -18.85 33.56
N VAL C 794 -13.33 -17.92 33.40
CA VAL C 794 -13.62 -16.54 33.06
C VAL C 794 -12.89 -16.17 31.78
N TYR C 795 -13.60 -15.58 30.83
CA TYR C 795 -13.04 -15.12 29.56
C TYR C 795 -12.79 -13.62 29.69
N CYS C 796 -11.56 -13.25 30.03
CA CYS C 796 -11.19 -11.86 30.19
C CYS C 796 -10.78 -11.27 28.84
N MET C 797 -11.43 -10.17 28.46
CA MET C 797 -11.18 -9.50 27.19
C MET C 797 -10.80 -8.05 27.46
N PRO C 798 -9.52 -7.76 27.64
CA PRO C 798 -9.10 -6.37 27.89
C PRO C 798 -9.29 -5.50 26.66
N LYS C 799 -9.36 -4.19 26.92
CA LYS C 799 -9.46 -3.22 25.82
C LYS C 799 -8.23 -3.30 24.93
N ARG C 800 -7.04 -3.29 25.53
CA ARG C 800 -5.80 -3.55 24.82
C ARG C 800 -5.43 -5.02 24.97
N PRO C 801 -5.18 -5.75 23.88
CA PRO C 801 -4.92 -7.19 23.99
C PRO C 801 -3.75 -7.48 24.92
N ALA C 802 -3.92 -8.49 25.77
CA ALA C 802 -2.90 -8.81 26.75
C ALA C 802 -1.71 -9.51 26.12
N PHE C 803 -1.96 -10.43 25.19
CA PHE C 803 -0.90 -11.23 24.57
C PHE C 803 -1.01 -11.17 23.06
N LYS C 804 0.13 -11.14 22.39
CA LYS C 804 0.19 -11.16 20.94
C LYS C 804 1.29 -12.12 20.49
N GLY C 805 1.01 -12.85 19.42
CA GLY C 805 1.95 -13.81 18.90
C GLY C 805 2.21 -13.67 17.41
N SER C 806 2.70 -14.72 16.77
CA SER C 806 3.01 -14.71 15.35
C SER C 806 2.13 -15.70 14.62
N ALA C 807 1.51 -15.25 13.53
CA ALA C 807 0.64 -16.09 12.72
C ALA C 807 1.46 -16.92 11.74
N PRO C 808 0.94 -18.06 11.30
CA PRO C 808 1.64 -18.84 10.27
C PRO C 808 1.82 -18.05 8.99
N ILE C 809 2.96 -18.29 8.33
CA ILE C 809 3.31 -17.50 7.15
C ILE C 809 2.54 -17.97 5.93
N ASN C 810 2.74 -19.22 5.54
CA ASN C 810 2.12 -19.78 4.34
C ASN C 810 1.01 -20.75 4.70
N LEU C 811 0.40 -21.33 3.67
CA LEU C 811 -0.74 -22.22 3.88
C LEU C 811 -0.33 -23.56 4.44
N SER C 812 0.92 -23.98 4.21
CA SER C 812 1.36 -25.30 4.66
C SER C 812 1.33 -25.41 6.19
N ASP C 813 1.83 -24.39 6.88
CA ASP C 813 1.85 -24.43 8.35
C ASP C 813 0.43 -24.44 8.91
N ARG C 814 -0.46 -23.62 8.34
CA ARG C 814 -1.84 -23.60 8.81
C ARG C 814 -2.53 -24.93 8.57
N LEU C 815 -2.30 -25.54 7.40
CA LEU C 815 -2.88 -26.86 7.13
C LEU C 815 -2.35 -27.90 8.11
N HIS C 816 -1.05 -27.85 8.41
CA HIS C 816 -0.48 -28.81 9.34
C HIS C 816 -1.04 -28.62 10.75
N GLN C 817 -1.22 -27.37 11.19
CA GLN C 817 -1.77 -27.14 12.53
C GLN C 817 -3.23 -27.54 12.60
N VAL C 818 -3.99 -27.33 11.51
CA VAL C 818 -5.38 -27.79 11.48
C VAL C 818 -5.43 -29.31 11.54
N LEU C 819 -4.53 -29.98 10.82
CA LEU C 819 -4.45 -31.44 10.88
C LEU C 819 -4.11 -31.92 12.27
N ARG C 820 -3.18 -31.24 12.95
CA ARG C 820 -2.82 -31.61 14.31
C ARG C 820 -4.00 -31.45 15.26
N TRP C 821 -4.74 -30.34 15.13
CA TRP C 821 -5.93 -30.13 15.96
C TRP C 821 -6.97 -31.21 15.71
N ALA C 822 -7.22 -31.55 14.44
CA ALA C 822 -8.21 -32.58 14.13
C ALA C 822 -7.77 -33.95 14.64
N LEU C 823 -6.48 -34.26 14.53
CA LEU C 823 -5.97 -35.52 15.04
C LEU C 823 -6.12 -35.60 16.56
N GLY C 824 -5.83 -34.49 17.26
CA GLY C 824 -6.04 -34.47 18.70
C GLY C 824 -7.50 -34.65 19.07
N SER C 825 -8.40 -34.01 18.33
CA SER C 825 -9.82 -34.17 18.58
C SER C 825 -10.26 -35.61 18.36
N VAL C 826 -9.77 -36.24 17.30
CA VAL C 826 -10.12 -37.64 17.02
C VAL C 826 -9.58 -38.55 18.12
N GLU C 827 -8.34 -38.31 18.57
CA GLU C 827 -7.76 -39.11 19.64
C GLU C 827 -8.55 -38.97 20.94
N ILE C 828 -9.01 -37.75 21.25
CA ILE C 828 -9.87 -37.55 22.41
C ILE C 828 -11.18 -38.29 22.23
N PHE C 829 -11.73 -38.27 21.01
CA PHE C 829 -12.98 -38.96 20.75
C PHE C 829 -12.87 -40.46 20.97
N PHE C 830 -11.78 -41.06 20.52
CA PHE C 830 -11.60 -42.50 20.64
C PHE C 830 -11.05 -42.93 22.00
N SER C 831 -10.71 -41.99 22.87
CA SER C 831 -10.18 -42.33 24.19
C SER C 831 -11.35 -42.50 25.18
N ARG C 832 -11.03 -42.69 26.45
CA ARG C 832 -12.03 -42.84 27.49
C ARG C 832 -12.45 -41.51 28.10
N HIS C 833 -11.91 -40.39 27.60
CA HIS C 833 -12.24 -39.06 28.10
C HIS C 833 -13.26 -38.35 27.23
N CYS C 834 -13.98 -39.08 26.39
CA CYS C 834 -14.96 -38.46 25.50
C CYS C 834 -16.07 -37.83 26.32
N PRO C 835 -16.46 -36.59 26.02
CA PRO C 835 -17.53 -35.95 26.81
C PRO C 835 -18.87 -36.65 26.70
N ILE C 836 -19.07 -37.49 25.68
CA ILE C 836 -20.35 -38.17 25.51
C ILE C 836 -20.63 -39.11 26.68
N TRP C 837 -19.62 -39.86 27.12
CA TRP C 837 -19.81 -40.87 28.14
C TRP C 837 -18.86 -40.70 29.34
N TYR C 838 -18.36 -39.48 29.57
CA TYR C 838 -17.48 -39.22 30.70
C TYR C 838 -17.93 -37.95 31.41
N GLY C 839 -17.70 -37.91 32.71
CA GLY C 839 -18.04 -36.74 33.51
C GLY C 839 -19.44 -36.73 34.07
N TYR C 840 -20.14 -37.86 34.08
CA TYR C 840 -21.51 -37.93 34.58
C TYR C 840 -21.50 -37.93 36.11
N GLY C 841 -21.18 -36.76 36.66
CA GLY C 841 -21.18 -36.57 38.10
C GLY C 841 -22.12 -35.46 38.52
N GLY C 842 -22.58 -34.67 37.55
CA GLY C 842 -23.47 -33.55 37.79
C GLY C 842 -22.77 -32.20 37.81
N GLY C 843 -21.45 -32.19 37.99
CA GLY C 843 -20.73 -30.92 38.01
C GLY C 843 -20.73 -30.23 36.66
N LEU C 844 -20.58 -30.99 35.58
CA LEU C 844 -20.52 -30.41 34.24
C LEU C 844 -21.91 -30.01 33.77
N LYS C 845 -22.02 -28.80 33.25
CA LYS C 845 -23.30 -28.32 32.74
C LYS C 845 -23.65 -28.99 31.42
N SER C 846 -24.95 -29.06 31.12
CA SER C 846 -25.40 -29.72 29.90
C SER C 846 -24.93 -28.97 28.67
N LEU C 847 -25.04 -27.64 28.67
CA LEU C 847 -24.62 -26.87 27.50
C LEU C 847 -23.11 -26.94 27.31
N GLU C 848 -22.34 -26.94 28.41
CA GLU C 848 -20.90 -27.11 28.30
C GLU C 848 -20.55 -28.49 27.75
N ARG C 849 -21.30 -29.52 28.16
CA ARG C 849 -21.10 -30.85 27.61
C ARG C 849 -21.39 -30.87 26.11
N PHE C 850 -22.45 -30.19 25.68
CA PHE C 850 -22.74 -30.11 24.25
C PHE C 850 -21.63 -29.38 23.51
N SER C 851 -21.09 -28.32 24.10
CA SER C 851 -19.98 -27.60 23.48
C SER C 851 -18.75 -28.49 23.35
N TYR C 852 -18.43 -29.26 24.38
CA TYR C 852 -17.30 -30.17 24.30
C TYR C 852 -17.53 -31.26 23.26
N ILE C 853 -18.74 -31.79 23.18
CA ILE C 853 -19.07 -32.77 22.14
C ILE C 853 -18.90 -32.17 20.76
N ASN C 854 -19.33 -30.91 20.59
CA ASN C 854 -19.15 -30.24 19.31
C ASN C 854 -17.66 -30.08 18.98
N SER C 855 -16.87 -29.63 19.95
CA SER C 855 -15.45 -29.43 19.73
C SER C 855 -14.69 -30.73 19.48
N VAL C 856 -15.24 -31.86 19.93
CA VAL C 856 -14.62 -33.15 19.67
C VAL C 856 -15.09 -33.74 18.33
N VAL C 857 -16.35 -33.49 17.95
CA VAL C 857 -16.96 -34.14 16.80
C VAL C 857 -16.84 -33.31 15.53
N TYR C 858 -16.43 -32.04 15.63
CA TYR C 858 -16.37 -31.14 14.47
C TYR C 858 -15.60 -31.67 13.26
N PRO C 859 -14.44 -32.34 13.40
CA PRO C 859 -13.76 -32.84 12.19
C PRO C 859 -14.44 -34.04 11.54
N LEU C 860 -15.41 -34.65 12.21
CA LEU C 860 -16.16 -35.77 11.64
C LEU C 860 -17.00 -35.36 10.44
N THR C 861 -17.24 -34.06 10.24
CA THR C 861 -18.15 -33.58 9.20
C THR C 861 -17.48 -33.38 7.85
N SER C 862 -16.32 -34.00 7.60
CA SER C 862 -15.67 -33.83 6.30
C SER C 862 -16.38 -34.61 5.21
N ILE C 863 -16.85 -35.83 5.52
CA ILE C 863 -17.50 -36.65 4.50
C ILE C 863 -18.74 -35.99 3.92
N PRO C 864 -19.68 -35.45 4.72
CA PRO C 864 -20.80 -34.71 4.10
C PRO C 864 -20.33 -33.52 3.28
N LEU C 865 -19.29 -32.82 3.73
CA LEU C 865 -18.78 -31.68 2.99
C LEU C 865 -18.22 -32.10 1.64
N ILE C 866 -17.40 -33.16 1.63
CA ILE C 866 -16.81 -33.60 0.37
C ILE C 866 -17.87 -34.17 -0.56
N ALA C 867 -18.89 -34.84 0.00
CA ALA C 867 -19.97 -35.36 -0.83
C ALA C 867 -20.78 -34.22 -1.45
N TYR C 868 -21.08 -33.19 -0.66
CA TYR C 868 -21.83 -32.05 -1.19
C TYR C 868 -21.01 -31.29 -2.23
N CYS C 869 -19.70 -31.22 -2.04
CA CYS C 869 -18.85 -30.56 -3.03
C CYS C 869 -18.74 -31.36 -4.32
N ALA C 870 -18.74 -32.69 -4.23
CA ALA C 870 -18.64 -33.51 -5.43
C ALA C 870 -19.99 -33.74 -6.11
N LEU C 871 -21.10 -33.45 -5.43
CA LEU C 871 -22.42 -33.63 -6.04
C LEU C 871 -22.63 -32.83 -7.31
N PRO C 872 -22.34 -31.52 -7.38
CA PRO C 872 -22.60 -30.79 -8.63
C PRO C 872 -21.83 -31.33 -9.83
N ALA C 873 -20.61 -31.81 -9.61
CA ALA C 873 -19.83 -32.37 -10.71
C ALA C 873 -20.48 -33.64 -11.25
N VAL C 874 -20.95 -34.51 -10.35
CA VAL C 874 -21.65 -35.72 -10.78
C VAL C 874 -22.94 -35.36 -11.51
N CYS C 875 -23.66 -34.35 -11.00
CA CYS C 875 -24.89 -33.93 -11.65
C CYS C 875 -24.63 -33.40 -13.05
N LEU C 876 -23.55 -32.64 -13.24
CA LEU C 876 -23.24 -32.10 -14.55
C LEU C 876 -22.73 -33.18 -15.50
N LEU C 877 -21.98 -34.16 -14.99
CA LEU C 877 -21.46 -35.22 -15.83
C LEU C 877 -22.46 -36.34 -16.09
N THR C 878 -23.59 -36.35 -15.39
CA THR C 878 -24.61 -37.37 -15.58
C THR C 878 -25.95 -36.81 -16.03
N GLY C 879 -26.22 -35.53 -15.79
CA GLY C 879 -27.49 -34.95 -16.18
C GLY C 879 -28.63 -35.13 -15.22
N LYS C 880 -28.35 -35.57 -14.00
CA LYS C 880 -29.38 -35.80 -12.98
C LYS C 880 -29.40 -34.64 -11.99
N PHE C 881 -30.57 -34.42 -11.39
CA PHE C 881 -30.76 -33.36 -10.42
C PHE C 881 -31.37 -33.92 -9.14
N ILE C 882 -30.97 -33.36 -8.01
CA ILE C 882 -31.45 -33.85 -6.72
C ILE C 882 -32.87 -33.40 -6.41
N VAL C 883 -33.39 -32.43 -7.14
CA VAL C 883 -34.75 -31.93 -6.96
C VAL C 883 -35.65 -32.59 -8.00
N PRO C 884 -36.78 -33.19 -7.62
CA PRO C 884 -37.66 -33.83 -8.61
C PRO C 884 -38.15 -32.86 -9.67
N GLU C 885 -38.78 -31.77 -9.23
CA GLU C 885 -39.29 -30.76 -10.15
C GLU C 885 -39.41 -29.44 -9.41
N ILE C 886 -38.97 -28.37 -10.05
CA ILE C 886 -39.03 -27.05 -9.44
C ILE C 886 -40.48 -26.62 -9.33
N SER C 887 -40.94 -26.39 -8.10
CA SER C 887 -42.32 -25.99 -7.84
C SER C 887 -42.32 -24.72 -7.00
N ASN C 888 -43.49 -24.07 -6.96
CA ASN C 888 -43.62 -22.84 -6.18
C ASN C 888 -43.39 -23.08 -4.70
N TYR C 889 -43.94 -24.18 -4.17
CA TYR C 889 -43.77 -24.50 -2.75
C TYR C 889 -42.31 -24.78 -2.41
N ALA C 890 -41.64 -25.59 -3.24
CA ALA C 890 -40.23 -25.90 -3.01
C ALA C 890 -39.36 -24.65 -3.13
N SER C 891 -39.64 -23.81 -4.14
CA SER C 891 -38.87 -22.58 -4.30
C SER C 891 -39.08 -21.65 -3.11
N ILE C 892 -40.32 -21.57 -2.61
CA ILE C 892 -40.60 -20.73 -1.44
C ILE C 892 -39.84 -21.25 -0.23
N ILE C 893 -39.82 -22.57 -0.03
CA ILE C 893 -39.10 -23.14 1.11
C ILE C 893 -37.60 -22.84 0.99
N PHE C 894 -37.04 -23.03 -0.19
CA PHE C 894 -35.61 -22.78 -0.39
C PHE C 894 -35.27 -21.32 -0.16
N MET C 895 -36.09 -20.40 -0.69
CA MET C 895 -35.83 -18.98 -0.52
C MET C 895 -35.95 -18.58 0.95
N ALA C 896 -36.94 -19.13 1.66
CA ALA C 896 -37.08 -18.84 3.08
C ALA C 896 -35.87 -19.34 3.85
N LEU C 897 -35.38 -20.54 3.53
CA LEU C 897 -34.21 -21.06 4.22
C LEU C 897 -32.99 -20.18 3.99
N PHE C 898 -32.76 -19.80 2.73
CA PHE C 898 -31.60 -18.96 2.42
C PHE C 898 -31.71 -17.60 3.10
N ILE C 899 -32.92 -17.01 3.10
CA ILE C 899 -33.11 -15.70 3.72
C ILE C 899 -32.87 -15.78 5.22
N SER C 900 -33.38 -16.83 5.87
CA SER C 900 -33.17 -16.96 7.31
C SER C 900 -31.71 -17.18 7.64
N ILE C 901 -31.00 -17.98 6.86
CA ILE C 901 -29.57 -18.18 7.09
C ILE C 901 -28.82 -16.86 6.95
N ALA C 902 -29.14 -16.10 5.89
CA ALA C 902 -28.47 -14.82 5.68
C ALA C 902 -28.76 -13.85 6.81
N ALA C 903 -30.01 -13.78 7.27
CA ALA C 903 -30.37 -12.87 8.35
C ALA C 903 -29.68 -13.27 9.65
N THR C 904 -29.64 -14.57 9.94
CA THR C 904 -28.96 -15.04 11.14
C THR C 904 -27.49 -14.65 11.10
N GLY C 905 -26.84 -14.82 9.95
CA GLY C 905 -25.47 -14.36 9.82
C GLY C 905 -25.34 -12.87 10.00
N ILE C 906 -26.28 -12.10 9.44
CA ILE C 906 -26.19 -10.64 9.49
C ILE C 906 -26.24 -10.14 10.94
N LEU C 907 -27.22 -10.60 11.71
CA LEU C 907 -27.21 -10.16 13.09
C LEU C 907 -26.19 -10.89 13.97
N GLU C 908 -25.63 -12.01 13.50
CA GLU C 908 -24.43 -12.52 14.15
C GLU C 908 -23.30 -11.51 14.05
N MET C 909 -23.10 -10.94 12.86
CA MET C 909 -22.13 -9.84 12.73
C MET C 909 -22.53 -8.65 13.60
N GLN C 910 -23.83 -8.33 13.62
CA GLN C 910 -24.29 -7.15 14.34
C GLN C 910 -23.97 -7.26 15.84
N TRP C 911 -24.32 -8.39 16.46
CA TRP C 911 -24.07 -8.53 17.89
C TRP C 911 -22.61 -8.85 18.19
N GLY C 912 -21.92 -9.56 17.29
CA GLY C 912 -20.53 -9.90 17.53
C GLY C 912 -19.52 -8.86 17.10
N GLY C 913 -19.92 -7.87 16.33
CA GLY C 913 -19.00 -6.85 15.86
C GLY C 913 -17.91 -7.38 14.95
N VAL C 914 -18.28 -8.23 13.99
CA VAL C 914 -17.33 -8.87 13.08
C VAL C 914 -17.64 -8.40 11.67
N GLY C 915 -16.60 -8.00 10.93
CA GLY C 915 -16.79 -7.54 9.57
C GLY C 915 -17.13 -8.69 8.63
N ILE C 916 -17.75 -8.32 7.50
CA ILE C 916 -18.21 -9.31 6.54
C ILE C 916 -17.03 -10.11 5.97
N HIS C 917 -15.92 -9.42 5.69
CA HIS C 917 -14.79 -10.08 5.06
C HIS C 917 -14.19 -11.15 5.97
N ASP C 918 -14.12 -10.88 7.27
CA ASP C 918 -13.56 -11.85 8.21
C ASP C 918 -14.39 -13.13 8.23
N TRP C 919 -15.72 -13.00 8.27
CA TRP C 919 -16.57 -14.18 8.24
C TRP C 919 -16.50 -14.87 6.88
N TRP C 920 -16.29 -14.11 5.80
CA TRP C 920 -16.13 -14.74 4.50
C TRP C 920 -14.88 -15.62 4.47
N ARG C 921 -13.75 -15.10 4.97
CA ARG C 921 -12.54 -15.91 5.07
C ARG C 921 -12.75 -17.08 6.01
N ASN C 922 -13.54 -16.89 7.08
CA ASN C 922 -13.81 -17.98 8.00
C ASN C 922 -14.56 -19.11 7.31
N GLU C 923 -15.59 -18.79 6.54
CA GLU C 923 -16.35 -19.81 5.81
C GLU C 923 -15.47 -20.48 4.76
N GLN C 924 -14.65 -19.69 4.07
CA GLN C 924 -13.75 -20.20 3.04
C GLN C 924 -12.79 -21.21 3.63
N PHE C 925 -12.21 -20.88 4.79
CA PHE C 925 -11.29 -21.78 5.45
C PHE C 925 -12.03 -22.97 6.06
N TRP C 926 -13.28 -22.79 6.48
CA TRP C 926 -14.07 -23.91 6.96
C TRP C 926 -14.16 -24.96 5.87
N VAL C 927 -14.57 -24.54 4.68
CA VAL C 927 -14.64 -25.46 3.54
C VAL C 927 -13.29 -26.05 3.18
N ILE C 928 -12.24 -25.21 3.09
CA ILE C 928 -10.93 -25.70 2.70
C ILE C 928 -10.40 -26.73 3.70
N GLY C 929 -10.49 -26.43 5.00
CA GLY C 929 -10.02 -27.36 6.00
C GLY C 929 -10.81 -28.64 6.03
N GLY C 930 -12.15 -28.55 5.95
CA GLY C 930 -12.96 -29.75 5.91
C GLY C 930 -12.63 -30.63 4.72
N ALA C 931 -12.33 -30.02 3.57
CA ALA C 931 -11.97 -30.80 2.41
C ALA C 931 -10.56 -31.38 2.49
N SER C 932 -9.63 -30.69 3.13
CA SER C 932 -8.21 -31.05 3.07
C SER C 932 -7.73 -31.83 4.29
N SER C 933 -7.85 -31.26 5.49
CA SER C 933 -7.18 -31.81 6.66
C SER C 933 -8.06 -32.75 7.47
N HIS C 934 -9.34 -32.42 7.61
CA HIS C 934 -10.23 -33.27 8.40
C HIS C 934 -10.37 -34.66 7.77
N LEU C 935 -10.40 -34.72 6.43
CA LEU C 935 -10.53 -36.02 5.76
C LEU C 935 -9.35 -36.91 6.08
N PHE C 936 -8.12 -36.37 6.04
CA PHE C 936 -6.96 -37.16 6.42
C PHE C 936 -6.96 -37.48 7.91
N ALA C 937 -7.53 -36.60 8.74
CA ALA C 937 -7.65 -36.91 10.16
C ALA C 937 -8.50 -38.14 10.37
N LEU C 938 -9.68 -38.20 9.71
CA LEU C 938 -10.50 -39.41 9.82
C LEU C 938 -9.85 -40.61 9.16
N PHE C 939 -9.10 -40.41 8.07
CA PHE C 939 -8.40 -41.54 7.46
C PHE C 939 -7.40 -42.15 8.44
N GLN C 940 -6.62 -41.31 9.11
CA GLN C 940 -5.68 -41.81 10.10
C GLN C 940 -6.39 -42.44 11.29
N GLY C 941 -7.52 -41.85 11.72
CA GLY C 941 -8.25 -42.44 12.82
C GLY C 941 -8.80 -43.82 12.48
N LEU C 942 -9.37 -43.97 11.29
CA LEU C 942 -9.88 -45.27 10.86
C LEU C 942 -8.75 -46.28 10.68
N LEU C 943 -7.59 -45.82 10.18
CA LEU C 943 -6.44 -46.71 10.07
C LEU C 943 -5.98 -47.19 11.44
N LYS C 944 -5.96 -46.28 12.42
CA LYS C 944 -5.60 -46.68 13.78
C LYS C 944 -6.63 -47.64 14.38
N VAL C 945 -7.90 -47.43 14.08
CA VAL C 945 -8.94 -48.31 14.60
C VAL C 945 -8.82 -49.70 14.01
N LEU C 946 -8.64 -49.80 12.70
CA LEU C 946 -8.64 -51.07 12.01
C LEU C 946 -7.25 -51.66 11.78
N ALA C 947 -6.19 -50.93 12.11
CA ALA C 947 -4.83 -51.38 11.87
C ALA C 947 -3.89 -50.58 12.76
N GLY C 948 -2.59 -50.68 12.49
CA GLY C 948 -1.60 -49.95 13.26
C GLY C 948 -0.62 -49.18 12.39
N VAL C 949 -1.11 -48.63 11.28
CA VAL C 949 -0.28 -47.89 10.34
C VAL C 949 -0.45 -46.40 10.59
N ASN C 950 0.57 -45.63 10.22
CA ASN C 950 0.56 -44.18 10.40
C ASN C 950 1.49 -43.56 9.38
N THR C 951 1.32 -42.25 9.18
CA THR C 951 2.15 -41.50 8.24
C THR C 951 3.56 -41.31 8.82
N LYS C 972 6.70 -29.57 2.37
CA LYS C 972 5.28 -29.73 2.67
C LYS C 972 4.82 -31.16 2.45
N TRP C 973 3.83 -31.59 3.23
CA TRP C 973 3.24 -32.92 3.07
C TRP C 973 2.36 -32.89 1.82
N THR C 974 2.89 -33.37 0.70
CA THR C 974 2.22 -33.23 -0.58
C THR C 974 1.15 -34.31 -0.78
N SER C 975 0.26 -34.47 0.19
CA SER C 975 -0.87 -35.38 0.03
C SER C 975 -2.17 -34.69 0.43
N LEU C 976 -2.07 -33.72 1.34
CA LEU C 976 -3.26 -33.04 1.84
C LEU C 976 -3.94 -32.22 0.76
N LEU C 977 -3.17 -31.68 -0.18
CA LEU C 977 -3.74 -30.87 -1.25
C LEU C 977 -4.32 -31.70 -2.38
N ILE C 978 -4.14 -33.02 -2.36
CA ILE C 978 -4.70 -33.86 -3.42
C ILE C 978 -6.22 -33.81 -3.47
N PRO C 979 -6.96 -33.99 -2.37
CA PRO C 979 -8.43 -33.97 -2.45
C PRO C 979 -8.97 -32.64 -2.95
N PRO C 980 -8.57 -31.50 -2.38
CA PRO C 980 -9.19 -30.24 -2.83
C PRO C 980 -8.89 -29.91 -4.29
N LEU C 981 -7.65 -30.06 -4.73
CA LEU C 981 -7.31 -29.77 -6.13
C LEU C 981 -8.04 -30.73 -7.08
N THR C 982 -8.07 -32.01 -6.74
CA THR C 982 -8.77 -32.98 -7.57
C THR C 982 -10.25 -32.62 -7.68
N LEU C 983 -10.88 -32.28 -6.54
CA LEU C 983 -12.29 -31.93 -6.56
C LEU C 983 -12.54 -30.65 -7.36
N LEU C 984 -11.64 -29.67 -7.24
CA LEU C 984 -11.79 -28.43 -7.98
C LEU C 984 -11.72 -28.67 -9.48
N ILE C 985 -10.72 -29.44 -9.93
CA ILE C 985 -10.60 -29.69 -11.36
C ILE C 985 -11.72 -30.60 -11.85
N ILE C 986 -12.25 -31.48 -11.00
CA ILE C 986 -13.43 -32.26 -11.36
C ILE C 986 -14.63 -31.34 -11.57
N ASN C 987 -14.82 -30.36 -10.69
CA ASN C 987 -15.92 -29.41 -10.87
C ASN C 987 -15.74 -28.60 -12.15
N ILE C 988 -14.52 -28.18 -12.45
CA ILE C 988 -14.27 -27.40 -13.66
C ILE C 988 -14.59 -28.25 -14.90
N ILE C 989 -14.11 -29.49 -14.92
CA ILE C 989 -14.36 -30.37 -16.05
C ILE C 989 -15.85 -30.65 -16.20
N GLY C 990 -16.53 -30.89 -15.08
CA GLY C 990 -17.97 -31.11 -15.15
C GLY C 990 -18.73 -29.90 -15.66
N VAL C 991 -18.32 -28.71 -15.24
CA VAL C 991 -18.95 -27.49 -15.73
C VAL C 991 -18.78 -27.37 -17.23
N ILE C 992 -17.56 -27.61 -17.72
CA ILE C 992 -17.29 -27.51 -19.15
C ILE C 992 -18.12 -28.54 -19.92
N VAL C 993 -18.15 -29.78 -19.43
CA VAL C 993 -18.88 -30.83 -20.11
C VAL C 993 -20.38 -30.55 -20.13
N GLY C 994 -20.93 -30.09 -19.00
CA GLY C 994 -22.34 -29.76 -18.96
C GLY C 994 -22.70 -28.60 -19.88
N VAL C 995 -21.84 -27.58 -19.92
CA VAL C 995 -22.10 -26.45 -20.82
C VAL C 995 -22.07 -26.92 -22.27
N SER C 996 -21.10 -27.78 -22.62
CA SER C 996 -21.04 -28.29 -23.99
C SER C 996 -22.26 -29.15 -24.32
N ASP C 997 -22.69 -29.99 -23.38
CA ASP C 997 -23.76 -30.94 -23.68
C ASP C 997 -25.12 -30.26 -23.74
N ALA C 998 -25.42 -29.39 -22.78
CA ALA C 998 -26.77 -28.86 -22.62
C ALA C 998 -26.98 -27.50 -23.29
N ILE C 999 -25.95 -26.93 -23.90
CA ILE C 999 -26.09 -25.63 -24.55
C ILE C 999 -25.63 -25.72 -26.00
N ASN C 1000 -24.38 -26.18 -26.20
CA ASN C 1000 -23.83 -26.22 -27.55
C ASN C 1000 -24.57 -27.23 -28.42
N ASN C 1001 -24.84 -28.42 -27.89
CA ASN C 1001 -25.50 -29.48 -28.65
C ASN C 1001 -27.01 -29.51 -28.42
N GLY C 1002 -27.43 -29.68 -27.17
CA GLY C 1002 -28.84 -29.78 -26.86
C GLY C 1002 -29.61 -28.49 -27.03
N TYR C 1003 -29.30 -27.50 -26.19
CA TYR C 1003 -29.99 -26.20 -26.17
C TYR C 1003 -31.47 -26.49 -25.92
N ASP C 1004 -32.39 -25.89 -26.69
CA ASP C 1004 -33.83 -26.09 -26.51
C ASP C 1004 -34.25 -25.79 -25.07
N SER C 1005 -34.67 -26.82 -24.34
CA SER C 1005 -35.06 -26.69 -22.94
C SER C 1005 -33.92 -27.26 -22.10
N TRP C 1006 -32.94 -26.40 -21.79
CA TRP C 1006 -31.81 -26.85 -20.98
C TRP C 1006 -32.25 -27.24 -19.57
N GLY C 1007 -33.18 -26.49 -18.99
CA GLY C 1007 -33.79 -26.86 -17.74
C GLY C 1007 -33.13 -26.22 -16.53
N PRO C 1008 -32.78 -27.04 -15.53
CA PRO C 1008 -32.22 -26.52 -14.29
C PRO C 1008 -30.73 -26.22 -14.34
N LEU C 1009 -30.13 -26.15 -15.53
CA LEU C 1009 -28.69 -25.93 -15.62
C LEU C 1009 -28.27 -24.65 -14.93
N PHE C 1010 -29.13 -23.62 -14.93
CA PHE C 1010 -28.81 -22.38 -14.24
C PHE C 1010 -28.49 -22.62 -12.77
N GLY C 1011 -29.25 -23.51 -12.12
CA GLY C 1011 -28.88 -23.92 -10.79
C GLY C 1011 -27.67 -24.83 -10.77
N ARG C 1012 -27.61 -25.77 -11.72
CA ARG C 1012 -26.57 -26.80 -11.70
C ARG C 1012 -25.18 -26.18 -11.80
N LEU C 1013 -25.01 -25.20 -12.68
CA LEU C 1013 -23.75 -24.46 -12.71
C LEU C 1013 -23.57 -23.63 -11.44
N PHE C 1014 -24.63 -22.98 -10.98
CA PHE C 1014 -24.51 -22.05 -9.85
C PHE C 1014 -23.99 -22.77 -8.62
N PHE C 1015 -24.57 -23.93 -8.29
CA PHE C 1015 -24.06 -24.74 -7.20
C PHE C 1015 -22.57 -25.01 -7.35
N ALA C 1016 -22.16 -25.42 -8.56
CA ALA C 1016 -20.75 -25.65 -8.80
C ALA C 1016 -19.93 -24.39 -8.55
N LEU C 1017 -20.45 -23.24 -8.98
CA LEU C 1017 -19.79 -21.98 -8.69
C LEU C 1017 -19.51 -21.84 -7.21
N TRP C 1018 -20.52 -22.14 -6.37
CA TRP C 1018 -20.33 -22.10 -4.92
C TRP C 1018 -19.07 -22.85 -4.53
N VAL C 1019 -18.93 -24.09 -5.01
CA VAL C 1019 -17.76 -24.90 -4.67
C VAL C 1019 -16.50 -24.19 -5.14
N ILE C 1020 -16.47 -23.77 -6.40
CA ILE C 1020 -15.25 -23.15 -6.92
C ILE C 1020 -15.04 -21.79 -6.26
N VAL C 1021 -16.11 -21.21 -5.71
CA VAL C 1021 -15.95 -19.97 -4.95
C VAL C 1021 -15.28 -20.25 -3.62
N HIS C 1022 -15.62 -21.38 -2.99
CA HIS C 1022 -15.09 -21.67 -1.66
C HIS C 1022 -13.68 -22.22 -1.73
N LEU C 1023 -13.36 -22.98 -2.77
CA LEU C 1023 -12.02 -23.54 -2.96
C LEU C 1023 -11.16 -22.71 -3.88
N TYR C 1024 -11.53 -21.45 -4.11
CA TYR C 1024 -10.74 -20.58 -4.97
C TYR C 1024 -9.28 -20.39 -4.53
N PRO C 1025 -8.95 -20.27 -3.25
CA PRO C 1025 -7.53 -20.05 -2.88
C PRO C 1025 -6.59 -21.13 -3.38
N PHE C 1026 -7.03 -22.39 -3.45
CA PHE C 1026 -6.17 -23.45 -3.96
C PHE C 1026 -5.81 -23.19 -5.42
N LEU C 1027 -6.81 -22.83 -6.23
CA LEU C 1027 -6.55 -22.51 -7.63
C LEU C 1027 -5.67 -21.28 -7.75
N LYS C 1028 -5.91 -20.26 -6.92
CA LYS C 1028 -5.10 -19.05 -6.95
C LYS C 1028 -3.65 -19.35 -6.63
N GLY C 1029 -3.41 -20.19 -5.61
CA GLY C 1029 -2.04 -20.57 -5.28
C GLY C 1029 -1.38 -21.39 -6.36
N VAL C 1030 -2.11 -22.35 -6.93
CA VAL C 1030 -1.53 -23.21 -7.97
C VAL C 1030 -1.16 -22.39 -9.19
N MET C 1031 -2.06 -21.50 -9.63
CA MET C 1031 -1.82 -20.73 -10.84
C MET C 1031 -1.08 -19.42 -10.60
N GLY C 1032 -1.09 -18.91 -9.37
CA GLY C 1032 -0.50 -17.62 -9.07
C GLY C 1032 0.96 -17.71 -8.66
N LYS C 1033 1.41 -16.65 -7.98
CA LYS C 1033 2.78 -16.52 -7.52
C LYS C 1033 2.86 -16.86 -6.03
N GLN C 1034 4.05 -16.65 -5.45
CA GLN C 1034 4.34 -16.87 -4.02
C GLN C 1034 3.81 -18.21 -3.53
N GLU C 1035 3.72 -19.19 -4.42
CA GLU C 1035 3.25 -20.52 -4.09
C GLU C 1035 3.94 -21.51 -5.03
N GLY C 1036 3.41 -22.72 -5.11
CA GLY C 1036 3.95 -23.74 -5.99
C GLY C 1036 3.86 -25.12 -5.37
N VAL C 1037 3.64 -26.13 -6.20
CA VAL C 1037 3.54 -27.51 -5.75
C VAL C 1037 4.40 -28.38 -6.68
N PRO C 1038 4.93 -29.50 -6.21
CA PRO C 1038 5.71 -30.37 -7.09
C PRO C 1038 4.84 -30.99 -8.18
N THR C 1039 5.51 -31.50 -9.21
CA THR C 1039 4.79 -32.13 -10.31
C THR C 1039 4.13 -33.44 -9.90
N ILE C 1040 4.62 -34.10 -8.86
CA ILE C 1040 4.08 -35.40 -8.47
C ILE C 1040 2.65 -35.28 -7.98
N ILE C 1041 2.38 -34.29 -7.13
CA ILE C 1041 1.02 -34.13 -6.59
C ILE C 1041 0.06 -33.71 -7.68
N LEU C 1042 0.49 -32.82 -8.58
CA LEU C 1042 -0.37 -32.42 -9.69
C LEU C 1042 -0.67 -33.60 -10.61
N VAL C 1043 0.33 -34.44 -10.88
CA VAL C 1043 0.12 -35.62 -11.73
C VAL C 1043 -0.85 -36.58 -11.05
N TRP C 1044 -0.69 -36.80 -9.75
CA TRP C 1044 -1.60 -37.67 -9.02
C TRP C 1044 -3.02 -37.14 -9.06
N ALA C 1045 -3.20 -35.83 -8.85
CA ALA C 1045 -4.53 -35.23 -8.87
C ALA C 1045 -5.16 -35.36 -10.26
N ILE C 1046 -4.38 -35.10 -11.31
CA ILE C 1046 -4.91 -35.19 -12.66
C ILE C 1046 -5.31 -36.63 -12.99
N LEU C 1047 -4.47 -37.59 -12.60
CA LEU C 1047 -4.79 -38.99 -12.87
C LEU C 1047 -6.04 -39.42 -12.13
N LEU C 1048 -6.16 -39.05 -10.85
CA LEU C 1048 -7.36 -39.40 -10.08
C LEU C 1048 -8.60 -38.75 -10.67
N SER C 1049 -8.49 -37.49 -11.09
CA SER C 1049 -9.63 -36.81 -11.69
C SER C 1049 -10.05 -37.47 -12.99
N SER C 1050 -9.09 -37.84 -13.83
CA SER C 1050 -9.41 -38.50 -15.09
C SER C 1050 -10.07 -39.86 -14.84
N ILE C 1051 -9.55 -40.61 -13.87
CA ILE C 1051 -10.14 -41.91 -13.55
C ILE C 1051 -11.57 -41.76 -13.06
N LEU C 1052 -11.79 -40.79 -12.16
CA LEU C 1052 -13.14 -40.57 -11.64
C LEU C 1052 -14.10 -40.13 -12.74
N THR C 1053 -13.66 -39.22 -13.63
CA THR C 1053 -14.51 -38.77 -14.72
C THR C 1053 -14.85 -39.91 -15.66
N LEU C 1054 -13.86 -40.75 -16.00
CA LEU C 1054 -14.13 -41.87 -16.89
C LEU C 1054 -15.08 -42.87 -16.26
N LEU C 1055 -14.91 -43.15 -14.96
CA LEU C 1055 -15.82 -44.06 -14.29
C LEU C 1055 -17.23 -43.51 -14.22
N TRP C 1056 -17.38 -42.21 -13.95
CA TRP C 1056 -18.70 -41.60 -13.90
C TRP C 1056 -19.37 -41.61 -15.27
N VAL C 1057 -18.60 -41.32 -16.34
CA VAL C 1057 -19.16 -41.33 -17.68
C VAL C 1057 -19.58 -42.74 -18.08
N ARG C 1058 -18.74 -43.74 -17.78
CA ARG C 1058 -19.07 -45.11 -18.15
C ARG C 1058 -20.31 -45.60 -17.40
N ILE C 1059 -20.42 -45.29 -16.12
CA ILE C 1059 -21.57 -45.71 -15.32
C ILE C 1059 -22.59 -44.57 -15.25
#